data_7DSI
#
_entry.id   7DSI
#
_cell.length_a   1.00
_cell.length_b   1.00
_cell.length_c   1.00
_cell.angle_alpha   90.00
_cell.angle_beta   90.00
_cell.angle_gamma   90.00
#
_symmetry.space_group_name_H-M   'P 1'
#
loop_
_entity.id
_entity.type
_entity.pdbx_description
1 polymer 'Phospholipid-transporting ATPase DNF1'
2 polymer 'Alkylphosphocholine resistance protein LEM3'
3 branched 2-acetamido-2-deoxy-beta-D-glucopyranose-(1-4)-2-acetamido-2-deoxy-beta-D-glucopyranose
4 branched beta-D-mannopyranose-(1-4)-2-acetamido-2-deoxy-beta-D-glucopyranose-(1-4)-2-acetamido-2-deoxy-beta-D-glucopyranose
5 branched 2-acetamido-2-deoxy-beta-D-glucopyranose-(1-6)-2-acetamido-2-deoxy-beta-D-glucopyranose
6 non-polymer 'PHOSPHOMETHYLPHOSPHONIC ACID ADENYLATE ESTER'
7 non-polymer 'MAGNESIUM ION'
#
loop_
_entity_poly.entity_id
_entity_poly.type
_entity_poly.pdbx_seq_one_letter_code
_entity_poly.pdbx_strand_id
1 'polypeptide(L)'
;MSGTFHGDGHAPMSPFEDTFQFEDNSSNEDTHIAPTHFDDGATSNKYSRPQVSFNDETPKNKREDAEEFTFNDDTEYDNH
SFQPTPKLNNGSGTFDDVELDNDSGEPHTNYDGMKRFRMGTKRNKKGNPIMGRSKTLKWARKNIPNPFEDFTKDDIDPGA
INRAQELRTVYYNMPLPKDMIDEEGNPIMQYPRNKIRTTKYTPLTFLPKNILFQFHNFANVYFLVLIILGAFQIFGVTNP
GLSAVPLVVIVIITAIKDAIEDSRRTVLDLEVNNTKTHILEGVENENVSTDNISLWRRFKKANSRLLFKFIQYCKEHLTE
EGKKKRMQRKRHELRVQKTVGTSGPRSSLDSIDSYRVSADYGRPSLDYDNLEQGAGEANIVDRSLPPRTDCKFAKNYWKG
VKVGDIVRIHNNDEIPADIILLSTSDTDGACYVETKNLDGETNLKVRQSLKCTNTIRTSKDIARTKFWIESEGPHSNLYT
YQGNMKWRNLADGEIRNEPITINNVLLRGCTLRNTKWAMGVVMFTGGDTKIMLNSGITPTKKSRISRELNFSVVINFVLL
FILCFVSGIANGVYYDKKGRSRFSYEFGTIAGSAATNGFVSFWVAVILYQSLVPISLYISVEIIKTAQAAFIYGDVLLYN
AKLDYPCTPKSWNISDDLGQVEYIFSDKTGTLTQNVMEFKKCTINGVSYGRAYTEALAGLRKRQGIDVETEGRREKAEIA
KDRDTMIDELRALSGNSQFYPEEVTFVSKEFVRDLKGASGEVQQRCCEHFMLALALCHSVLVEANPDNPKKLDLKAQSPD
EAALVATARDVGFSFVGKTKKGLIIEMQGIQKEFEILNILEFNSSRKRMSCIVKIPGLNPGDEPRALLICKGADSIIYSR
LSRQSGSNSEAILEKTALHLEQYATEGLRTLCIAQRELSWSEYEKWNEKYDIAAASLANREDELEVVADSIERELILLGG
TAIEDRLQDGVPDCIELLAEAGIKLWVLTGDKVETAINIGFSCNLLNNEMELLVIKTTGDDVKEFGSEPSEIVDALLSKY
LKEYFNLTGSEEEIFEAKKDHEFPKGNYAIVIDGDALKLALYGEDIRRKFLLLCKNCRAVLCCRVSPSQKAAVVKLVKDS
LDVMTLAIGDGSNDVAMIQSADVGIGIAGEEGRQAVMCSDYAIGQFRYLARLVLVHGRWSYKRLAEMIPEFFYKNMIFAL
ALFWYGIYNDFDGSYLYEYTYMMFYNLAFTSLPVIFLGILDQDVNDTISLVVPQLYRVGILRKEWNQRKFLWYMLDGLYQ
SIICFFFPYLVYHKNMIVTSNGLGLDHRYFVGVYVTTIAVISCNTYVLLHQYRWDWFSGLFIALSCLVVFAWTGIWSSAI
ASREFFKAAARIYGAPSFWAVFFVAVLFCLLPRFTYDSFQKFFYPTDVEIVREMWQHGHFDHYPPGYDPTDPNRPKVTKA
GQHGEKIIEGIALSDNLGGSNYSRDSVVTEEIPMTFMHGEDGSPSGYQKQETWMTSPKETQDLLQSPQFQQAQTFGRGPS
TNVRSSLDRTREQMIATNQLDNRYSVERARTSLDLPGVTNAASLIGTQQNN
;
A
2 'polypeptide(L)'
;MVNFDLGQVGEVFRRKDKGAIVSGDNPEEEEDVDASEFEEDEVKPVRTKNRRPKEDAFTQQRLAAINPVLTPRTVLPLYL
LIAVVFVIVGGCILAQNSKVDEVTIYYQDCMTNATSSWSDIPSEHWQFVFHKYKTYNTAPQWRFVDDESDDFTKQRGTCQ
IRFTTPSDMKNNVYLNYVLEKFAANHRRYVLSFSEDQIRGEDASYETVHDATGINCKPLSKNADGKIYYPCGLIANSMFN
DTFPLQLTNVGDTSNNYSLTNKGINWESDKKRYKKTKYNYTQIAPPPYWEKMYPDGYNETNIPDIQDWEEFQNWMRPGAF
DKITKLIRINKNDTLPAGEYQLDIGLHWPVLEFNGKKGIYLTHGSHLGGRNPFLGIVYLIGGCICAAMALILLTFWLFGG
RKIADASSLSWNMK
;
B
#
# COMPACT_ATOMS: atom_id res chain seq x y z
N LEU A 167 2.32 -28.36 -31.10
CA LEU A 167 2.10 -27.78 -32.43
C LEU A 167 1.50 -26.38 -32.27
N ARG A 168 2.09 -25.40 -32.95
CA ARG A 168 1.58 -24.03 -32.97
C ARG A 168 1.16 -23.70 -34.40
N THR A 169 -0.07 -23.20 -34.53
CA THR A 169 -0.69 -23.02 -35.84
C THR A 169 -1.17 -21.58 -36.01
N VAL A 170 -1.38 -21.22 -37.28
CA VAL A 170 -1.94 -19.92 -37.64
C VAL A 170 -2.84 -20.16 -38.85
N TYR A 171 -3.86 -19.33 -39.02
CA TYR A 171 -4.84 -19.57 -40.07
C TYR A 171 -5.18 -18.29 -40.81
N TYR A 172 -5.44 -18.45 -42.11
CA TYR A 172 -5.98 -17.41 -42.95
C TYR A 172 -6.81 -18.10 -44.03
N ASN A 173 -7.70 -17.32 -44.68
CA ASN A 173 -8.71 -17.79 -45.64
C ASN A 173 -9.64 -18.80 -44.98
N MET A 174 -9.99 -18.50 -43.73
CA MET A 174 -10.87 -19.27 -42.89
C MET A 174 -11.68 -18.24 -42.10
N PRO A 175 -13.01 -18.42 -41.99
CA PRO A 175 -13.81 -17.50 -41.18
C PRO A 175 -13.51 -17.57 -39.69
N LEU A 176 -12.86 -18.64 -39.22
CA LEU A 176 -12.45 -18.90 -37.83
C LEU A 176 -13.60 -18.78 -36.85
N PRO A 177 -14.54 -19.73 -36.83
CA PRO A 177 -15.75 -19.56 -36.01
C PRO A 177 -15.47 -19.75 -34.53
N LYS A 178 -16.31 -19.10 -33.72
CA LYS A 178 -16.32 -19.35 -32.29
C LYS A 178 -17.33 -20.44 -31.91
N ASP A 179 -18.22 -20.78 -32.81
CA ASP A 179 -19.27 -21.78 -32.57
C ASP A 179 -19.10 -23.02 -33.44
N MET A 180 -17.86 -23.46 -33.63
CA MET A 180 -17.55 -24.67 -34.39
C MET A 180 -17.13 -25.77 -33.42
N ILE A 181 -17.78 -26.94 -33.54
CA ILE A 181 -17.49 -28.04 -32.64
C ILE A 181 -16.37 -28.94 -33.16
N ASP A 182 -16.12 -28.93 -34.46
CA ASP A 182 -15.13 -29.83 -35.07
C ASP A 182 -13.74 -29.22 -34.99
N GLU A 183 -12.75 -30.00 -35.44
CA GLU A 183 -11.34 -29.60 -35.38
C GLU A 183 -11.04 -28.75 -36.61
N GLU A 184 -11.54 -27.52 -36.58
CA GLU A 184 -11.25 -26.53 -37.62
C GLU A 184 -10.96 -25.14 -37.07
N GLY A 185 -11.35 -24.84 -35.83
CA GLY A 185 -11.14 -23.53 -35.27
C GLY A 185 -10.21 -23.51 -34.08
N ASN A 186 -10.03 -22.33 -33.50
CA ASN A 186 -9.06 -22.11 -32.42
C ASN A 186 -9.48 -22.54 -31.01
N PRO A 187 -10.65 -22.10 -30.41
CA PRO A 187 -10.77 -22.18 -28.94
C PRO A 187 -10.92 -23.57 -28.32
N ILE A 188 -10.72 -24.63 -29.09
CA ILE A 188 -10.80 -25.99 -28.56
C ILE A 188 -9.46 -26.45 -27.98
N MET A 189 -8.36 -26.09 -28.63
CA MET A 189 -7.03 -26.64 -28.34
C MET A 189 -6.28 -25.90 -27.23
N GLN A 190 -7.00 -25.23 -26.31
CA GLN A 190 -6.41 -24.44 -25.21
C GLN A 190 -5.47 -23.36 -25.76
N TYR A 191 -6.07 -22.44 -26.48
CA TYR A 191 -5.31 -21.34 -27.05
C TYR A 191 -5.47 -20.09 -26.19
N PRO A 192 -4.47 -19.20 -26.15
CA PRO A 192 -4.51 -18.07 -25.22
C PRO A 192 -5.54 -17.02 -25.59
N ARG A 193 -6.13 -16.42 -24.54
CA ARG A 193 -7.11 -15.35 -24.67
C ARG A 193 -6.62 -14.14 -23.88
N ASN A 194 -6.93 -12.94 -24.38
CA ASN A 194 -6.26 -11.72 -23.96
C ASN A 194 -6.75 -11.20 -22.62
N LYS A 195 -7.69 -11.88 -21.96
CA LYS A 195 -8.08 -11.50 -20.60
C LYS A 195 -6.97 -11.91 -19.63
N ILE A 196 -6.04 -10.98 -19.37
CA ILE A 196 -4.89 -11.28 -18.53
C ILE A 196 -4.97 -10.53 -17.21
N ASN A 220 -18.48 -13.36 -9.95
CA ASN A 220 -17.09 -12.99 -9.73
C ASN A 220 -16.97 -11.86 -8.72
N VAL A 221 -16.06 -10.92 -9.01
CA VAL A 221 -15.80 -9.79 -8.12
C VAL A 221 -16.96 -8.80 -8.14
N TYR A 222 -17.40 -8.42 -9.35
CA TYR A 222 -18.41 -7.37 -9.48
C TYR A 222 -19.79 -7.86 -9.03
N PHE A 223 -20.04 -9.17 -9.15
CA PHE A 223 -21.32 -9.71 -8.72
C PHE A 223 -21.41 -9.78 -7.19
N LEU A 224 -20.26 -9.95 -6.52
CA LEU A 224 -20.28 -10.08 -5.07
C LEU A 224 -20.52 -8.73 -4.40
N VAL A 225 -19.88 -7.66 -4.90
CA VAL A 225 -20.06 -6.36 -4.28
C VAL A 225 -21.44 -5.78 -4.58
N LEU A 226 -22.09 -6.27 -5.64
CA LEU A 226 -23.44 -5.85 -5.95
C LEU A 226 -24.45 -6.44 -4.97
N ILE A 227 -24.24 -7.69 -4.55
CA ILE A 227 -25.24 -8.36 -3.72
C ILE A 227 -24.99 -8.08 -2.24
N ILE A 228 -23.80 -7.59 -1.90
CA ILE A 228 -23.59 -7.05 -0.55
C ILE A 228 -24.39 -5.78 -0.37
N LEU A 229 -24.33 -4.88 -1.36
CA LEU A 229 -25.20 -3.71 -1.34
C LEU A 229 -26.65 -4.10 -1.57
N GLY A 230 -26.88 -5.21 -2.27
CA GLY A 230 -28.24 -5.69 -2.47
C GLY A 230 -28.84 -6.29 -1.21
N ALA A 231 -27.99 -6.84 -0.34
CA ALA A 231 -28.51 -7.42 0.90
C ALA A 231 -28.77 -6.33 1.95
N PHE A 232 -27.89 -5.34 2.03
CA PHE A 232 -28.09 -4.22 2.95
C PHE A 232 -29.06 -3.22 2.31
N GLN A 233 -30.35 -3.58 2.33
CA GLN A 233 -31.57 -2.75 2.23
C GLN A 233 -31.50 -1.53 1.32
N ILE A 234 -30.83 -1.65 0.17
CA ILE A 234 -30.97 -0.63 -0.87
C ILE A 234 -32.09 -1.03 -1.83
N PHE A 235 -31.93 -2.18 -2.48
CA PHE A 235 -33.02 -2.89 -3.14
C PHE A 235 -32.77 -4.38 -2.93
N GLY A 236 -33.85 -5.13 -2.73
CA GLY A 236 -33.73 -6.54 -2.50
C GLY A 236 -33.81 -6.94 -1.03
N VAL A 237 -33.39 -8.18 -0.77
CA VAL A 237 -33.58 -8.82 0.53
C VAL A 237 -32.27 -9.48 0.95
N THR A 238 -32.11 -9.70 2.26
CA THR A 238 -30.92 -10.33 2.79
C THR A 238 -30.93 -11.84 2.54
N ASN A 239 -29.77 -12.46 2.72
CA ASN A 239 -29.67 -13.90 2.58
C ASN A 239 -30.21 -14.58 3.83
N PRO A 240 -30.92 -15.71 3.69
CA PRO A 240 -31.62 -16.29 4.84
C PRO A 240 -30.68 -17.00 5.80
N GLY A 241 -30.96 -16.86 7.09
CA GLY A 241 -30.28 -17.57 8.15
C GLY A 241 -28.81 -17.25 8.34
N LEU A 242 -28.16 -17.99 9.23
CA LEU A 242 -26.73 -17.81 9.49
C LEU A 242 -25.98 -18.81 8.62
N SER A 243 -26.07 -18.61 7.31
CA SER A 243 -25.44 -19.51 6.35
C SER A 243 -24.24 -18.85 5.68
N ALA A 244 -23.82 -17.68 6.16
CA ALA A 244 -22.67 -17.03 5.54
C ALA A 244 -21.73 -16.36 6.54
N VAL A 245 -21.76 -16.71 7.82
CA VAL A 245 -20.90 -16.03 8.79
C VAL A 245 -19.41 -16.40 8.65
N PRO A 246 -18.99 -17.60 8.17
CA PRO A 246 -17.62 -17.68 7.66
C PRO A 246 -17.56 -17.40 6.16
N LEU A 247 -18.67 -17.59 5.46
CA LEU A 247 -18.67 -17.55 4.01
C LEU A 247 -18.58 -16.13 3.47
N VAL A 248 -19.00 -15.15 4.26
CA VAL A 248 -18.65 -13.76 3.93
C VAL A 248 -17.21 -13.48 4.30
N VAL A 249 -16.77 -13.93 5.48
CA VAL A 249 -15.47 -13.54 6.04
C VAL A 249 -14.32 -14.18 5.26
N ILE A 250 -14.42 -15.47 4.94
CA ILE A 250 -13.30 -16.17 4.34
C ILE A 250 -13.10 -15.76 2.87
N VAL A 251 -14.11 -15.16 2.25
CA VAL A 251 -13.94 -14.61 0.93
C VAL A 251 -13.43 -13.17 1.01
N ILE A 252 -13.73 -12.47 2.10
CA ILE A 252 -13.46 -11.03 2.16
C ILE A 252 -12.08 -10.72 2.72
N ILE A 253 -11.41 -11.68 3.34
CA ILE A 253 -10.03 -11.50 3.74
C ILE A 253 -9.05 -12.14 2.76
N THR A 254 -9.53 -12.99 1.84
CA THR A 254 -8.67 -13.68 0.90
C THR A 254 -8.94 -13.29 -0.55
N ALA A 255 -10.20 -13.39 -1.01
CA ALA A 255 -10.48 -13.25 -2.43
C ALA A 255 -10.59 -11.80 -2.87
N ILE A 256 -11.16 -10.93 -2.03
CA ILE A 256 -11.32 -9.53 -2.38
C ILE A 256 -10.36 -8.75 -1.46
N LYS A 257 -9.30 -9.43 -1.04
CA LYS A 257 -8.10 -8.73 -0.61
C LYS A 257 -7.07 -8.82 -1.72
N ASP A 258 -6.89 -10.04 -2.25
CA ASP A 258 -5.91 -10.28 -3.30
C ASP A 258 -6.33 -9.66 -4.62
N ALA A 259 -7.61 -9.32 -4.79
CA ALA A 259 -8.04 -8.61 -5.98
C ALA A 259 -7.82 -7.10 -5.89
N ILE A 260 -7.90 -6.54 -4.68
CA ILE A 260 -7.69 -5.11 -4.50
C ILE A 260 -6.20 -4.79 -4.37
N GLU A 261 -5.47 -5.62 -3.61
CA GLU A 261 -4.03 -5.42 -3.44
C GLU A 261 -3.23 -5.69 -4.71
N ASP A 262 -3.83 -6.32 -5.72
CA ASP A 262 -3.18 -6.52 -7.01
C ASP A 262 -3.78 -5.59 -8.07
N SER A 263 -4.08 -4.36 -7.67
CA SER A 263 -4.56 -3.36 -8.60
C SER A 263 -3.44 -2.64 -9.34
N ARG A 264 -2.18 -2.98 -9.04
CA ARG A 264 -1.06 -2.44 -9.80
C ARG A 264 -1.07 -2.96 -11.23
N ARG A 265 -1.30 -4.27 -11.41
CA ARG A 265 -1.28 -4.86 -12.73
C ARG A 265 -2.56 -4.60 -13.52
N THR A 266 -3.65 -4.24 -12.85
CA THR A 266 -4.89 -3.90 -13.57
C THR A 266 -4.72 -2.59 -14.32
N VAL A 267 -4.00 -1.63 -13.73
CA VAL A 267 -3.64 -0.42 -14.47
C VAL A 267 -2.57 -0.74 -15.51
N LEU A 268 -1.71 -1.73 -15.23
CA LEU A 268 -0.80 -2.23 -16.25
C LEU A 268 -1.55 -3.03 -17.31
N ASP A 269 -2.65 -3.68 -16.94
CA ASP A 269 -3.54 -4.22 -17.96
C ASP A 269 -4.26 -3.11 -18.71
N LEU A 270 -4.53 -1.99 -18.03
CA LEU A 270 -5.10 -0.81 -18.68
C LEU A 270 -4.07 -0.08 -19.55
N GLU A 271 -2.80 -0.48 -19.49
CA GLU A 271 -1.87 -0.10 -20.55
C GLU A 271 -2.06 -0.97 -21.78
N VAL A 272 -2.49 -2.22 -21.60
CA VAL A 272 -2.67 -3.13 -22.74
C VAL A 272 -3.96 -2.81 -23.48
N ASN A 273 -5.10 -2.93 -22.80
CA ASN A 273 -6.36 -2.52 -23.40
C ASN A 273 -6.65 -1.06 -23.08
N ASN A 274 -7.66 -0.49 -23.76
CA ASN A 274 -8.19 0.86 -23.54
C ASN A 274 -7.14 1.94 -23.78
N THR A 275 -6.12 1.63 -24.59
CA THR A 275 -5.30 2.63 -25.27
C THR A 275 -5.74 2.76 -26.72
N LYS A 276 -7.04 2.57 -26.98
CA LYS A 276 -7.51 2.11 -28.27
C LYS A 276 -7.48 3.21 -29.33
N THR A 277 -7.15 2.79 -30.54
CA THR A 277 -7.18 3.62 -31.74
C THR A 277 -7.89 2.81 -32.82
N HIS A 278 -7.82 3.29 -34.06
CA HIS A 278 -8.57 2.70 -35.15
C HIS A 278 -7.74 1.60 -35.81
N ILE A 279 -8.36 0.43 -36.00
CA ILE A 279 -7.64 -0.82 -36.24
C ILE A 279 -8.27 -1.58 -37.41
N LEU A 280 -7.80 -2.81 -37.60
CA LEU A 280 -8.11 -3.69 -38.73
C LEU A 280 -8.50 -5.08 -38.23
N GLU A 281 -9.40 -5.14 -37.25
CA GLU A 281 -9.75 -6.43 -36.63
C GLU A 281 -10.88 -7.13 -37.39
N GLY A 282 -12.06 -6.50 -37.46
CA GLY A 282 -13.22 -7.14 -38.03
C GLY A 282 -13.31 -7.01 -39.55
N VAL A 283 -12.44 -7.71 -40.27
CA VAL A 283 -12.30 -7.57 -41.71
C VAL A 283 -12.54 -8.93 -42.35
N GLU A 284 -13.37 -8.94 -43.39
CA GLU A 284 -13.68 -10.16 -44.12
C GLU A 284 -12.52 -10.54 -45.03
N ASN A 285 -12.67 -11.66 -45.73
CA ASN A 285 -11.62 -12.16 -46.62
C ASN A 285 -11.50 -11.32 -47.89
N GLU A 286 -12.63 -10.82 -48.40
CA GLU A 286 -12.62 -10.01 -49.61
C GLU A 286 -12.77 -8.53 -49.28
N ASP A 390 -12.79 -4.56 -44.84
CA ASP A 390 -13.14 -4.76 -46.24
C ASP A 390 -12.56 -3.62 -47.06
N CYS A 391 -11.22 -3.64 -47.20
CA CYS A 391 -10.41 -2.63 -47.90
C CYS A 391 -10.59 -1.24 -47.29
N LYS A 392 -10.92 -1.20 -45.99
CA LYS A 392 -11.17 0.01 -45.23
C LYS A 392 -11.16 -0.38 -43.76
N PHE A 393 -10.51 0.44 -42.94
CA PHE A 393 -10.37 0.14 -41.53
C PHE A 393 -11.70 0.33 -40.81
N ALA A 394 -11.90 -0.45 -39.76
CA ALA A 394 -13.11 -0.38 -38.94
C ALA A 394 -12.74 -0.38 -37.47
N LYS A 395 -13.48 0.42 -36.68
CA LYS A 395 -13.23 0.51 -35.24
C LYS A 395 -13.75 -0.75 -34.56
N ASN A 396 -12.86 -1.45 -33.87
CA ASN A 396 -13.18 -2.76 -33.28
C ASN A 396 -12.52 -2.87 -31.91
N TYR A 397 -12.46 -4.09 -31.41
CA TYR A 397 -12.09 -4.40 -30.03
C TYR A 397 -10.70 -5.04 -29.99
N TRP A 398 -9.85 -4.56 -29.08
CA TRP A 398 -8.46 -5.00 -29.08
C TRP A 398 -8.26 -6.41 -28.55
N LYS A 399 -8.95 -6.80 -27.48
CA LYS A 399 -8.75 -8.15 -26.95
C LYS A 399 -9.47 -9.22 -27.75
N GLY A 400 -10.24 -8.85 -28.77
CA GLY A 400 -10.85 -9.76 -29.71
C GLY A 400 -9.99 -10.12 -30.89
N VAL A 401 -8.70 -9.78 -30.86
CA VAL A 401 -7.81 -10.07 -31.99
C VAL A 401 -7.52 -11.57 -32.02
N LYS A 402 -7.45 -12.12 -33.23
CA LYS A 402 -7.41 -13.55 -33.46
C LYS A 402 -5.99 -13.95 -33.88
N VAL A 403 -5.67 -15.23 -33.69
CA VAL A 403 -4.43 -15.82 -34.19
C VAL A 403 -4.52 -15.80 -35.72
N GLY A 404 -3.74 -14.92 -36.34
CA GLY A 404 -3.82 -14.69 -37.76
C GLY A 404 -4.69 -13.53 -38.17
N ASP A 405 -4.83 -12.51 -37.33
CA ASP A 405 -5.64 -11.34 -37.64
C ASP A 405 -4.70 -10.19 -37.94
N ILE A 406 -4.64 -9.78 -39.20
CA ILE A 406 -3.66 -8.80 -39.65
C ILE A 406 -4.14 -7.40 -39.29
N VAL A 407 -3.24 -6.60 -38.71
CA VAL A 407 -3.53 -5.25 -38.24
C VAL A 407 -2.41 -4.33 -38.70
N ARG A 408 -2.77 -3.22 -39.34
CA ARG A 408 -1.77 -2.24 -39.75
C ARG A 408 -1.36 -1.38 -38.57
N ILE A 409 -0.05 -1.17 -38.42
CA ILE A 409 0.48 -0.42 -37.28
C ILE A 409 0.42 1.07 -37.60
N HIS A 410 0.51 1.88 -36.54
CA HIS A 410 0.39 3.33 -36.65
C HIS A 410 1.41 3.95 -35.71
N ASN A 411 1.24 5.23 -35.41
CA ASN A 411 2.09 5.94 -34.46
C ASN A 411 1.48 5.83 -33.06
N ASN A 412 2.34 5.54 -32.08
CA ASN A 412 1.99 5.38 -30.66
C ASN A 412 0.92 4.29 -30.47
N ASP A 413 1.30 3.06 -30.81
CA ASP A 413 0.46 1.90 -30.57
C ASP A 413 1.29 0.76 -30.01
N GLU A 414 0.88 0.22 -28.87
CA GLU A 414 1.47 -1.00 -28.36
C GLU A 414 1.04 -2.16 -29.25
N ILE A 415 2.02 -2.94 -29.71
CA ILE A 415 1.77 -4.06 -30.61
C ILE A 415 1.04 -5.16 -29.83
N PRO A 416 -0.23 -5.42 -30.13
CA PRO A 416 -1.04 -6.27 -29.24
C PRO A 416 -0.75 -7.76 -29.34
N ALA A 417 0.03 -8.20 -30.33
CA ALA A 417 0.22 -9.62 -30.57
C ALA A 417 1.58 -9.83 -31.22
N ASP A 418 1.95 -11.10 -31.38
CA ASP A 418 3.22 -11.48 -31.98
C ASP A 418 3.11 -11.33 -33.50
N ILE A 419 3.25 -10.07 -33.95
CA ILE A 419 3.16 -9.77 -35.37
C ILE A 419 4.45 -10.22 -36.06
N ILE A 420 4.36 -10.49 -37.36
CA ILE A 420 5.53 -10.77 -38.18
C ILE A 420 5.49 -9.83 -39.37
N LEU A 421 6.55 -9.03 -39.53
CA LEU A 421 6.63 -8.02 -40.56
C LEU A 421 7.31 -8.55 -41.80
N LEU A 422 6.93 -7.99 -42.96
CA LEU A 422 7.63 -8.21 -44.21
C LEU A 422 8.11 -6.93 -44.87
N SER A 423 7.36 -5.83 -44.76
CA SER A 423 7.74 -4.56 -45.34
C SER A 423 7.58 -3.45 -44.31
N THR A 424 8.50 -2.49 -44.34
CA THR A 424 8.48 -1.34 -43.45
C THR A 424 7.86 -0.14 -44.15
N SER A 425 7.90 1.01 -43.49
CA SER A 425 7.54 2.28 -44.12
C SER A 425 8.76 3.16 -44.37
N ASP A 426 9.95 2.71 -44.00
CA ASP A 426 11.19 3.44 -44.20
C ASP A 426 12.08 2.72 -45.20
N THR A 427 13.11 3.44 -45.65
CA THR A 427 14.06 2.89 -46.60
C THR A 427 15.01 1.93 -45.87
N ASP A 428 15.30 0.79 -46.52
CA ASP A 428 16.24 -0.26 -46.08
C ASP A 428 15.77 -0.94 -44.79
N GLY A 429 14.51 -0.79 -44.42
CA GLY A 429 13.99 -1.40 -43.21
C GLY A 429 14.55 -0.85 -41.93
N ALA A 430 14.98 0.42 -41.92
CA ALA A 430 15.59 1.02 -40.75
C ALA A 430 14.53 1.28 -39.69
N CYS A 431 14.47 0.43 -38.67
CA CYS A 431 13.48 0.53 -37.61
C CYS A 431 14.20 0.56 -36.27
N TYR A 432 14.08 1.67 -35.56
CA TYR A 432 14.71 1.87 -34.26
C TYR A 432 13.61 1.99 -33.21
N VAL A 433 13.62 1.09 -32.23
CA VAL A 433 12.49 0.90 -31.34
C VAL A 433 12.66 1.67 -30.04
N GLU A 434 11.52 1.90 -29.38
CA GLU A 434 11.45 2.56 -28.08
C GLU A 434 10.54 1.69 -27.22
N THR A 435 11.14 0.97 -26.26
CA THR A 435 10.57 -0.25 -25.72
C THR A 435 10.28 -0.20 -24.22
N LYS A 436 9.55 0.82 -23.76
CA LYS A 436 9.19 0.94 -22.34
C LYS A 436 8.37 -0.23 -21.81
N ASN A 437 7.68 -0.98 -22.69
CA ASN A 437 6.88 -2.11 -22.23
C ASN A 437 7.61 -3.44 -22.29
N LEU A 438 8.69 -3.56 -23.07
CA LEU A 438 9.41 -4.82 -23.17
C LEU A 438 10.52 -4.92 -22.13
N ASP A 439 11.49 -4.00 -22.18
CA ASP A 439 12.65 -4.05 -21.30
C ASP A 439 12.97 -2.65 -20.80
N GLY A 440 13.96 -2.56 -19.91
CA GLY A 440 14.39 -1.26 -19.46
C GLY A 440 15.23 -0.49 -20.44
N GLU A 441 15.68 -1.15 -21.51
CA GLU A 441 16.52 -0.53 -22.54
C GLU A 441 15.69 0.48 -23.30
N THR A 442 15.86 1.76 -22.97
CA THR A 442 15.16 2.86 -23.60
C THR A 442 15.94 3.39 -24.82
N ASN A 443 16.85 2.60 -25.36
CA ASN A 443 17.76 3.07 -26.40
C ASN A 443 17.66 2.13 -27.61
N LEU A 444 18.61 2.28 -28.53
CA LEU A 444 18.50 1.74 -29.88
C LEU A 444 18.94 0.27 -29.93
N LYS A 445 18.20 -0.51 -30.72
CA LYS A 445 18.67 -1.80 -31.20
C LYS A 445 18.03 -2.04 -32.56
N VAL A 446 18.76 -2.74 -33.43
CA VAL A 446 18.44 -2.79 -34.86
C VAL A 446 17.27 -3.75 -35.09
N ARG A 447 16.24 -3.26 -35.77
CA ARG A 447 15.16 -4.08 -36.31
C ARG A 447 15.26 -4.01 -37.83
N GLN A 448 15.67 -5.10 -38.46
CA GLN A 448 16.00 -5.12 -39.88
C GLN A 448 15.28 -6.26 -40.58
N SER A 449 14.43 -5.92 -41.54
CA SER A 449 13.74 -6.90 -42.36
C SER A 449 14.55 -7.20 -43.61
N LEU A 450 14.17 -8.27 -44.30
CA LEU A 450 14.88 -8.67 -45.51
C LEU A 450 14.53 -7.75 -46.68
N LYS A 451 15.52 -7.52 -47.54
CA LYS A 451 15.49 -6.40 -48.47
C LYS A 451 14.50 -6.61 -49.62
N CYS A 452 14.39 -7.85 -50.11
CA CYS A 452 13.63 -8.09 -51.33
C CYS A 452 12.12 -7.96 -51.12
N THR A 453 11.65 -8.17 -49.88
CA THR A 453 10.22 -8.13 -49.59
C THR A 453 9.76 -6.81 -48.98
N ASN A 454 10.63 -5.79 -48.94
CA ASN A 454 10.19 -4.46 -48.52
C ASN A 454 9.40 -3.72 -49.58
N THR A 455 9.48 -4.15 -50.84
CA THR A 455 8.80 -3.44 -51.91
C THR A 455 7.29 -3.70 -51.88
N ILE A 456 6.89 -4.93 -51.58
CA ILE A 456 5.49 -5.32 -51.56
C ILE A 456 4.83 -4.72 -50.33
N ARG A 457 4.03 -3.66 -50.53
CA ARG A 457 3.37 -2.97 -49.43
C ARG A 457 1.91 -2.62 -49.69
N THR A 458 1.39 -2.78 -50.90
CA THR A 458 0.01 -2.43 -51.19
C THR A 458 -0.95 -3.40 -50.51
N SER A 459 -2.21 -2.96 -50.36
CA SER A 459 -3.23 -3.71 -49.64
C SER A 459 -4.19 -4.44 -50.58
N LYS A 460 -3.74 -4.77 -51.79
CA LYS A 460 -4.57 -5.46 -52.77
C LYS A 460 -4.06 -6.87 -53.04
N ASP A 461 -3.41 -7.47 -52.06
CA ASP A 461 -2.81 -8.79 -52.17
C ASP A 461 -3.10 -9.62 -50.92
N ILE A 462 -4.30 -9.48 -50.38
CA ILE A 462 -4.53 -9.96 -49.02
C ILE A 462 -4.76 -11.47 -48.96
N ALA A 463 -5.32 -12.08 -50.01
CA ALA A 463 -5.83 -13.45 -49.95
C ALA A 463 -4.85 -14.48 -50.50
N ARG A 464 -3.55 -14.34 -50.23
CA ARG A 464 -2.54 -15.15 -50.87
C ARG A 464 -2.05 -16.33 -50.03
N THR A 465 -2.48 -16.46 -48.77
CA THR A 465 -1.95 -17.49 -47.88
C THR A 465 -3.06 -18.44 -47.44
N LYS A 466 -2.72 -19.74 -47.35
CA LYS A 466 -3.69 -20.75 -46.94
C LYS A 466 -3.11 -21.82 -46.01
N PHE A 467 -2.06 -21.52 -45.25
CA PHE A 467 -1.41 -22.55 -44.45
C PHE A 467 -0.96 -21.99 -43.10
N TRP A 468 -0.45 -22.89 -42.26
CA TRP A 468 0.07 -22.56 -40.95
C TRP A 468 1.60 -22.55 -40.96
N ILE A 469 2.18 -21.82 -40.02
CA ILE A 469 3.61 -21.52 -40.05
C ILE A 469 4.33 -22.40 -39.03
N GLU A 470 5.55 -22.78 -39.38
CA GLU A 470 6.37 -23.66 -38.56
C GLU A 470 7.17 -22.83 -37.58
N SER A 471 6.98 -23.09 -36.29
CA SER A 471 7.64 -22.33 -35.24
C SER A 471 7.87 -23.22 -34.04
N GLU A 472 8.74 -22.77 -33.15
CA GLU A 472 8.84 -23.37 -31.83
C GLU A 472 7.79 -22.76 -30.91
N GLY A 473 7.37 -23.53 -29.91
CA GLY A 473 6.38 -23.08 -28.96
C GLY A 473 6.97 -22.17 -27.92
N PRO A 474 6.16 -21.75 -26.94
CA PRO A 474 6.69 -20.96 -25.82
C PRO A 474 7.51 -21.84 -24.90
N HIS A 475 8.80 -21.51 -24.75
CA HIS A 475 9.70 -22.29 -23.93
C HIS A 475 10.46 -21.42 -22.94
N SER A 476 9.83 -20.31 -22.52
CA SER A 476 10.27 -19.47 -21.40
C SER A 476 11.65 -18.85 -21.64
N ASN A 477 11.77 -18.09 -22.73
CA ASN A 477 12.98 -17.33 -23.02
C ASN A 477 12.61 -15.88 -23.28
N LEU A 478 13.60 -14.99 -23.09
CA LEU A 478 13.39 -13.56 -23.19
C LEU A 478 13.86 -12.99 -24.54
N TYR A 479 15.11 -13.26 -24.91
CA TYR A 479 15.72 -12.62 -26.07
C TYR A 479 15.87 -13.51 -27.29
N THR A 480 16.08 -14.81 -27.12
CA THR A 480 16.39 -15.69 -28.23
C THR A 480 15.11 -16.24 -28.87
N TYR A 481 15.01 -16.09 -30.19
CA TYR A 481 13.90 -16.67 -30.96
C TYR A 481 14.35 -16.82 -32.41
N GLN A 482 14.61 -18.05 -32.83
CA GLN A 482 14.89 -18.37 -34.23
C GLN A 482 13.71 -19.13 -34.81
N GLY A 483 13.01 -18.50 -35.76
CA GLY A 483 11.85 -19.09 -36.38
C GLY A 483 12.05 -19.37 -37.86
N ASN A 484 10.94 -19.67 -38.54
CA ASN A 484 10.95 -19.97 -39.96
C ASN A 484 9.64 -19.47 -40.56
N MET A 485 9.72 -18.39 -41.34
CA MET A 485 8.56 -17.64 -41.83
C MET A 485 8.51 -17.72 -43.36
N LYS A 486 7.78 -18.70 -43.87
CA LYS A 486 7.57 -18.90 -45.30
C LYS A 486 6.17 -18.44 -45.68
N TRP A 487 6.04 -17.78 -46.82
CA TRP A 487 4.73 -17.43 -47.37
C TRP A 487 4.79 -17.52 -48.90
N ARG A 488 3.79 -16.91 -49.56
CA ARG A 488 3.52 -17.14 -50.97
C ARG A 488 3.33 -15.80 -51.68
N ASN A 489 3.71 -15.75 -52.95
CA ASN A 489 3.59 -14.55 -53.76
C ASN A 489 2.15 -14.37 -54.27
N LEU A 490 1.94 -13.26 -54.98
CA LEU A 490 0.63 -12.88 -55.50
C LEU A 490 0.44 -13.23 -56.97
N ALA A 491 1.40 -12.83 -57.82
CA ALA A 491 1.17 -12.74 -59.27
C ALA A 491 1.02 -14.11 -59.93
N ASP A 492 1.73 -15.12 -59.43
CA ASP A 492 1.60 -16.46 -59.97
C ASP A 492 1.18 -17.50 -58.95
N GLY A 493 1.53 -17.33 -57.68
CA GLY A 493 1.19 -18.27 -56.64
C GLY A 493 2.35 -19.12 -56.13
N GLU A 494 3.59 -18.74 -56.41
CA GLU A 494 4.74 -19.49 -55.93
C GLU A 494 5.14 -19.02 -54.54
N ILE A 495 5.73 -19.92 -53.78
CA ILE A 495 6.15 -19.63 -52.42
C ILE A 495 7.58 -19.13 -52.41
N ARG A 496 7.92 -18.34 -51.39
CA ARG A 496 9.28 -17.87 -51.17
C ARG A 496 9.54 -17.92 -49.67
N ASN A 497 10.76 -17.57 -49.26
CA ASN A 497 11.19 -17.73 -47.88
C ASN A 497 11.54 -16.38 -47.26
N GLU A 498 11.46 -16.34 -45.94
CA GLU A 498 11.85 -15.16 -45.17
C GLU A 498 12.28 -15.62 -43.78
N PRO A 499 13.54 -16.03 -43.62
CA PRO A 499 14.00 -16.52 -42.32
C PRO A 499 14.20 -15.40 -41.32
N ILE A 500 13.56 -15.52 -40.16
CA ILE A 500 13.68 -14.52 -39.10
C ILE A 500 14.94 -14.80 -38.28
N THR A 501 15.79 -13.80 -38.16
CA THR A 501 17.03 -13.84 -37.40
C THR A 501 16.83 -12.95 -36.17
N ILE A 502 17.90 -12.72 -35.40
CA ILE A 502 17.87 -11.85 -34.23
C ILE A 502 17.60 -10.39 -34.63
N ASN A 503 17.93 -10.01 -35.86
CA ASN A 503 17.65 -8.65 -36.33
C ASN A 503 16.15 -8.40 -36.46
N ASN A 504 15.41 -9.35 -37.04
CA ASN A 504 13.99 -9.18 -37.27
C ASN A 504 13.14 -9.92 -36.24
N VAL A 505 13.60 -10.01 -35.00
CA VAL A 505 12.81 -10.65 -33.96
C VAL A 505 11.66 -9.72 -33.55
N LEU A 506 10.48 -10.29 -33.39
CA LEU A 506 9.29 -9.52 -33.01
C LEU A 506 8.58 -10.25 -31.89
N LEU A 507 8.06 -9.46 -30.94
CA LEU A 507 7.46 -9.99 -29.73
C LEU A 507 6.21 -9.19 -29.44
N ARG A 508 5.40 -9.70 -28.50
CA ARG A 508 4.23 -8.94 -28.05
C ARG A 508 4.64 -7.69 -27.29
N GLY A 509 5.73 -7.78 -26.52
CA GLY A 509 6.22 -6.64 -25.78
C GLY A 509 6.87 -5.58 -26.63
N CYS A 510 7.20 -5.89 -27.88
CA CYS A 510 7.78 -4.92 -28.79
C CYS A 510 6.80 -3.79 -29.09
N THR A 511 7.35 -2.61 -29.34
CA THR A 511 6.58 -1.46 -29.81
C THR A 511 7.42 -0.78 -30.87
N LEU A 512 7.02 -0.93 -32.13
CA LEU A 512 7.85 -0.53 -33.25
C LEU A 512 7.76 0.99 -33.42
N ARG A 513 8.85 1.67 -33.12
CA ARG A 513 8.93 3.13 -33.10
C ARG A 513 9.42 3.64 -34.46
N ASN A 514 9.14 4.93 -34.72
CA ASN A 514 9.65 5.77 -35.82
C ASN A 514 9.50 5.13 -37.21
N THR A 515 8.42 4.36 -37.38
CA THR A 515 7.96 3.94 -38.69
C THR A 515 6.49 4.33 -38.77
N LYS A 516 5.95 4.38 -39.99
CA LYS A 516 4.60 4.86 -40.19
C LYS A 516 3.57 3.73 -40.18
N TRP A 517 3.70 2.77 -41.09
CA TRP A 517 2.73 1.68 -41.15
C TRP A 517 3.38 0.46 -41.80
N ALA A 518 2.84 -0.71 -41.46
CA ALA A 518 3.33 -1.98 -41.96
C ALA A 518 2.17 -2.97 -41.98
N MET A 519 2.32 -4.01 -42.79
CA MET A 519 1.23 -4.95 -43.07
C MET A 519 1.72 -6.37 -42.87
N GLY A 520 1.39 -6.98 -41.74
CA GLY A 520 1.80 -8.33 -41.44
C GLY A 520 0.88 -8.99 -40.43
N VAL A 521 0.77 -10.31 -40.54
CA VAL A 521 -0.14 -11.09 -39.72
C VAL A 521 0.47 -11.32 -38.33
N VAL A 522 -0.35 -11.77 -37.39
CA VAL A 522 0.09 -11.99 -36.02
C VAL A 522 0.06 -13.49 -35.71
N MET A 523 0.80 -13.87 -34.67
CA MET A 523 0.94 -15.26 -34.27
C MET A 523 0.38 -15.56 -32.88
N PHE A 524 0.83 -14.84 -31.86
CA PHE A 524 0.47 -15.13 -30.47
C PHE A 524 -0.28 -13.94 -29.87
N THR A 525 -1.50 -14.18 -29.39
CA THR A 525 -2.23 -13.18 -28.63
C THR A 525 -2.91 -13.86 -27.43
N GLY A 526 -2.79 -13.24 -26.26
CA GLY A 526 -3.38 -13.80 -25.07
C GLY A 526 -2.49 -13.83 -23.84
N GLY A 527 -2.29 -15.02 -23.26
CA GLY A 527 -1.43 -15.18 -22.12
C GLY A 527 -0.41 -16.30 -22.26
N ASP A 528 -0.21 -16.80 -23.47
CA ASP A 528 0.75 -17.88 -23.75
C ASP A 528 1.74 -17.38 -24.80
N THR A 529 2.88 -16.88 -24.35
CA THR A 529 3.91 -16.37 -25.23
C THR A 529 5.27 -16.54 -24.54
N LYS A 530 6.26 -15.81 -25.03
CA LYS A 530 7.61 -15.80 -24.48
C LYS A 530 7.90 -14.57 -23.63
N ILE A 531 7.19 -13.47 -23.85
CA ILE A 531 7.41 -12.27 -23.04
C ILE A 531 6.62 -12.30 -21.74
N MET A 532 5.65 -13.22 -21.62
CA MET A 532 4.81 -13.29 -20.44
C MET A 532 5.05 -14.56 -19.63
N LEU A 533 5.65 -15.59 -20.23
CA LEU A 533 5.95 -16.83 -19.51
C LEU A 533 7.29 -16.80 -18.80
N ASN A 534 8.14 -15.81 -19.07
CA ASN A 534 9.31 -15.60 -18.23
C ASN A 534 8.92 -15.04 -16.87
N SER A 535 7.86 -14.24 -16.83
CA SER A 535 7.25 -13.75 -15.62
C SER A 535 6.02 -14.60 -15.31
N GLY A 536 5.24 -14.17 -14.32
CA GLY A 536 4.09 -14.94 -13.86
C GLY A 536 4.40 -15.96 -12.79
N ILE A 537 5.68 -16.34 -12.65
CA ILE A 537 6.08 -17.21 -11.55
C ILE A 537 6.10 -16.42 -10.24
N THR A 538 6.25 -15.10 -10.32
CA THR A 538 6.39 -14.27 -9.15
C THR A 538 5.04 -14.13 -8.42
N PRO A 539 5.04 -14.17 -7.09
CA PRO A 539 3.79 -13.97 -6.33
C PRO A 539 3.44 -12.51 -6.08
N THR A 540 4.07 -11.60 -6.83
CA THR A 540 3.82 -10.16 -6.92
C THR A 540 4.11 -9.38 -5.64
N LYS A 541 4.73 -10.02 -4.63
CA LYS A 541 5.36 -9.35 -3.49
C LYS A 541 4.38 -8.50 -2.68
N LYS A 542 3.50 -9.18 -1.96
CA LYS A 542 2.78 -8.49 -0.88
C LYS A 542 3.76 -8.04 0.19
N SER A 543 3.50 -6.87 0.78
CA SER A 543 4.41 -6.29 1.76
C SER A 543 4.18 -6.96 3.13
N ARG A 544 4.80 -6.42 4.18
CA ARG A 544 4.70 -7.07 5.47
C ARG A 544 3.52 -6.55 6.29
N ILE A 545 3.25 -5.25 6.23
CA ILE A 545 2.05 -4.71 6.85
C ILE A 545 0.81 -5.24 6.14
N SER A 546 0.89 -5.42 4.82
CA SER A 546 -0.20 -5.98 4.04
C SER A 546 -0.34 -7.50 4.17
N ARG A 547 0.49 -8.17 4.98
CA ARG A 547 0.26 -9.58 5.29
C ARG A 547 -0.09 -9.84 6.74
N GLU A 548 0.30 -8.96 7.66
CA GLU A 548 -0.23 -8.97 9.01
C GLU A 548 -1.51 -8.16 9.14
N LEU A 549 -2.03 -7.66 8.02
CA LEU A 549 -3.28 -6.90 8.03
C LEU A 549 -4.48 -7.81 8.20
N ASN A 550 -4.35 -9.11 7.94
CA ASN A 550 -5.48 -10.02 8.08
C ASN A 550 -5.69 -10.50 9.51
N PHE A 551 -4.67 -10.39 10.37
CA PHE A 551 -4.92 -10.65 11.79
C PHE A 551 -5.75 -9.53 12.40
N SER A 552 -5.64 -8.32 11.86
CA SER A 552 -6.41 -7.19 12.37
C SER A 552 -7.86 -7.28 11.92
N VAL A 553 -8.09 -7.71 10.68
CA VAL A 553 -9.45 -7.75 10.13
C VAL A 553 -10.25 -8.89 10.76
N VAL A 554 -9.60 -10.02 11.04
CA VAL A 554 -10.30 -11.18 11.61
C VAL A 554 -10.72 -10.91 13.05
N ILE A 555 -9.84 -10.32 13.86
CA ILE A 555 -10.19 -10.00 15.24
C ILE A 555 -11.15 -8.81 15.33
N ASN A 556 -11.36 -8.09 14.23
CA ASN A 556 -12.51 -7.19 14.16
C ASN A 556 -13.80 -7.98 14.02
N PHE A 557 -13.85 -8.95 13.11
CA PHE A 557 -15.05 -9.77 12.91
C PHE A 557 -15.37 -10.63 14.12
N VAL A 558 -14.35 -11.06 14.86
CA VAL A 558 -14.60 -11.85 16.07
C VAL A 558 -15.26 -10.99 17.14
N LEU A 559 -14.88 -9.72 17.24
CA LEU A 559 -15.58 -8.80 18.13
C LEU A 559 -17.00 -8.55 17.66
N LEU A 560 -17.21 -8.49 16.34
CA LEU A 560 -18.56 -8.35 15.80
C LEU A 560 -19.41 -9.59 16.07
N PHE A 561 -18.82 -10.77 15.93
CA PHE A 561 -19.60 -12.00 16.08
C PHE A 561 -19.93 -12.29 17.55
N ILE A 562 -19.14 -11.77 18.49
CA ILE A 562 -19.55 -11.83 19.89
C ILE A 562 -20.76 -10.94 20.13
N LEU A 563 -20.76 -9.75 19.51
CA LEU A 563 -21.83 -8.79 19.76
C LEU A 563 -23.13 -9.20 19.09
N CYS A 564 -23.04 -9.81 17.91
CA CYS A 564 -24.24 -10.29 17.22
C CYS A 564 -24.70 -11.65 17.71
N PHE A 565 -23.99 -12.25 18.66
CA PHE A 565 -24.44 -13.47 19.33
C PHE A 565 -25.05 -13.18 20.70
N VAL A 566 -24.41 -12.30 21.49
CA VAL A 566 -24.96 -11.90 22.78
C VAL A 566 -26.26 -11.12 22.59
N SER A 567 -26.35 -10.34 21.50
CA SER A 567 -27.60 -9.66 21.18
C SER A 567 -28.70 -10.65 20.78
N GLY A 568 -28.34 -11.66 19.99
CA GLY A 568 -29.34 -12.59 19.48
C GLY A 568 -29.90 -13.52 20.54
N ILE A 569 -29.16 -13.75 21.62
CA ILE A 569 -29.68 -14.58 22.69
C ILE A 569 -30.46 -13.76 23.71
N ALA A 570 -30.12 -12.48 23.90
CA ALA A 570 -30.89 -11.62 24.79
C ALA A 570 -32.13 -11.08 24.12
N ASN A 571 -32.23 -11.22 22.79
CA ASN A 571 -33.48 -10.88 22.10
C ASN A 571 -34.53 -11.95 22.35
N GLY A 572 -34.13 -13.22 22.33
CA GLY A 572 -35.08 -14.28 22.62
C GLY A 572 -35.46 -14.38 24.09
N VAL A 573 -34.59 -13.91 24.98
CA VAL A 573 -34.93 -13.85 26.41
C VAL A 573 -36.03 -12.81 26.64
N TYR A 574 -36.03 -11.74 25.85
CA TYR A 574 -37.08 -10.72 25.94
C TYR A 574 -38.45 -11.28 25.54
N TYR A 575 -38.49 -12.06 24.45
CA TYR A 575 -39.75 -12.59 23.96
C TYR A 575 -40.35 -13.66 24.87
N ASP A 576 -39.56 -14.27 25.73
CA ASP A 576 -40.07 -15.25 26.70
C ASP A 576 -40.27 -14.61 28.07
N LYS A 577 -41.18 -13.62 28.13
CA LYS A 577 -41.46 -12.98 29.41
C LYS A 577 -42.95 -12.82 29.65
N LYS A 578 -43.72 -12.75 28.57
CA LYS A 578 -45.20 -12.86 28.57
C LYS A 578 -45.89 -11.75 29.37
N GLY A 579 -45.26 -10.59 29.49
CA GLY A 579 -45.87 -9.50 30.23
C GLY A 579 -45.60 -8.14 29.64
N ARG A 580 -45.36 -8.08 28.33
CA ARG A 580 -44.86 -6.88 27.68
C ARG A 580 -45.95 -6.18 26.88
N SER A 581 -45.59 -5.02 26.33
CA SER A 581 -46.43 -4.22 25.44
C SER A 581 -46.64 -4.85 24.08
N ARG A 582 -45.90 -5.91 23.75
CA ARG A 582 -45.89 -6.49 22.42
C ARG A 582 -47.21 -7.17 22.08
N PHE A 583 -48.00 -7.56 23.09
CA PHE A 583 -49.15 -8.40 22.83
C PHE A 583 -50.35 -7.61 22.32
N SER A 584 -50.61 -6.42 22.87
CA SER A 584 -51.81 -5.69 22.53
C SER A 584 -51.61 -4.71 21.38
N TYR A 585 -50.69 -3.76 21.54
CA TYR A 585 -50.55 -2.70 20.56
C TYR A 585 -49.75 -3.14 19.35
N GLU A 586 -48.95 -4.18 19.48
CA GLU A 586 -48.39 -4.88 18.34
C GLU A 586 -49.15 -6.18 18.14
N PHE A 587 -49.25 -6.61 16.90
CA PHE A 587 -49.95 -7.86 16.58
C PHE A 587 -48.96 -9.02 16.47
N GLY A 588 -48.22 -9.22 17.56
CA GLY A 588 -47.27 -10.30 17.64
C GLY A 588 -47.85 -11.54 18.27
N THR A 589 -47.30 -12.69 17.90
CA THR A 589 -47.78 -13.97 18.40
C THR A 589 -47.35 -14.17 19.86
N ILE A 590 -48.06 -15.05 20.55
CA ILE A 590 -47.72 -15.40 21.94
C ILE A 590 -46.75 -16.57 21.83
N ALA A 591 -45.49 -16.24 21.56
CA ALA A 591 -44.41 -17.21 21.37
C ALA A 591 -43.08 -16.49 21.46
N GLY A 592 -42.01 -17.28 21.51
CA GLY A 592 -40.66 -16.79 21.28
C GLY A 592 -40.15 -17.24 19.94
N SER A 593 -38.84 -16.99 19.73
CA SER A 593 -38.08 -17.43 18.55
C SER A 593 -38.68 -16.86 17.26
N ALA A 594 -38.55 -15.53 17.14
CA ALA A 594 -39.14 -14.75 16.04
C ALA A 594 -38.71 -15.26 14.67
N ALA A 595 -37.40 -15.32 14.41
CA ALA A 595 -36.90 -15.99 13.23
C ALA A 595 -36.15 -17.27 13.58
N THR A 596 -35.04 -17.15 14.33
CA THR A 596 -34.36 -18.27 14.99
C THR A 596 -33.84 -17.68 16.30
N ASN A 597 -34.56 -17.95 17.40
CA ASN A 597 -34.30 -17.38 18.73
C ASN A 597 -34.28 -15.84 18.67
N GLY A 598 -35.43 -15.29 18.30
CA GLY A 598 -35.58 -13.86 18.13
C GLY A 598 -35.18 -13.38 16.76
N PHE A 599 -35.20 -12.06 16.59
CA PHE A 599 -34.77 -11.43 15.35
C PHE A 599 -33.26 -11.50 15.22
N VAL A 600 -32.80 -12.35 14.30
CA VAL A 600 -31.38 -12.43 13.97
C VAL A 600 -31.13 -12.01 12.53
N SER A 601 -32.17 -11.96 11.68
CA SER A 601 -32.04 -11.46 10.32
C SER A 601 -31.71 -9.97 10.27
N PHE A 602 -32.02 -9.24 11.34
CA PHE A 602 -31.43 -7.92 11.53
C PHE A 602 -29.93 -8.01 11.70
N TRP A 603 -29.47 -8.85 12.63
CA TRP A 603 -28.05 -8.92 12.93
C TRP A 603 -27.24 -9.61 11.84
N VAL A 604 -27.90 -10.31 10.91
CA VAL A 604 -27.24 -10.72 9.68
C VAL A 604 -26.89 -9.48 8.84
N ALA A 605 -27.82 -8.52 8.78
CA ALA A 605 -27.58 -7.30 8.01
C ALA A 605 -26.62 -6.36 8.71
N VAL A 606 -26.44 -6.51 10.03
CA VAL A 606 -25.42 -5.74 10.73
C VAL A 606 -24.04 -6.33 10.48
N ILE A 607 -23.95 -7.68 10.48
CA ILE A 607 -22.71 -8.37 10.11
C ILE A 607 -22.31 -8.04 8.68
N LEU A 608 -23.28 -8.07 7.77
CA LEU A 608 -22.98 -7.84 6.37
C LEU A 608 -22.72 -6.38 6.05
N TYR A 609 -23.23 -5.45 6.87
CA TYR A 609 -22.85 -4.05 6.69
C TYR A 609 -21.43 -3.79 7.18
N GLN A 610 -21.02 -4.45 8.26
CA GLN A 610 -19.65 -4.30 8.75
C GLN A 610 -18.63 -5.01 7.89
N SER A 611 -19.06 -5.80 6.91
CA SER A 611 -18.16 -6.34 5.91
C SER A 611 -17.79 -5.31 4.84
N LEU A 612 -18.51 -4.19 4.77
CA LEU A 612 -18.10 -3.11 3.88
C LEU A 612 -16.95 -2.29 4.44
N VAL A 613 -16.55 -2.53 5.68
CA VAL A 613 -15.41 -1.87 6.31
C VAL A 613 -14.07 -2.47 5.88
N PRO A 614 -13.87 -3.81 5.81
CA PRO A 614 -12.60 -4.29 5.22
C PRO A 614 -12.44 -3.96 3.74
N ILE A 615 -13.52 -3.98 2.95
CA ILE A 615 -13.42 -3.55 1.56
C ILE A 615 -13.07 -2.07 1.49
N SER A 616 -13.57 -1.28 2.44
CA SER A 616 -13.17 0.13 2.51
C SER A 616 -11.73 0.28 2.99
N LEU A 617 -11.17 -0.72 3.66
CA LEU A 617 -9.77 -0.64 4.09
C LEU A 617 -8.82 -0.82 2.92
N TYR A 618 -9.03 -1.87 2.11
CA TYR A 618 -8.06 -2.18 1.07
C TYR A 618 -8.12 -1.20 -0.09
N ILE A 619 -9.28 -0.57 -0.31
CA ILE A 619 -9.36 0.53 -1.26
C ILE A 619 -8.62 1.74 -0.71
N SER A 620 -8.64 1.92 0.61
CA SER A 620 -7.98 3.06 1.22
C SER A 620 -6.47 2.93 1.21
N VAL A 621 -5.94 1.72 1.46
CA VAL A 621 -4.50 1.56 1.49
C VAL A 621 -3.90 1.41 0.10
N GLU A 622 -4.72 1.14 -0.92
CA GLU A 622 -4.24 1.10 -2.29
C GLU A 622 -4.49 2.40 -3.04
N ILE A 623 -4.96 3.43 -2.35
CA ILE A 623 -4.84 4.79 -2.84
C ILE A 623 -3.91 5.61 -1.98
N ILE A 624 -3.30 4.98 -0.98
CA ILE A 624 -2.20 5.55 -0.21
C ILE A 624 -0.86 5.03 -0.68
N LYS A 625 -0.73 3.70 -0.80
CA LYS A 625 0.48 3.09 -1.36
C LYS A 625 0.72 3.53 -2.79
N THR A 626 -0.34 3.73 -3.57
CA THR A 626 -0.18 4.21 -4.94
C THR A 626 0.23 5.68 -4.96
N ALA A 627 -0.22 6.45 -3.97
CA ALA A 627 0.12 7.87 -3.93
C ALA A 627 1.49 8.12 -3.30
N GLN A 628 1.87 7.30 -2.32
CA GLN A 628 3.23 7.36 -1.78
C GLN A 628 4.26 6.95 -2.81
N ALA A 629 3.89 6.07 -3.74
CA ALA A 629 4.81 5.64 -4.78
C ALA A 629 4.75 6.53 -6.01
N ALA A 630 3.80 7.46 -6.09
CA ALA A 630 3.84 8.50 -7.11
C ALA A 630 4.56 9.74 -6.63
N PHE A 631 4.84 9.83 -5.33
CA PHE A 631 5.69 10.89 -4.80
C PHE A 631 7.16 10.52 -4.85
N ILE A 632 7.46 9.22 -4.84
CA ILE A 632 8.82 8.77 -5.10
C ILE A 632 9.19 9.05 -6.55
N TYR A 633 8.24 8.88 -7.46
CA TYR A 633 8.46 9.17 -8.88
C TYR A 633 8.65 10.66 -9.13
N GLY A 634 7.90 11.50 -8.42
CA GLY A 634 7.92 12.93 -8.66
C GLY A 634 8.95 13.72 -7.90
N ASP A 635 9.94 13.09 -7.28
CA ASP A 635 10.94 13.81 -6.51
C ASP A 635 12.09 14.22 -7.43
N VAL A 636 12.43 15.52 -7.39
CA VAL A 636 13.50 16.03 -8.23
C VAL A 636 14.88 15.70 -7.67
N LEU A 637 14.96 15.27 -6.41
CA LEU A 637 16.22 14.90 -5.80
C LEU A 637 16.51 13.41 -5.89
N LEU A 638 15.60 12.65 -6.50
CA LEU A 638 15.87 11.29 -6.94
C LEU A 638 16.01 11.21 -8.44
N TYR A 639 16.31 12.33 -9.08
CA TYR A 639 16.34 12.44 -10.54
C TYR A 639 17.77 12.42 -11.04
N ASN A 640 18.03 11.61 -12.06
CA ASN A 640 19.36 11.44 -12.64
C ASN A 640 19.42 12.29 -13.90
N ALA A 641 19.92 13.51 -13.76
CA ALA A 641 19.91 14.47 -14.87
C ALA A 641 20.95 14.18 -15.93
N LYS A 642 21.90 13.30 -15.68
CA LYS A 642 22.91 12.98 -16.70
C LYS A 642 22.30 12.13 -17.81
N LEU A 643 21.38 11.24 -17.47
CA LEU A 643 20.75 10.36 -18.45
C LEU A 643 19.23 10.42 -18.41
N ASP A 644 18.68 11.54 -17.91
CA ASP A 644 17.29 11.96 -18.12
C ASP A 644 16.28 10.93 -17.58
N TYR A 645 16.31 10.74 -16.27
CA TYR A 645 15.70 9.53 -15.75
C TYR A 645 15.27 9.63 -14.29
N PRO A 646 13.97 9.72 -13.99
CA PRO A 646 13.53 9.73 -12.60
C PRO A 646 13.54 8.34 -11.99
N CYS A 647 13.37 8.30 -10.68
CA CYS A 647 13.17 7.04 -9.96
C CYS A 647 11.81 6.47 -10.31
N THR A 648 11.78 5.38 -11.07
CA THR A 648 10.52 4.83 -11.53
C THR A 648 10.16 3.60 -10.72
N PRO A 649 9.08 3.63 -9.94
CA PRO A 649 8.62 2.41 -9.26
C PRO A 649 8.03 1.41 -10.24
N LYS A 650 8.54 0.19 -10.19
CA LYS A 650 7.96 -0.92 -10.93
C LYS A 650 6.94 -1.69 -10.11
N SER A 651 6.83 -1.40 -8.81
CA SER A 651 5.85 -2.03 -7.94
C SER A 651 5.34 -0.96 -6.99
N TRP A 652 4.09 -0.54 -7.19
CA TRP A 652 3.51 0.63 -6.55
C TRP A 652 2.90 0.33 -5.18
N ASN A 653 3.22 -0.82 -4.58
CA ASN A 653 2.56 -1.19 -3.33
C ASN A 653 3.48 -1.82 -2.29
N ILE A 654 4.79 -1.58 -2.36
CA ILE A 654 5.71 -2.08 -1.35
C ILE A 654 6.51 -0.93 -0.77
N SER A 655 5.93 0.27 -0.78
CA SER A 655 6.61 1.47 -0.34
C SER A 655 6.85 1.51 1.17
N ASP A 656 6.18 0.67 1.95
CA ASP A 656 6.44 0.58 3.38
C ASP A 656 7.42 -0.54 3.73
N ASP A 657 7.82 -1.35 2.75
CA ASP A 657 8.92 -2.28 2.96
C ASP A 657 10.27 -1.59 2.94
N LEU A 658 10.35 -0.37 2.39
CA LEU A 658 11.58 0.40 2.44
C LEU A 658 11.86 0.96 3.83
N GLY A 659 10.84 1.05 4.68
CA GLY A 659 11.03 1.62 5.99
C GLY A 659 11.41 0.66 7.06
N GLN A 660 11.42 -0.64 6.74
CA GLN A 660 11.91 -1.68 7.63
C GLN A 660 12.90 -2.54 6.85
N VAL A 661 14.14 -2.07 6.74
CA VAL A 661 15.22 -2.78 6.08
C VAL A 661 16.40 -2.80 7.03
N GLU A 662 16.86 -3.99 7.39
CA GLU A 662 18.13 -4.11 8.09
C GLU A 662 19.13 -4.97 7.34
N TYR A 663 18.88 -5.29 6.08
CA TYR A 663 19.87 -5.95 5.23
C TYR A 663 19.79 -5.35 3.84
N ILE A 664 20.88 -4.77 3.38
CA ILE A 664 21.03 -4.35 2.00
C ILE A 664 22.12 -5.21 1.38
N PHE A 665 21.76 -5.94 0.33
CA PHE A 665 22.68 -6.83 -0.36
C PHE A 665 23.16 -6.10 -1.62
N SER A 666 24.40 -5.64 -1.59
CA SER A 666 24.92 -4.88 -2.72
C SER A 666 25.78 -5.76 -3.61
N ASP A 667 25.75 -5.46 -4.90
CA ASP A 667 26.78 -5.89 -5.82
C ASP A 667 27.90 -4.84 -5.72
N LYS A 668 29.06 -5.15 -6.29
CA LYS A 668 30.16 -4.19 -6.20
C LYS A 668 30.27 -3.30 -7.43
N THR A 669 30.52 -3.88 -8.60
CA THR A 669 30.77 -3.06 -9.77
C THR A 669 29.47 -2.82 -10.54
N GLY A 670 29.39 -1.65 -11.16
CA GLY A 670 28.19 -1.17 -11.79
C GLY A 670 27.26 -0.41 -10.87
N THR A 671 27.25 -0.75 -9.58
CA THR A 671 26.42 -0.07 -8.60
C THR A 671 27.23 0.71 -7.55
N LEU A 672 28.21 0.11 -6.88
CA LEU A 672 29.13 0.86 -6.03
C LEU A 672 30.33 1.37 -6.79
N THR A 673 30.20 1.53 -8.10
CA THR A 673 31.29 1.70 -9.04
C THR A 673 30.71 2.17 -10.37
N GLN A 674 31.27 3.21 -10.98
CA GLN A 674 30.64 3.76 -12.18
C GLN A 674 30.91 2.96 -13.44
N ASN A 675 31.66 1.85 -13.34
CA ASN A 675 31.74 0.79 -14.34
C ASN A 675 32.33 1.28 -15.66
N VAL A 676 33.17 2.31 -15.61
CA VAL A 676 34.01 2.69 -16.73
C VAL A 676 35.45 2.34 -16.35
N MET A 677 36.11 1.57 -17.21
CA MET A 677 37.35 0.92 -16.85
C MET A 677 38.54 1.70 -17.41
N GLU A 678 39.70 1.50 -16.79
CA GLU A 678 40.91 2.18 -17.20
C GLU A 678 42.09 1.26 -16.90
N PHE A 679 42.76 0.82 -17.96
CA PHE A 679 43.89 -0.10 -17.82
C PHE A 679 45.08 0.62 -17.18
N LYS A 680 45.63 0.04 -16.11
CA LYS A 680 46.77 0.65 -15.43
C LYS A 680 48.02 -0.20 -15.43
N LYS A 681 47.97 -1.42 -14.91
CA LYS A 681 49.16 -2.21 -14.66
C LYS A 681 49.05 -3.55 -15.35
N CYS A 682 50.22 -4.16 -15.60
CA CYS A 682 50.30 -5.46 -16.26
C CYS A 682 51.61 -6.13 -15.89
N THR A 683 51.59 -7.46 -15.89
CA THR A 683 52.78 -8.27 -15.66
C THR A 683 53.00 -9.17 -16.87
N ILE A 684 54.23 -9.23 -17.36
CA ILE A 684 54.61 -10.06 -18.49
C ILE A 684 55.90 -10.78 -18.15
N ASN A 685 55.90 -12.11 -18.30
CA ASN A 685 57.04 -13.00 -18.02
C ASN A 685 57.48 -12.86 -16.56
N GLY A 686 56.52 -12.76 -15.66
CA GLY A 686 56.80 -12.69 -14.25
C GLY A 686 57.06 -11.30 -13.72
N VAL A 687 57.90 -10.54 -14.41
CA VAL A 687 58.31 -9.23 -13.94
C VAL A 687 57.18 -8.22 -14.19
N SER A 688 56.97 -7.33 -13.23
CA SER A 688 55.94 -6.31 -13.32
C SER A 688 56.53 -5.04 -13.91
N TYR A 689 55.78 -4.38 -14.78
CA TYR A 689 56.08 -3.02 -15.18
C TYR A 689 54.76 -2.28 -15.40
N GLY A 690 54.68 -1.08 -14.84
CA GLY A 690 53.49 -0.24 -14.89
C GLY A 690 53.17 0.16 -13.47
N ARG A 691 53.06 1.46 -13.25
CA ARG A 691 52.68 2.02 -11.95
C ARG A 691 51.48 2.94 -12.16
N ALA A 692 51.01 3.51 -11.06
CA ALA A 692 49.92 4.49 -10.98
C ALA A 692 49.83 5.00 -9.55
N TYR A 693 49.27 6.19 -9.40
CA TYR A 693 48.89 6.73 -8.10
C TYR A 693 47.46 7.25 -8.26
N THR A 694 46.49 6.34 -8.13
CA THR A 694 45.09 6.67 -8.40
C THR A 694 44.24 6.62 -7.14
N GLU A 695 44.19 5.47 -6.47
CA GLU A 695 43.51 5.32 -5.19
C GLU A 695 44.34 4.48 -4.24
N ALA A 696 45.65 4.73 -4.22
CA ALA A 696 46.50 4.18 -3.17
C ALA A 696 46.25 4.86 -1.83
N LEU A 697 45.60 6.03 -1.84
CA LEU A 697 45.29 6.78 -0.62
C LEU A 697 44.40 5.99 0.33
N ALA A 698 43.55 5.11 -0.18
CA ALA A 698 42.77 4.22 0.67
C ALA A 698 43.62 3.11 1.29
N GLY A 699 44.81 2.88 0.76
CA GLY A 699 45.74 1.93 1.34
C GLY A 699 46.90 2.62 2.03
N LEU A 700 47.31 3.77 1.50
CA LEU A 700 48.37 4.57 2.10
C LEU A 700 47.71 5.57 3.06
N ARG A 701 47.35 5.06 4.24
CA ARG A 701 46.61 5.85 5.21
C ARG A 701 47.51 6.84 5.94
N LYS A 702 48.51 6.32 6.65
CA LYS A 702 49.33 7.12 7.55
C LYS A 702 50.58 7.67 6.89
N ARG A 703 51.14 6.94 5.92
CA ARG A 703 52.42 7.26 5.32
C ARG A 703 52.26 8.15 4.07
N GLN A 704 51.45 9.19 4.23
CA GLN A 704 50.98 9.99 3.08
C GLN A 704 51.54 11.41 3.19
N GLY A 705 52.47 11.72 2.30
CA GLY A 705 52.93 13.08 2.08
C GLY A 705 53.14 13.29 0.60
N ILE A 706 52.37 12.54 -0.19
CA ILE A 706 52.61 12.31 -1.61
C ILE A 706 51.43 12.91 -2.38
N ASP A 707 50.97 14.07 -1.91
CA ASP A 707 49.84 14.77 -2.55
C ASP A 707 50.11 15.06 -4.03
N VAL A 708 51.29 15.58 -4.35
CA VAL A 708 51.61 15.99 -5.71
C VAL A 708 52.99 15.52 -6.15
N GLU A 709 53.73 14.85 -5.28
CA GLU A 709 55.14 14.54 -5.55
C GLU A 709 55.30 13.45 -6.60
N THR A 710 54.55 12.35 -6.49
CA THR A 710 54.63 11.30 -7.50
C THR A 710 53.96 11.74 -8.80
N GLU A 711 52.76 12.32 -8.70
CA GLU A 711 52.00 12.74 -9.88
C GLU A 711 52.68 13.85 -10.68
N GLY A 712 53.60 14.60 -10.07
CA GLY A 712 54.35 15.62 -10.77
C GLY A 712 55.31 15.08 -11.81
N ARG A 713 56.24 14.21 -11.40
CA ARG A 713 57.18 13.65 -12.37
C ARG A 713 56.58 12.47 -13.15
N ARG A 714 55.43 11.96 -12.71
CA ARG A 714 54.70 10.98 -13.51
C ARG A 714 54.19 11.62 -14.80
N GLU A 715 53.63 12.82 -14.70
CA GLU A 715 53.19 13.56 -15.87
C GLU A 715 54.38 13.96 -16.74
N LYS A 716 55.51 14.27 -16.10
CA LYS A 716 56.74 14.55 -16.83
C LYS A 716 57.26 13.30 -17.53
N ALA A 717 57.02 12.12 -16.94
CA ALA A 717 57.52 10.88 -17.52
C ALA A 717 56.78 10.53 -18.81
N GLU A 718 55.45 10.62 -18.82
CA GLU A 718 54.70 10.24 -20.00
C GLU A 718 54.76 11.29 -21.10
N ILE A 719 54.97 12.57 -20.76
CA ILE A 719 54.98 13.59 -21.78
C ILE A 719 56.35 13.67 -22.47
N ALA A 720 57.39 13.10 -21.86
CA ALA A 720 58.73 13.18 -22.42
C ALA A 720 59.05 12.02 -23.36
N LYS A 721 58.36 10.89 -23.24
CA LYS A 721 58.67 9.73 -24.07
C LYS A 721 57.54 9.31 -25.01
N ASP A 722 56.28 9.44 -24.61
CA ASP A 722 55.18 8.77 -25.32
C ASP A 722 54.75 9.47 -26.59
N ARG A 723 55.49 10.46 -27.07
CA ARG A 723 55.30 10.96 -28.43
C ARG A 723 56.07 10.11 -29.43
N ASP A 724 57.05 9.34 -28.97
CA ASP A 724 57.99 8.63 -29.84
C ASP A 724 57.49 7.21 -30.18
N THR A 725 56.18 7.00 -30.21
CA THR A 725 55.67 5.79 -30.81
C THR A 725 55.68 5.92 -32.33
N MET A 726 55.62 4.77 -33.00
CA MET A 726 55.85 4.71 -34.44
C MET A 726 54.70 4.06 -35.20
N ILE A 727 53.52 3.96 -34.58
CA ILE A 727 52.45 3.12 -35.08
C ILE A 727 51.25 3.97 -35.47
N ASP A 728 50.44 3.43 -36.39
CA ASP A 728 49.23 4.10 -36.84
C ASP A 728 48.16 4.00 -35.76
N GLU A 729 47.19 4.93 -35.83
CA GLU A 729 46.02 5.01 -34.93
C GLU A 729 46.42 5.21 -33.48
N LEU A 730 47.53 5.90 -33.24
CA LEU A 730 47.87 6.35 -31.90
C LEU A 730 47.08 7.62 -31.62
N ARG A 731 46.18 7.57 -30.65
CA ARG A 731 45.33 8.69 -30.27
C ARG A 731 45.74 9.07 -28.86
N ALA A 732 46.69 10.02 -28.75
CA ALA A 732 47.33 10.34 -27.49
C ALA A 732 46.42 11.06 -26.50
N LEU A 733 45.25 11.52 -26.93
CA LEU A 733 44.31 12.14 -25.99
C LEU A 733 43.72 11.09 -25.05
N SER A 734 43.31 9.94 -25.60
CA SER A 734 42.81 8.83 -24.81
C SER A 734 43.86 7.76 -24.55
N GLY A 735 45.06 7.92 -25.10
CA GLY A 735 46.10 6.91 -24.96
C GLY A 735 46.79 6.87 -23.60
N ASN A 736 46.49 7.82 -22.72
CA ASN A 736 47.10 7.84 -21.39
C ASN A 736 46.32 6.92 -20.45
N SER A 737 46.52 5.62 -20.66
CA SER A 737 46.03 4.60 -19.74
C SER A 737 47.18 3.88 -19.06
N GLN A 738 48.06 3.26 -19.82
CA GLN A 738 49.30 2.71 -19.31
C GLN A 738 50.43 3.61 -19.79
N PHE A 739 50.90 4.51 -18.92
CA PHE A 739 52.05 5.34 -19.26
C PHE A 739 53.29 4.47 -19.12
N TYR A 740 54.07 4.41 -20.21
CA TYR A 740 55.19 3.54 -20.55
C TYR A 740 56.27 3.51 -19.48
N PRO A 741 56.40 2.45 -18.67
CA PRO A 741 57.63 2.32 -17.86
C PRO A 741 58.81 1.86 -18.73
N GLU A 742 58.65 0.69 -19.36
CA GLU A 742 59.48 0.11 -20.40
C GLU A 742 58.75 -1.10 -20.99
N GLU A 743 58.61 -1.12 -22.32
CA GLU A 743 58.30 -2.35 -23.05
C GLU A 743 59.46 -2.75 -23.93
N VAL A 744 59.90 -1.87 -24.83
CA VAL A 744 61.10 -2.07 -25.61
C VAL A 744 62.11 -0.95 -25.42
N THR A 745 61.75 0.09 -24.65
CA THR A 745 62.49 1.35 -24.49
C THR A 745 62.79 2.00 -25.86
N PHE A 746 61.83 1.84 -26.77
CA PHE A 746 61.77 2.46 -28.10
C PHE A 746 62.98 2.15 -28.98
N VAL A 747 63.67 1.05 -28.73
CA VAL A 747 64.74 0.56 -29.58
C VAL A 747 64.46 -0.82 -30.14
N SER A 748 63.33 -1.44 -29.74
CA SER A 748 62.75 -2.67 -30.25
C SER A 748 63.56 -3.94 -29.94
N LYS A 749 64.73 -3.79 -29.32
CA LYS A 749 65.63 -4.88 -28.91
C LYS A 749 65.97 -5.80 -30.09
N GLU A 750 66.72 -5.20 -31.03
CA GLU A 750 66.88 -5.71 -32.40
C GLU A 750 67.51 -7.10 -32.42
N PHE A 751 67.30 -7.78 -33.55
CA PHE A 751 67.60 -9.20 -33.69
C PHE A 751 69.02 -9.47 -34.14
N VAL A 752 69.89 -8.46 -34.15
CA VAL A 752 71.26 -8.66 -34.59
C VAL A 752 72.09 -9.37 -33.53
N ARG A 753 71.64 -9.39 -32.27
CA ARG A 753 72.35 -10.13 -31.24
C ARG A 753 72.01 -11.61 -31.28
N ASP A 754 70.76 -11.95 -31.58
CA ASP A 754 70.34 -13.35 -31.68
C ASP A 754 69.18 -13.47 -32.67
N LEU A 755 69.48 -13.91 -33.89
CA LEU A 755 68.43 -14.29 -34.82
C LEU A 755 67.71 -15.54 -34.35
N LYS A 756 68.47 -16.53 -33.84
CA LYS A 756 67.87 -17.74 -33.32
C LYS A 756 67.27 -17.55 -31.93
N GLY A 757 67.62 -16.47 -31.24
CA GLY A 757 67.02 -16.19 -29.94
C GLY A 757 67.59 -17.05 -28.83
N ALA A 758 66.83 -17.08 -27.72
CA ALA A 758 67.12 -17.86 -26.51
C ALA A 758 68.47 -17.51 -25.88
N SER A 759 68.85 -16.23 -25.94
CA SER A 759 70.07 -15.78 -25.30
C SER A 759 69.95 -14.42 -24.64
N GLY A 760 68.78 -13.82 -24.62
CA GLY A 760 68.58 -12.52 -24.01
C GLY A 760 67.46 -11.76 -24.68
N GLU A 761 66.77 -10.94 -23.86
CA GLU A 761 65.65 -10.08 -24.28
C GLU A 761 64.52 -10.87 -24.93
N VAL A 762 64.23 -12.05 -24.36
CA VAL A 762 63.07 -12.83 -24.79
C VAL A 762 61.77 -12.23 -24.28
N GLN A 763 61.85 -11.31 -23.30
CA GLN A 763 60.69 -10.55 -22.86
C GLN A 763 60.14 -9.67 -23.97
N GLN A 764 61.00 -9.21 -24.88
CA GLN A 764 60.56 -8.40 -26.01
C GLN A 764 59.66 -9.19 -26.95
N ARG A 765 60.04 -10.43 -27.25
CA ARG A 765 59.16 -11.30 -28.03
C ARG A 765 57.96 -11.76 -27.22
N CYS A 766 58.10 -11.84 -25.89
CA CYS A 766 56.99 -12.27 -25.05
C CYS A 766 55.95 -11.17 -24.88
N CYS A 767 56.41 -9.91 -24.78
CA CYS A 767 55.49 -8.79 -24.58
C CYS A 767 54.69 -8.49 -25.85
N GLU A 768 55.31 -8.65 -27.02
CA GLU A 768 54.58 -8.48 -28.27
C GLU A 768 53.55 -9.59 -28.46
N HIS A 769 53.85 -10.79 -27.97
CA HIS A 769 52.87 -11.87 -28.03
C HIS A 769 51.77 -11.68 -26.99
N PHE A 770 52.07 -10.99 -25.89
CA PHE A 770 51.07 -10.70 -24.87
C PHE A 770 50.01 -9.74 -25.39
N MET A 771 50.43 -8.54 -25.80
CA MET A 771 49.50 -7.50 -26.23
C MET A 771 48.81 -7.83 -27.54
N LEU A 772 49.41 -8.71 -28.35
CA LEU A 772 48.68 -9.28 -29.49
C LEU A 772 47.51 -10.14 -29.00
N ALA A 773 47.78 -11.07 -28.08
CA ALA A 773 46.74 -11.91 -27.53
C ALA A 773 45.75 -11.15 -26.66
N LEU A 774 46.18 -10.02 -26.09
CA LEU A 774 45.25 -9.17 -25.36
C LEU A 774 44.31 -8.43 -26.30
N ALA A 775 44.79 -8.05 -27.49
CA ALA A 775 43.94 -7.43 -28.49
C ALA A 775 43.12 -8.44 -29.26
N LEU A 776 43.62 -9.67 -29.41
CA LEU A 776 42.96 -10.66 -30.24
C LEU A 776 41.77 -11.30 -29.53
N CYS A 777 41.83 -11.44 -28.21
CA CYS A 777 40.82 -12.21 -27.48
C CYS A 777 39.90 -11.22 -26.77
N HIS A 778 38.67 -11.14 -27.24
CA HIS A 778 37.72 -10.10 -26.83
C HIS A 778 36.33 -10.48 -27.33
N SER A 779 35.38 -9.56 -27.14
CA SER A 779 34.08 -9.62 -27.81
C SER A 779 33.64 -8.22 -28.24
N VAL A 780 34.60 -7.34 -28.52
CA VAL A 780 34.31 -5.95 -28.91
C VAL A 780 34.30 -5.87 -30.43
N LEU A 781 33.37 -5.08 -30.96
CA LEU A 781 33.18 -4.90 -32.40
C LEU A 781 33.65 -3.53 -32.82
N VAL A 782 33.76 -3.34 -34.14
CA VAL A 782 34.25 -2.11 -34.73
C VAL A 782 33.09 -1.38 -35.39
N GLU A 783 32.90 -0.12 -35.00
CA GLU A 783 31.97 0.80 -35.66
C GLU A 783 32.73 2.07 -36.03
N ALA A 784 32.03 3.02 -36.64
CA ALA A 784 32.61 4.29 -37.03
C ALA A 784 31.66 5.41 -36.66
N ASN A 785 32.14 6.31 -35.80
CA ASN A 785 31.35 7.48 -35.44
C ASN A 785 31.26 8.46 -36.62
N PRO A 786 30.15 9.20 -36.73
CA PRO A 786 30.02 10.15 -37.85
C PRO A 786 30.84 11.42 -37.69
N ASP A 787 31.50 11.62 -36.55
CA ASP A 787 32.30 12.83 -36.37
C ASP A 787 33.57 12.78 -37.20
N ASN A 788 34.28 11.66 -37.16
CA ASN A 788 35.54 11.50 -37.88
C ASN A 788 35.53 10.12 -38.53
N PRO A 789 35.67 10.02 -39.86
CA PRO A 789 35.79 8.69 -40.47
C PRO A 789 37.12 8.03 -40.20
N LYS A 790 38.17 8.79 -39.90
CA LYS A 790 39.47 8.20 -39.59
C LYS A 790 39.51 7.65 -38.17
N LYS A 791 39.09 8.45 -37.20
CA LYS A 791 39.04 8.01 -35.81
C LYS A 791 37.88 7.03 -35.62
N LEU A 792 38.17 5.88 -35.02
CA LEU A 792 37.19 4.83 -34.83
C LEU A 792 37.04 4.51 -33.35
N ASP A 793 35.80 4.38 -32.91
CA ASP A 793 35.47 4.05 -31.55
C ASP A 793 35.09 2.59 -31.41
N LEU A 794 35.15 2.10 -30.17
CA LEU A 794 34.91 0.69 -29.87
C LEU A 794 33.95 0.59 -28.70
N LYS A 795 32.86 -0.14 -28.87
CA LYS A 795 31.90 -0.38 -27.80
C LYS A 795 31.74 -1.87 -27.58
N ALA A 796 31.54 -2.25 -26.32
CA ALA A 796 31.43 -3.65 -25.95
C ALA A 796 30.44 -3.78 -24.80
N GLN A 797 30.10 -5.03 -24.49
CA GLN A 797 29.22 -5.29 -23.35
C GLN A 797 30.01 -5.26 -22.04
N SER A 798 31.16 -5.93 -22.01
CA SER A 798 32.02 -5.91 -20.84
C SER A 798 33.02 -4.78 -20.94
N PRO A 799 33.05 -3.83 -20.00
CA PRO A 799 33.96 -2.69 -20.12
C PRO A 799 35.43 -3.03 -19.90
N ASP A 800 35.75 -4.24 -19.43
CA ASP A 800 37.13 -4.68 -19.44
C ASP A 800 37.67 -4.82 -20.85
N GLU A 801 36.94 -5.53 -21.71
CA GLU A 801 37.37 -5.75 -23.07
C GLU A 801 37.40 -4.46 -23.88
N ALA A 802 36.57 -3.48 -23.51
CA ALA A 802 36.71 -2.14 -24.08
C ALA A 802 38.00 -1.48 -23.62
N ALA A 803 38.42 -1.74 -22.37
CA ALA A 803 39.62 -1.11 -21.84
C ALA A 803 40.88 -1.89 -22.17
N LEU A 804 40.78 -3.20 -22.35
CA LEU A 804 41.97 -3.99 -22.68
C LEU A 804 42.44 -3.72 -24.10
N VAL A 805 41.51 -3.61 -25.05
CA VAL A 805 41.92 -3.32 -26.42
C VAL A 805 42.28 -1.86 -26.60
N ALA A 806 41.90 -0.99 -25.66
CA ALA A 806 42.20 0.44 -25.79
C ALA A 806 43.69 0.70 -25.61
N THR A 807 44.29 0.11 -24.58
CA THR A 807 45.74 0.20 -24.43
C THR A 807 46.45 -0.67 -25.47
N ALA A 808 45.80 -1.76 -25.89
CA ALA A 808 46.38 -2.64 -26.90
C ALA A 808 46.51 -1.97 -28.27
N ARG A 809 45.69 -0.96 -28.56
CA ARG A 809 45.89 -0.15 -29.76
C ARG A 809 46.69 1.13 -29.46
N ASP A 810 47.20 1.29 -28.24
CA ASP A 810 48.11 2.39 -27.96
C ASP A 810 49.57 2.01 -28.16
N VAL A 811 49.92 0.74 -27.93
CA VAL A 811 51.27 0.27 -28.19
C VAL A 811 51.24 -0.76 -29.31
N GLY A 812 51.33 -0.27 -30.55
CA GLY A 812 51.15 -1.07 -31.75
C GLY A 812 49.75 -1.67 -31.80
N PHE A 813 49.63 -2.71 -32.63
CA PHE A 813 48.61 -3.76 -32.48
C PHE A 813 47.19 -3.21 -32.64
N SER A 814 47.00 -2.36 -33.64
CA SER A 814 45.75 -1.59 -33.78
C SER A 814 44.62 -2.50 -34.22
N PHE A 815 43.66 -2.73 -33.34
CA PHE A 815 42.45 -3.46 -33.65
C PHE A 815 41.53 -2.54 -34.44
N VAL A 816 41.41 -2.77 -35.74
CA VAL A 816 40.75 -1.82 -36.63
C VAL A 816 39.52 -2.38 -37.32
N GLY A 817 39.35 -3.71 -37.39
CA GLY A 817 38.26 -4.26 -38.18
C GLY A 817 37.89 -5.66 -37.75
N LYS A 818 36.63 -6.01 -38.03
CA LYS A 818 36.10 -7.33 -37.71
C LYS A 818 35.53 -7.94 -39.00
N THR A 819 36.25 -8.90 -39.56
CA THR A 819 35.80 -9.59 -40.76
C THR A 819 34.82 -10.70 -40.36
N LYS A 820 33.89 -11.01 -41.27
CA LYS A 820 32.93 -12.08 -41.04
C LYS A 820 33.58 -13.46 -40.91
N LYS A 821 34.79 -13.65 -41.43
CA LYS A 821 35.55 -14.88 -41.24
C LYS A 821 36.83 -14.65 -40.45
N GLY A 822 37.51 -13.52 -40.66
CA GLY A 822 38.78 -13.24 -40.03
C GLY A 822 38.70 -12.09 -39.04
N LEU A 823 39.87 -11.51 -38.78
CA LEU A 823 39.96 -10.38 -37.86
C LEU A 823 41.20 -9.59 -38.21
N ILE A 824 41.05 -8.27 -38.37
CA ILE A 824 42.09 -7.42 -38.95
C ILE A 824 42.78 -6.66 -37.83
N ILE A 825 44.07 -6.94 -37.64
CA ILE A 825 44.91 -6.28 -36.65
C ILE A 825 46.25 -5.93 -37.31
N GLU A 826 46.63 -4.66 -37.24
CA GLU A 826 47.93 -4.21 -37.75
C GLU A 826 48.97 -4.30 -36.64
N MET A 827 49.78 -5.35 -36.66
CA MET A 827 50.91 -5.45 -35.73
C MET A 827 51.97 -4.45 -36.13
N GLN A 828 52.12 -3.39 -35.34
CA GLN A 828 53.03 -2.26 -35.60
C GLN A 828 52.79 -1.63 -36.96
N GLY A 829 51.52 -1.53 -37.36
CA GLY A 829 51.13 -0.99 -38.64
C GLY A 829 51.04 -2.03 -39.75
N ILE A 830 51.78 -3.12 -39.64
CA ILE A 830 51.80 -4.16 -40.67
C ILE A 830 50.54 -4.99 -40.53
N GLN A 831 49.67 -4.92 -41.54
CA GLN A 831 48.37 -5.59 -41.48
C GLN A 831 48.53 -7.09 -41.72
N LYS A 832 47.85 -7.88 -40.90
CA LYS A 832 47.77 -9.32 -41.08
C LYS A 832 46.47 -9.80 -40.45
N GLU A 833 45.72 -10.63 -41.17
CA GLU A 833 44.39 -11.04 -40.76
C GLU A 833 44.44 -12.40 -40.08
N PHE A 834 43.83 -12.49 -38.91
CA PHE A 834 43.70 -13.73 -38.16
C PHE A 834 42.27 -14.23 -38.23
N GLU A 835 42.08 -15.49 -38.59
CA GLU A 835 40.75 -16.07 -38.66
C GLU A 835 40.43 -16.78 -37.35
N ILE A 836 39.37 -16.35 -36.70
CA ILE A 836 38.86 -16.98 -35.48
C ILE A 836 37.67 -17.88 -35.86
N LEU A 837 37.53 -19.00 -35.18
CA LEU A 837 36.43 -19.91 -35.49
C LEU A 837 35.71 -20.46 -34.26
N ASN A 838 36.23 -20.25 -33.05
CA ASN A 838 35.54 -20.64 -31.82
C ASN A 838 35.73 -19.53 -30.81
N ILE A 839 34.65 -18.83 -30.49
CA ILE A 839 34.62 -17.85 -29.41
C ILE A 839 33.88 -18.50 -28.25
N LEU A 840 34.62 -18.87 -27.21
CA LEU A 840 34.04 -19.45 -26.01
C LEU A 840 33.52 -18.32 -25.13
N GLU A 841 32.22 -18.33 -24.86
CA GLU A 841 31.52 -17.15 -24.35
C GLU A 841 31.80 -16.97 -22.87
N PHE A 842 31.16 -15.94 -22.29
CA PHE A 842 31.38 -15.56 -20.90
C PHE A 842 30.03 -15.30 -20.23
N ASN A 843 29.68 -16.11 -19.24
CA ASN A 843 28.71 -15.76 -18.23
C ASN A 843 29.39 -15.82 -16.86
N SER A 844 28.76 -15.18 -15.87
CA SER A 844 29.43 -14.93 -14.60
C SER A 844 29.60 -16.18 -13.74
N SER A 845 28.90 -17.27 -14.04
CA SER A 845 29.14 -18.52 -13.34
C SER A 845 30.30 -19.30 -13.92
N ARG A 846 30.93 -18.81 -14.99
CA ARG A 846 32.06 -19.45 -15.65
C ARG A 846 33.39 -18.81 -15.29
N LYS A 847 33.42 -17.49 -15.14
CA LYS A 847 34.54 -16.67 -14.68
C LYS A 847 35.73 -16.69 -15.63
N ARG A 848 35.55 -17.09 -16.88
CA ARG A 848 36.57 -16.93 -17.90
C ARG A 848 35.90 -16.94 -19.27
N MET A 849 36.63 -16.43 -20.26
CA MET A 849 36.24 -16.57 -21.65
C MET A 849 37.49 -16.91 -22.45
N SER A 850 37.32 -17.75 -23.48
CA SER A 850 38.43 -18.20 -24.28
C SER A 850 38.15 -17.91 -25.76
N CYS A 851 39.20 -18.10 -26.56
CA CYS A 851 39.12 -17.85 -27.99
C CYS A 851 40.22 -18.66 -28.67
N ILE A 852 39.97 -19.07 -29.90
CA ILE A 852 40.92 -19.84 -30.69
C ILE A 852 41.42 -18.96 -31.83
N VAL A 853 42.60 -19.29 -32.34
CA VAL A 853 43.14 -18.63 -33.52
C VAL A 853 43.98 -19.64 -34.29
N LYS A 854 43.96 -19.53 -35.62
CA LYS A 854 44.78 -20.37 -36.48
C LYS A 854 45.96 -19.56 -36.99
N ILE A 855 47.16 -19.99 -36.66
CA ILE A 855 48.37 -19.34 -37.20
C ILE A 855 48.49 -19.70 -38.68
N PRO A 856 48.63 -18.74 -39.57
CA PRO A 856 48.79 -19.06 -41.01
C PRO A 856 50.14 -19.69 -41.28
N GLY A 857 50.28 -20.20 -42.50
CA GLY A 857 51.47 -20.91 -42.90
C GLY A 857 52.70 -20.04 -42.99
N LEU A 858 53.62 -20.21 -42.03
CA LEU A 858 54.87 -19.47 -41.99
C LEU A 858 56.08 -20.31 -42.34
N ASN A 859 56.04 -21.64 -42.07
CA ASN A 859 57.08 -22.56 -42.51
C ASN A 859 56.75 -23.14 -43.88
N PRO A 860 57.76 -23.48 -44.68
CA PRO A 860 57.47 -24.02 -46.02
C PRO A 860 56.94 -25.44 -45.95
N GLY A 861 55.78 -25.64 -46.57
CA GLY A 861 55.22 -26.98 -46.72
C GLY A 861 54.63 -27.58 -45.47
N ASP A 862 54.05 -26.76 -44.59
CA ASP A 862 53.40 -27.27 -43.39
C ASP A 862 52.30 -26.30 -42.97
N GLU A 863 51.16 -26.86 -42.58
CA GLU A 863 50.10 -26.08 -41.96
C GLU A 863 50.33 -26.11 -40.45
N PRO A 864 50.70 -25.00 -39.82
CA PRO A 864 51.14 -25.05 -38.42
C PRO A 864 49.96 -25.24 -37.46
N ARG A 865 50.31 -25.45 -36.20
CA ARG A 865 49.34 -25.76 -35.16
C ARG A 865 48.59 -24.50 -34.73
N ALA A 866 47.55 -24.71 -33.94
CA ALA A 866 46.65 -23.64 -33.51
C ALA A 866 47.03 -23.13 -32.13
N LEU A 867 46.34 -22.08 -31.70
CA LEU A 867 46.59 -21.45 -30.41
C LEU A 867 45.27 -21.01 -29.78
N LEU A 868 45.08 -21.36 -28.52
CA LEU A 868 43.98 -20.82 -27.72
C LEU A 868 44.51 -19.74 -26.80
N ILE A 869 43.70 -18.71 -26.59
CA ILE A 869 44.00 -17.65 -25.63
C ILE A 869 42.82 -17.58 -24.68
N CYS A 870 43.08 -17.67 -23.39
CA CYS A 870 42.04 -17.69 -22.37
C CYS A 870 42.33 -16.57 -21.36
N LYS A 871 41.33 -15.73 -21.11
CA LYS A 871 41.43 -14.74 -20.06
C LYS A 871 40.28 -14.92 -19.08
N GLY A 872 40.54 -14.56 -17.83
CA GLY A 872 39.55 -14.76 -16.79
C GLY A 872 40.16 -14.51 -15.42
N ALA A 873 39.39 -14.86 -14.40
CA ALA A 873 39.80 -14.64 -13.02
C ALA A 873 40.99 -15.52 -12.65
N ASP A 874 41.87 -14.98 -11.79
CA ASP A 874 43.05 -15.75 -11.39
C ASP A 874 42.73 -16.91 -10.46
N SER A 875 41.57 -16.90 -9.80
CA SER A 875 41.17 -18.03 -8.98
C SER A 875 40.78 -19.25 -9.81
N ILE A 876 40.55 -19.10 -11.11
CA ILE A 876 40.25 -20.22 -11.98
C ILE A 876 41.35 -20.49 -13.01
N ILE A 877 42.26 -19.56 -13.25
CA ILE A 877 43.33 -19.77 -14.22
C ILE A 877 44.52 -20.50 -13.58
N TYR A 878 44.90 -20.14 -12.34
CA TYR A 878 45.96 -20.85 -11.66
C TYR A 878 45.58 -22.29 -11.30
N SER A 879 44.28 -22.58 -11.18
CA SER A 879 43.85 -23.96 -10.99
C SER A 879 43.98 -24.79 -12.26
N ARG A 880 44.07 -24.14 -13.43
CA ARG A 880 44.18 -24.82 -14.71
C ARG A 880 45.49 -24.37 -15.36
N LEU A 881 46.59 -25.04 -15.00
CA LEU A 881 47.89 -24.73 -15.56
C LEU A 881 48.60 -26.03 -15.91
N SER A 882 49.80 -25.88 -16.48
CA SER A 882 50.60 -27.02 -16.91
C SER A 882 51.52 -27.48 -15.78
N ARG A 883 51.78 -28.78 -15.76
CA ARG A 883 52.72 -29.36 -14.81
C ARG A 883 53.85 -30.11 -15.51
N GLN A 884 54.04 -29.90 -16.81
CA GLN A 884 55.03 -30.62 -17.58
C GLN A 884 55.95 -29.71 -18.39
N SER A 885 55.75 -28.40 -18.36
CA SER A 885 56.56 -27.48 -19.11
C SER A 885 57.80 -27.08 -18.32
N GLY A 886 58.64 -26.23 -18.91
CA GLY A 886 59.76 -25.65 -18.20
C GLY A 886 59.42 -24.43 -17.37
N SER A 887 58.23 -23.87 -17.57
CA SER A 887 57.75 -22.70 -16.85
C SER A 887 56.72 -23.07 -15.79
N ASN A 888 56.99 -24.15 -15.06
CA ASN A 888 56.13 -24.67 -14.01
C ASN A 888 56.24 -23.86 -12.73
N SER A 889 55.84 -24.45 -11.60
CA SER A 889 55.84 -23.72 -10.33
C SER A 889 57.25 -23.46 -9.85
N GLU A 890 57.78 -22.30 -10.22
CA GLU A 890 59.05 -21.78 -9.71
C GLU A 890 58.84 -20.29 -9.45
N ALA A 891 59.93 -19.54 -9.31
CA ALA A 891 59.84 -18.11 -9.03
C ALA A 891 59.28 -17.31 -10.21
N ILE A 892 59.31 -17.86 -11.43
CA ILE A 892 58.79 -17.12 -12.57
C ILE A 892 57.27 -17.13 -12.64
N LEU A 893 56.60 -18.04 -11.95
CA LEU A 893 55.15 -18.03 -11.84
C LEU A 893 54.69 -17.58 -10.46
N GLU A 894 55.54 -17.70 -9.44
CA GLU A 894 55.15 -17.30 -8.10
C GLU A 894 55.07 -15.77 -7.97
N LYS A 895 55.96 -15.05 -8.66
CA LYS A 895 55.93 -13.60 -8.54
C LYS A 895 54.86 -12.95 -9.41
N THR A 896 54.23 -13.71 -10.32
CA THR A 896 53.04 -13.18 -10.99
C THR A 896 51.87 -13.09 -10.03
N ALA A 897 51.66 -14.13 -9.22
CA ALA A 897 50.63 -14.09 -8.19
C ALA A 897 51.00 -13.14 -7.06
N LEU A 898 52.29 -12.90 -6.84
CA LEU A 898 52.71 -11.93 -5.85
C LEU A 898 52.39 -10.51 -6.30
N HIS A 899 52.45 -10.26 -7.61
CA HIS A 899 52.18 -8.93 -8.13
C HIS A 899 50.68 -8.64 -8.19
N LEU A 900 49.88 -9.65 -8.53
CA LEU A 900 48.44 -9.43 -8.68
C LEU A 900 47.75 -9.24 -7.33
N GLU A 901 48.25 -9.88 -6.27
CA GLU A 901 47.72 -9.57 -4.95
C GLU A 901 48.25 -8.24 -4.44
N GLN A 902 49.37 -7.78 -5.00
CA GLN A 902 49.83 -6.43 -4.73
C GLN A 902 49.04 -5.41 -5.55
N TYR A 903 48.53 -5.83 -6.72
CA TYR A 903 47.70 -4.94 -7.51
C TYR A 903 46.30 -4.81 -6.93
N ALA A 904 45.83 -5.84 -6.23
CA ALA A 904 44.48 -5.80 -5.68
C ALA A 904 44.42 -5.01 -4.38
N THR A 905 45.47 -5.08 -3.56
CA THR A 905 45.57 -4.18 -2.41
C THR A 905 45.84 -2.75 -2.82
N GLU A 906 46.40 -2.55 -4.02
CA GLU A 906 46.45 -1.22 -4.63
C GLU A 906 45.05 -0.72 -4.99
N GLY A 907 44.12 -1.64 -5.26
CA GLY A 907 42.75 -1.28 -5.55
C GLY A 907 42.27 -1.67 -6.94
N LEU A 908 43.11 -2.30 -7.74
CA LEU A 908 42.79 -2.57 -9.14
C LEU A 908 42.13 -3.94 -9.26
N ARG A 909 41.31 -4.10 -10.31
CA ARG A 909 40.63 -5.37 -10.53
C ARG A 909 41.48 -6.26 -11.42
N THR A 910 41.95 -7.38 -10.86
CA THR A 910 42.92 -8.22 -11.52
C THR A 910 42.25 -9.21 -12.47
N LEU A 911 43.08 -9.81 -13.32
CA LEU A 911 42.69 -10.65 -14.43
C LEU A 911 43.95 -11.32 -14.96
N CYS A 912 43.84 -12.57 -15.39
CA CYS A 912 44.99 -13.29 -15.94
C CYS A 912 44.82 -13.58 -17.41
N ILE A 913 45.95 -13.61 -18.11
CA ILE A 913 46.02 -14.00 -19.52
C ILE A 913 46.79 -15.31 -19.59
N ALA A 914 46.21 -16.30 -20.27
CA ALA A 914 46.82 -17.62 -20.34
C ALA A 914 46.54 -18.24 -21.69
N GLN A 915 47.54 -18.95 -22.22
CA GLN A 915 47.45 -19.56 -23.54
C GLN A 915 47.89 -21.02 -23.48
N ARG A 916 47.62 -21.72 -24.59
CA ARG A 916 48.23 -23.01 -24.89
C ARG A 916 48.15 -23.24 -26.38
N GLU A 917 49.27 -23.60 -26.99
CA GLU A 917 49.27 -24.01 -28.39
C GLU A 917 48.61 -25.39 -28.49
N LEU A 918 47.58 -25.50 -29.31
CA LEU A 918 46.95 -26.79 -29.55
C LEU A 918 47.50 -27.39 -30.83
N SER A 919 47.91 -28.65 -30.76
CA SER A 919 48.45 -29.35 -31.92
C SER A 919 47.36 -29.58 -32.95
N TRP A 920 47.73 -29.49 -34.23
CA TRP A 920 46.78 -29.55 -35.32
C TRP A 920 46.19 -30.96 -35.50
N SER A 921 46.90 -31.99 -35.04
CA SER A 921 46.36 -33.34 -35.11
C SER A 921 45.22 -33.52 -34.12
N GLU A 922 45.40 -33.10 -32.88
CA GLU A 922 44.37 -33.17 -31.85
C GLU A 922 43.41 -31.99 -31.88
N TYR A 923 43.58 -31.07 -32.84
CA TYR A 923 42.69 -29.91 -32.92
C TYR A 923 41.29 -30.31 -33.39
N GLU A 924 41.21 -31.19 -34.39
CA GLU A 924 39.95 -31.67 -34.91
C GLU A 924 39.51 -32.98 -34.26
N LYS A 925 39.85 -33.19 -33.00
CA LYS A 925 39.26 -34.26 -32.20
C LYS A 925 38.12 -33.75 -31.33
N TRP A 926 37.97 -32.43 -31.20
CA TRP A 926 36.93 -31.85 -30.37
C TRP A 926 36.04 -30.87 -31.11
N ASN A 927 36.31 -30.60 -32.40
CA ASN A 927 35.38 -29.79 -33.18
C ASN A 927 34.09 -30.54 -33.47
N GLU A 928 34.20 -31.85 -33.77
CA GLU A 928 33.01 -32.68 -33.96
C GLU A 928 32.31 -33.01 -32.66
N LYS A 929 32.97 -32.76 -31.51
CA LYS A 929 32.29 -32.89 -30.24
C LYS A 929 31.33 -31.73 -30.01
N TYR A 930 31.54 -30.61 -30.70
CA TYR A 930 30.53 -29.54 -30.73
C TYR A 930 29.39 -29.85 -31.68
N ASP A 931 29.53 -30.85 -32.55
CA ASP A 931 28.42 -31.20 -33.43
C ASP A 931 27.29 -31.87 -32.65
N ILE A 932 27.62 -32.61 -31.59
CA ILE A 932 26.58 -33.16 -30.72
C ILE A 932 26.17 -32.20 -29.61
N ALA A 933 26.90 -31.10 -29.41
CA ALA A 933 26.56 -30.15 -28.35
C ALA A 933 26.15 -28.78 -28.88
N ALA A 934 27.00 -28.14 -29.69
CA ALA A 934 26.69 -26.78 -30.15
C ALA A 934 25.79 -26.80 -31.38
N ALA A 935 26.00 -27.75 -32.29
CA ALA A 935 25.14 -27.87 -33.46
C ALA A 935 23.80 -28.51 -33.12
N SER A 936 23.68 -29.14 -31.95
CA SER A 936 22.44 -29.77 -31.52
C SER A 936 21.62 -28.77 -30.71
N LEU A 937 20.62 -29.29 -29.99
CA LEU A 937 19.73 -28.47 -29.18
C LEU A 937 20.40 -27.96 -27.91
N ALA A 938 21.50 -28.57 -27.49
CA ALA A 938 22.09 -28.31 -26.18
C ALA A 938 23.14 -27.21 -26.20
N ASN A 939 22.98 -26.21 -27.06
CA ASN A 939 23.98 -25.17 -27.25
C ASN A 939 23.87 -24.03 -26.25
N ARG A 940 23.04 -24.15 -25.20
CA ARG A 940 22.93 -23.08 -24.22
C ARG A 940 23.02 -23.56 -22.78
N GLU A 941 23.20 -24.86 -22.53
CA GLU A 941 23.34 -25.36 -21.18
C GLU A 941 24.65 -26.14 -21.05
N ASP A 942 24.80 -26.87 -19.94
CA ASP A 942 26.07 -27.36 -19.43
C ASP A 942 26.74 -28.44 -20.29
N GLU A 943 26.08 -28.98 -21.32
CA GLU A 943 26.83 -29.84 -22.24
C GLU A 943 27.79 -29.03 -23.09
N LEU A 944 27.47 -27.77 -23.40
CA LEU A 944 28.43 -26.93 -24.09
C LEU A 944 29.55 -26.47 -23.18
N GLU A 945 29.28 -26.36 -21.87
CA GLU A 945 30.34 -25.96 -20.95
C GLU A 945 31.34 -27.09 -20.73
N VAL A 946 30.85 -28.33 -20.59
CA VAL A 946 31.74 -29.45 -20.30
C VAL A 946 32.55 -29.83 -21.54
N VAL A 947 32.04 -29.53 -22.74
CA VAL A 947 32.84 -29.78 -23.94
C VAL A 947 33.80 -28.62 -24.19
N ALA A 948 33.55 -27.45 -23.59
CA ALA A 948 34.54 -26.38 -23.58
C ALA A 948 35.51 -26.51 -22.42
N ASP A 949 35.13 -27.26 -21.38
CA ASP A 949 35.97 -27.49 -20.22
C ASP A 949 37.12 -28.44 -20.54
N SER A 950 36.95 -29.31 -21.53
CA SER A 950 37.95 -30.34 -21.81
C SER A 950 39.19 -29.78 -22.52
N ILE A 951 39.06 -28.62 -23.16
CA ILE A 951 40.21 -28.01 -23.84
C ILE A 951 40.98 -27.09 -22.90
N GLU A 952 40.29 -26.42 -22.00
CA GLU A 952 40.89 -25.49 -21.05
C GLU A 952 41.55 -26.17 -19.84
N ARG A 953 41.84 -27.48 -19.92
CA ARG A 953 42.24 -28.25 -18.75
C ARG A 953 43.59 -27.82 -18.20
N GLU A 954 44.61 -27.79 -19.05
CA GLU A 954 45.89 -27.22 -18.67
C GLU A 954 46.28 -26.15 -19.67
N LEU A 955 46.84 -25.05 -19.16
CA LEU A 955 47.24 -23.91 -19.97
C LEU A 955 48.66 -23.53 -19.55
N ILE A 956 49.18 -22.46 -20.12
CA ILE A 956 50.44 -21.90 -19.65
C ILE A 956 50.24 -20.41 -19.43
N LEU A 957 50.96 -19.87 -18.46
CA LEU A 957 50.75 -18.49 -18.03
C LEU A 957 51.45 -17.55 -18.98
N LEU A 958 50.70 -16.60 -19.54
CA LEU A 958 51.25 -15.58 -20.41
C LEU A 958 51.47 -14.26 -19.68
N GLY A 959 50.53 -13.86 -18.83
CA GLY A 959 50.72 -12.66 -18.04
C GLY A 959 49.45 -12.28 -17.31
N GLY A 960 49.53 -11.13 -16.64
CA GLY A 960 48.42 -10.60 -15.88
C GLY A 960 48.08 -9.19 -16.31
N THR A 961 46.97 -8.69 -15.78
CA THR A 961 46.44 -7.39 -16.14
C THR A 961 45.57 -6.84 -15.02
N ALA A 962 45.73 -5.54 -14.74
CA ALA A 962 45.01 -4.84 -13.68
C ALA A 962 44.38 -3.57 -14.25
N ILE A 963 43.23 -3.18 -13.69
CA ILE A 963 42.35 -2.19 -14.27
C ILE A 963 41.86 -1.24 -13.17
N GLU A 964 41.97 0.07 -13.40
CA GLU A 964 41.38 1.05 -12.48
C GLU A 964 39.87 0.98 -12.55
N ASP A 965 39.22 1.04 -11.40
CA ASP A 965 37.76 0.98 -11.36
C ASP A 965 37.28 2.02 -10.36
N ARG A 966 36.85 3.18 -10.86
CA ARG A 966 36.51 4.30 -9.99
C ARG A 966 35.12 4.11 -9.40
N LEU A 967 34.89 4.77 -8.27
CA LEU A 967 33.61 4.67 -7.57
C LEU A 967 32.63 5.71 -8.11
N GLN A 968 31.34 5.44 -7.89
CA GLN A 968 30.34 6.44 -8.19
C GLN A 968 30.40 7.58 -7.18
N ASP A 969 29.82 8.71 -7.56
CA ASP A 969 29.82 9.87 -6.69
C ASP A 969 28.88 9.67 -5.52
N GLY A 970 29.35 9.98 -4.31
CA GLY A 970 28.53 9.90 -3.13
C GLY A 970 28.33 8.51 -2.56
N VAL A 971 28.94 7.48 -3.15
CA VAL A 971 28.93 6.15 -2.53
C VAL A 971 29.64 6.10 -1.18
N PRO A 972 30.81 6.72 -0.97
CA PRO A 972 31.32 6.82 0.42
C PRO A 972 30.49 7.68 1.33
N ASP A 973 29.58 8.51 0.81
CA ASP A 973 28.62 9.22 1.63
C ASP A 973 27.31 8.48 1.79
N CYS A 974 27.01 7.54 0.90
CA CYS A 974 25.76 6.78 0.99
C CYS A 974 25.88 5.58 1.93
N ILE A 975 27.01 4.87 1.88
CA ILE A 975 27.23 3.74 2.78
C ILE A 975 27.36 4.22 4.21
N GLU A 976 28.07 5.33 4.40
CA GLU A 976 28.26 5.91 5.73
C GLU A 976 26.96 6.44 6.30
N LEU A 977 26.00 6.78 5.44
CA LEU A 977 24.72 7.30 5.89
C LEU A 977 23.73 6.19 6.18
N LEU A 978 23.88 5.04 5.52
CA LEU A 978 23.03 3.88 5.78
C LEU A 978 23.51 3.10 6.99
N ALA A 979 24.83 3.03 7.20
CA ALA A 979 25.36 2.30 8.34
C ALA A 979 25.18 3.06 9.65
N GLU A 980 24.88 4.36 9.59
CA GLU A 980 24.44 5.08 10.78
C GLU A 980 23.02 4.69 11.17
N ALA A 981 22.18 4.44 10.19
CA ALA A 981 20.76 4.16 10.39
C ALA A 981 20.48 2.74 10.87
N GLY A 982 21.49 1.95 11.22
CA GLY A 982 21.26 0.63 11.74
C GLY A 982 21.04 -0.45 10.72
N ILE A 983 21.38 -0.21 9.45
CA ILE A 983 21.20 -1.20 8.41
C ILE A 983 22.49 -2.00 8.27
N LYS A 984 22.37 -3.32 8.26
CA LYS A 984 23.53 -4.21 8.11
C LYS A 984 23.75 -4.46 6.63
N LEU A 985 24.77 -3.79 6.06
CA LEU A 985 25.04 -3.85 4.63
C LEU A 985 25.99 -4.99 4.30
N TRP A 986 25.65 -5.76 3.27
CA TRP A 986 26.56 -6.75 2.74
C TRP A 986 26.98 -6.33 1.33
N VAL A 987 28.10 -6.88 0.87
CA VAL A 987 28.58 -6.65 -0.49
C VAL A 987 28.83 -8.03 -1.10
N LEU A 988 27.96 -8.44 -2.01
CA LEU A 988 28.07 -9.74 -2.68
C LEU A 988 28.75 -9.50 -4.01
N THR A 989 30.08 -9.50 -4.01
CA THR A 989 30.83 -9.24 -5.22
C THR A 989 31.14 -10.54 -5.95
N GLY A 990 31.97 -10.48 -6.98
CA GLY A 990 32.31 -11.65 -7.76
C GLY A 990 33.77 -11.72 -8.14
N ASP A 991 34.56 -10.76 -7.68
CA ASP A 991 35.99 -10.74 -7.94
C ASP A 991 36.77 -10.94 -6.64
N LYS A 992 38.08 -10.72 -6.71
CA LYS A 992 39.02 -11.27 -5.74
C LYS A 992 38.86 -10.58 -4.38
N VAL A 993 39.34 -11.28 -3.34
CA VAL A 993 39.13 -10.87 -1.96
C VAL A 993 39.83 -9.55 -1.67
N GLU A 994 41.07 -9.41 -2.15
CA GLU A 994 41.86 -8.23 -1.78
C GLU A 994 41.43 -6.98 -2.52
N THR A 995 40.71 -7.13 -3.64
CA THR A 995 40.12 -5.97 -4.29
C THR A 995 38.93 -5.44 -3.51
N ALA A 996 37.99 -6.33 -3.16
CA ALA A 996 36.76 -5.91 -2.50
C ALA A 996 36.98 -5.43 -1.07
N ILE A 997 38.11 -5.79 -0.45
CA ILE A 997 38.45 -5.20 0.83
C ILE A 997 38.90 -3.76 0.64
N ASN A 998 39.73 -3.50 -0.37
CA ASN A 998 40.23 -2.13 -0.58
C ASN A 998 39.16 -1.23 -1.18
N ILE A 999 38.22 -1.79 -1.94
CA ILE A 999 37.03 -1.03 -2.31
C ILE A 999 36.16 -0.81 -1.07
N GLY A 1000 36.15 -1.80 -0.16
CA GLY A 1000 35.35 -1.70 1.05
C GLY A 1000 35.86 -0.69 2.06
N PHE A 1001 37.11 -0.22 1.91
CA PHE A 1001 37.57 0.86 2.77
C PHE A 1001 37.25 2.24 2.19
N SER A 1002 37.43 2.41 0.88
CA SER A 1002 37.20 3.70 0.25
C SER A 1002 35.72 4.00 0.02
N CYS A 1003 34.84 3.03 0.27
CA CYS A 1003 33.41 3.31 0.31
C CYS A 1003 32.89 3.40 1.74
N ASN A 1004 33.80 3.47 2.72
CA ASN A 1004 33.50 3.67 4.14
C ASN A 1004 32.60 2.57 4.72
N LEU A 1005 32.74 1.34 4.24
CA LEU A 1005 32.05 0.21 4.83
C LEU A 1005 32.82 -0.35 6.02
N LEU A 1006 34.14 -0.26 5.98
CA LEU A 1006 35.02 -0.84 6.99
C LEU A 1006 35.72 0.29 7.74
N ASN A 1007 35.79 0.19 9.06
CA ASN A 1007 36.51 1.20 9.85
C ASN A 1007 37.77 0.61 10.47
N ASN A 1008 37.63 -0.29 11.45
CA ASN A 1008 38.69 -1.22 11.87
C ASN A 1008 38.01 -2.40 12.56
N GLU A 1009 37.63 -3.40 11.78
CA GLU A 1009 36.75 -4.44 12.32
C GLU A 1009 37.01 -5.87 11.82
N MET A 1010 37.81 -6.07 10.77
CA MET A 1010 37.71 -7.23 9.89
C MET A 1010 38.11 -8.54 10.58
N GLU A 1011 37.41 -9.62 10.21
CA GLU A 1011 37.77 -10.98 10.62
C GLU A 1011 37.53 -11.91 9.43
N LEU A 1012 38.60 -12.57 8.99
CA LEU A 1012 38.61 -13.26 7.70
C LEU A 1012 38.46 -14.76 7.89
N LEU A 1013 37.72 -15.40 6.98
CA LEU A 1013 37.66 -16.85 6.92
C LEU A 1013 37.94 -17.28 5.48
N VAL A 1014 38.81 -18.27 5.32
CA VAL A 1014 39.28 -18.68 4.00
C VAL A 1014 39.47 -20.19 4.02
N ILE A 1015 39.35 -20.79 2.82
CA ILE A 1015 39.56 -22.23 2.69
C ILE A 1015 41.06 -22.58 2.72
N LYS A 1016 41.92 -21.69 2.18
CA LYS A 1016 43.37 -21.79 2.01
C LYS A 1016 43.88 -23.15 1.53
N THR A 1017 43.08 -23.84 0.70
CA THR A 1017 43.46 -25.10 0.07
C THR A 1017 42.60 -25.28 -1.18
N THR A 1018 42.83 -26.37 -1.90
CA THR A 1018 42.21 -26.58 -3.20
C THR A 1018 41.34 -27.84 -3.27
N GLY A 1019 40.87 -28.34 -2.12
CA GLY A 1019 40.06 -29.54 -2.13
C GLY A 1019 38.58 -29.30 -1.89
N ASP A 1020 37.75 -30.28 -2.25
CA ASP A 1020 36.32 -30.22 -2.04
C ASP A 1020 35.85 -31.49 -1.32
N ASP A 1021 34.56 -31.56 -1.02
CA ASP A 1021 33.97 -32.69 -0.30
C ASP A 1021 33.52 -33.74 -1.31
N VAL A 1022 34.32 -34.80 -1.45
CA VAL A 1022 33.93 -35.96 -2.23
C VAL A 1022 33.44 -37.10 -1.36
N LYS A 1023 33.37 -36.88 -0.05
CA LYS A 1023 32.96 -37.93 0.89
C LYS A 1023 31.45 -38.13 0.86
N GLU A 1024 31.02 -39.26 1.41
CA GLU A 1024 29.61 -39.48 1.70
C GLU A 1024 29.39 -39.72 3.20
N PHE A 1025 30.10 -40.67 3.79
CA PHE A 1025 29.92 -41.04 5.19
C PHE A 1025 31.23 -40.87 5.95
N GLY A 1026 31.16 -40.19 7.09
CA GLY A 1026 32.27 -40.14 8.03
C GLY A 1026 33.47 -39.35 7.56
N SER A 1027 34.62 -39.71 8.15
CA SER A 1027 35.94 -39.12 7.88
C SER A 1027 35.95 -37.61 8.12
N GLU A 1028 35.48 -37.20 9.30
CA GLU A 1028 35.49 -35.79 9.65
C GLU A 1028 36.86 -35.29 10.14
N PRO A 1029 37.62 -36.00 11.00
CA PRO A 1029 38.99 -35.53 11.27
C PRO A 1029 39.98 -35.83 10.16
N SER A 1030 39.74 -36.87 9.35
CA SER A 1030 40.68 -37.25 8.31
C SER A 1030 40.62 -36.29 7.12
N GLU A 1031 39.42 -35.84 6.76
CA GLU A 1031 39.27 -34.96 5.62
C GLU A 1031 39.23 -33.51 6.11
N ILE A 1032 39.70 -32.60 5.27
CA ILE A 1032 40.13 -31.27 5.71
C ILE A 1032 39.10 -30.20 5.42
N VAL A 1033 38.59 -30.13 4.18
CA VAL A 1033 38.15 -28.84 3.63
C VAL A 1033 36.85 -28.33 4.24
N ASP A 1034 35.97 -29.20 4.74
CA ASP A 1034 34.87 -28.69 5.54
C ASP A 1034 35.12 -28.81 7.03
N ALA A 1035 36.16 -29.54 7.43
CA ALA A 1035 36.53 -29.61 8.84
C ALA A 1035 37.15 -28.30 9.31
N LEU A 1036 37.94 -27.64 8.46
CA LEU A 1036 38.50 -26.36 8.88
C LEU A 1036 37.54 -25.20 8.62
N LEU A 1037 36.38 -25.47 8.01
CA LEU A 1037 35.29 -24.50 8.07
C LEU A 1037 34.50 -24.66 9.36
N SER A 1038 34.34 -25.91 9.82
CA SER A 1038 33.65 -26.16 11.08
C SER A 1038 34.48 -25.71 12.27
N LYS A 1039 35.80 -25.96 12.24
CA LYS A 1039 36.62 -25.57 13.38
C LYS A 1039 36.94 -24.08 13.38
N TYR A 1040 36.76 -23.40 12.25
CA TYR A 1040 37.04 -21.96 12.25
C TYR A 1040 35.84 -21.17 12.74
N LEU A 1041 34.63 -21.59 12.35
CA LEU A 1041 33.43 -20.87 12.78
C LEU A 1041 33.08 -21.18 14.23
N LYS A 1042 33.15 -22.45 14.64
CA LYS A 1042 32.92 -22.79 16.03
C LYS A 1042 34.04 -22.35 16.96
N GLU A 1043 35.23 -22.93 16.77
CA GLU A 1043 36.23 -22.94 17.83
C GLU A 1043 37.02 -21.63 17.88
N TYR A 1044 37.10 -20.90 16.77
CA TYR A 1044 37.72 -19.58 16.76
C TYR A 1044 36.69 -18.46 16.86
N PHE A 1045 35.43 -18.78 17.11
CA PHE A 1045 34.45 -17.73 17.43
C PHE A 1045 33.55 -18.13 18.59
N ASN A 1046 34.11 -18.83 19.57
CA ASN A 1046 33.70 -18.68 20.95
C ASN A 1046 34.41 -17.50 21.60
N LEU A 1047 35.38 -16.91 20.90
CA LEU A 1047 36.18 -15.79 21.38
C LEU A 1047 35.39 -14.49 21.36
N THR A 1048 35.00 -14.04 20.17
CA THR A 1048 34.17 -12.85 20.00
C THR A 1048 32.73 -13.31 19.71
N GLY A 1049 31.90 -13.24 20.73
CA GLY A 1049 30.61 -13.88 20.72
C GLY A 1049 30.69 -15.34 21.14
N SER A 1050 29.67 -15.79 21.86
CA SER A 1050 29.66 -17.16 22.38
C SER A 1050 28.31 -17.77 22.00
N GLU A 1051 28.30 -18.57 20.94
CA GLU A 1051 27.07 -19.14 20.41
C GLU A 1051 27.29 -20.61 20.08
N GLU A 1052 26.18 -21.26 19.72
CA GLU A 1052 26.12 -22.70 19.50
C GLU A 1052 25.06 -22.96 18.43
N GLU A 1053 24.57 -24.20 18.37
CA GLU A 1053 23.48 -24.59 17.47
C GLU A 1053 22.12 -24.13 17.99
N ILE A 1054 21.04 -24.72 17.43
CA ILE A 1054 19.73 -24.07 17.32
C ILE A 1054 19.12 -23.73 18.69
N PHE A 1055 18.65 -22.48 18.81
CA PHE A 1055 17.81 -22.00 19.91
C PHE A 1055 16.96 -20.87 19.36
N GLU A 1056 15.69 -20.80 19.81
CA GLU A 1056 14.72 -19.91 19.19
C GLU A 1056 14.75 -18.49 19.76
N ALA A 1057 15.82 -18.10 20.46
CA ALA A 1057 16.09 -16.72 20.82
C ALA A 1057 16.89 -15.99 19.74
N LYS A 1058 16.74 -16.44 18.50
CA LYS A 1058 17.62 -16.14 17.38
C LYS A 1058 17.17 -14.90 16.61
N LYS A 1059 16.07 -14.27 17.02
CA LYS A 1059 15.48 -13.14 16.31
C LYS A 1059 15.58 -11.91 17.21
N ASP A 1060 16.69 -11.18 17.07
CA ASP A 1060 16.94 -9.94 17.80
C ASP A 1060 17.33 -8.89 16.78
N HIS A 1061 16.46 -7.91 16.56
CA HIS A 1061 16.60 -6.96 15.47
C HIS A 1061 17.51 -5.77 15.81
N GLU A 1062 18.27 -5.85 16.90
CA GLU A 1062 19.14 -4.75 17.28
C GLU A 1062 20.35 -4.67 16.36
N PHE A 1063 20.90 -3.47 16.24
CA PHE A 1063 22.15 -3.28 15.51
C PHE A 1063 23.30 -3.72 16.40
N PRO A 1064 24.25 -4.52 15.89
CA PRO A 1064 25.26 -5.12 16.77
C PRO A 1064 26.26 -4.08 17.29
N LYS A 1065 26.61 -4.24 18.57
CA LYS A 1065 27.41 -3.23 19.26
C LYS A 1065 28.86 -3.26 18.81
N GLY A 1066 29.53 -4.39 19.03
CA GLY A 1066 30.92 -4.52 18.63
C GLY A 1066 31.05 -4.68 17.12
N ASN A 1067 31.83 -3.82 16.50
CA ASN A 1067 31.97 -3.84 15.05
C ASN A 1067 32.94 -4.93 14.60
N TYR A 1068 32.42 -5.88 13.83
CA TYR A 1068 33.23 -6.93 13.21
C TYR A 1068 32.75 -7.10 11.78
N ALA A 1069 33.55 -7.79 10.97
CA ALA A 1069 33.18 -7.97 9.56
C ALA A 1069 33.74 -9.27 9.03
N ILE A 1070 32.87 -10.08 8.44
CA ILE A 1070 33.29 -11.31 7.77
C ILE A 1070 33.67 -10.97 6.35
N VAL A 1071 34.83 -11.46 5.91
CA VAL A 1071 35.14 -11.59 4.50
C VAL A 1071 35.40 -13.06 4.20
N ILE A 1072 34.71 -13.59 3.21
CA ILE A 1072 34.62 -15.03 2.95
C ILE A 1072 34.91 -15.30 1.48
N ASP A 1073 35.74 -16.31 1.22
CA ASP A 1073 36.34 -16.57 -0.09
C ASP A 1073 35.34 -17.11 -1.12
N GLY A 1074 34.11 -17.40 -0.73
CA GLY A 1074 33.16 -17.94 -1.72
C GLY A 1074 33.22 -19.42 -1.95
N ASP A 1075 34.43 -19.98 -2.07
CA ASP A 1075 34.59 -21.42 -2.00
C ASP A 1075 34.35 -21.91 -0.58
N ALA A 1076 34.61 -21.07 0.42
CA ALA A 1076 34.22 -21.31 1.79
C ALA A 1076 32.79 -20.86 2.07
N LEU A 1077 32.07 -20.37 1.07
CA LEU A 1077 30.64 -20.14 1.16
C LEU A 1077 29.84 -21.30 0.61
N LYS A 1078 30.40 -22.02 -0.36
CA LYS A 1078 29.79 -23.26 -0.84
C LYS A 1078 29.86 -24.36 0.22
N LEU A 1079 30.91 -24.35 1.04
CA LEU A 1079 31.04 -25.35 2.09
C LEU A 1079 30.32 -24.95 3.38
N ALA A 1080 29.94 -23.68 3.52
CA ALA A 1080 29.18 -23.23 4.67
C ALA A 1080 27.70 -23.04 4.36
N LEU A 1081 27.27 -23.42 3.16
CA LEU A 1081 25.84 -23.49 2.81
C LEU A 1081 25.49 -24.83 2.21
N TYR A 1082 26.36 -25.84 2.34
CA TYR A 1082 26.09 -27.14 1.74
C TYR A 1082 25.08 -27.92 2.56
N GLY A 1083 25.37 -28.11 3.85
CA GLY A 1083 24.50 -28.88 4.70
C GLY A 1083 23.82 -28.09 5.80
N GLU A 1084 22.73 -28.62 6.33
CA GLU A 1084 22.14 -28.06 7.54
C GLU A 1084 23.02 -28.39 8.75
N ASP A 1085 23.05 -27.45 9.70
CA ASP A 1085 23.79 -27.25 10.96
C ASP A 1085 25.17 -26.64 10.73
N ILE A 1086 25.59 -26.41 9.48
CA ILE A 1086 26.72 -25.54 9.22
C ILE A 1086 26.28 -24.23 8.55
N ARG A 1087 25.10 -24.22 7.90
CA ARG A 1087 24.56 -22.95 7.43
C ARG A 1087 23.97 -22.12 8.56
N ARG A 1088 23.65 -22.74 9.69
CA ARG A 1088 23.22 -22.00 10.87
C ARG A 1088 24.40 -21.49 11.67
N LYS A 1089 25.62 -21.96 11.38
CA LYS A 1089 26.80 -21.37 11.99
C LYS A 1089 27.27 -20.17 11.19
N PHE A 1090 27.07 -20.19 9.88
CA PHE A 1090 27.35 -19.02 9.06
C PHE A 1090 26.33 -17.92 9.31
N LEU A 1091 25.06 -18.30 9.48
CA LEU A 1091 24.00 -17.30 9.63
C LEU A 1091 24.04 -16.65 11.00
N LEU A 1092 24.49 -17.38 12.02
CA LEU A 1092 24.52 -16.82 13.36
C LEU A 1092 25.79 -16.01 13.60
N LEU A 1093 26.81 -16.19 12.77
CA LEU A 1093 27.98 -15.32 12.82
C LEU A 1093 27.76 -14.04 12.02
N CYS A 1094 26.98 -14.11 10.94
CA CYS A 1094 26.69 -12.94 10.13
C CYS A 1094 25.48 -12.16 10.62
N LYS A 1095 24.69 -12.72 11.52
CA LYS A 1095 23.70 -11.95 12.25
C LYS A 1095 24.37 -10.94 13.18
N ASN A 1096 25.54 -11.29 13.70
CA ASN A 1096 26.18 -10.54 14.78
C ASN A 1096 27.34 -9.68 14.30
N CYS A 1097 27.34 -9.30 13.01
CA CYS A 1097 28.41 -8.47 12.46
C CYS A 1097 27.82 -7.46 11.48
N ARG A 1098 28.46 -6.28 11.43
CA ARG A 1098 27.91 -5.13 10.73
C ARG A 1098 28.06 -5.18 9.22
N ALA A 1099 28.98 -6.00 8.71
CA ALA A 1099 29.25 -6.02 7.28
C ALA A 1099 29.80 -7.38 6.89
N VAL A 1100 29.43 -7.85 5.71
CA VAL A 1100 29.86 -9.15 5.21
C VAL A 1100 30.35 -8.95 3.77
N LEU A 1101 31.60 -9.32 3.51
CA LEU A 1101 32.21 -9.18 2.19
C LEU A 1101 32.33 -10.57 1.58
N CYS A 1102 31.27 -11.03 0.93
CA CYS A 1102 31.29 -12.30 0.21
C CYS A 1102 31.99 -12.08 -1.12
N CYS A 1103 33.14 -12.71 -1.31
CA CYS A 1103 33.95 -12.53 -2.50
C CYS A 1103 34.00 -13.83 -3.30
N ARG A 1104 34.29 -13.69 -4.60
CA ARG A 1104 34.33 -14.78 -5.57
C ARG A 1104 33.03 -15.57 -5.60
N VAL A 1105 31.92 -14.86 -5.56
CA VAL A 1105 30.60 -15.45 -5.34
C VAL A 1105 29.87 -15.53 -6.67
N SER A 1106 29.51 -16.76 -7.05
CA SER A 1106 28.72 -17.00 -8.24
C SER A 1106 27.33 -16.40 -8.09
N PRO A 1107 26.67 -16.03 -9.20
CA PRO A 1107 25.30 -15.50 -9.12
C PRO A 1107 24.27 -16.48 -8.59
N SER A 1108 24.55 -17.79 -8.61
CA SER A 1108 23.67 -18.74 -7.94
C SER A 1108 23.91 -18.74 -6.43
N GLN A 1109 25.11 -18.34 -6.00
CA GLN A 1109 25.40 -18.20 -4.58
C GLN A 1109 25.04 -16.82 -4.06
N LYS A 1110 24.83 -15.84 -4.94
CA LYS A 1110 24.30 -14.55 -4.52
C LYS A 1110 22.85 -14.68 -4.07
N ALA A 1111 22.04 -15.40 -4.83
CA ALA A 1111 20.63 -15.55 -4.48
C ALA A 1111 20.44 -16.57 -3.37
N ALA A 1112 21.38 -17.49 -3.19
CA ALA A 1112 21.24 -18.50 -2.14
C ALA A 1112 21.50 -17.91 -0.77
N VAL A 1113 22.35 -16.90 -0.69
CA VAL A 1113 22.67 -16.28 0.59
C VAL A 1113 21.68 -15.18 0.94
N VAL A 1114 20.94 -14.65 -0.04
CA VAL A 1114 19.88 -13.70 0.25
C VAL A 1114 18.68 -14.41 0.86
N LYS A 1115 18.24 -15.50 0.22
CA LYS A 1115 17.11 -16.25 0.74
C LYS A 1115 17.47 -17.13 1.93
N LEU A 1116 18.75 -17.22 2.29
CA LEU A 1116 19.11 -17.88 3.54
C LEU A 1116 18.85 -16.97 4.73
N VAL A 1117 19.23 -15.69 4.61
CA VAL A 1117 18.97 -14.73 5.67
C VAL A 1117 17.48 -14.37 5.71
N LYS A 1118 16.81 -14.46 4.56
CA LYS A 1118 15.42 -13.99 4.46
C LYS A 1118 14.45 -14.93 5.17
N ASP A 1119 14.59 -16.24 4.97
CA ASP A 1119 13.57 -17.12 5.53
C ASP A 1119 13.95 -17.68 6.90
N SER A 1120 15.22 -17.99 7.13
CA SER A 1120 15.65 -18.57 8.39
C SER A 1120 15.67 -17.54 9.52
N LEU A 1121 15.72 -16.26 9.18
CA LEU A 1121 15.43 -15.18 10.09
C LEU A 1121 14.08 -14.58 9.72
N ASP A 1122 13.61 -13.66 10.54
CA ASP A 1122 12.33 -12.98 10.31
C ASP A 1122 12.58 -11.56 9.84
N VAL A 1123 13.55 -11.39 8.94
CA VAL A 1123 14.06 -10.08 8.60
C VAL A 1123 13.56 -9.69 7.22
N MET A 1124 13.79 -8.43 6.85
CA MET A 1124 13.41 -7.90 5.55
C MET A 1124 14.63 -7.35 4.86
N THR A 1125 14.85 -7.80 3.63
CA THR A 1125 16.08 -7.58 2.89
C THR A 1125 15.84 -6.68 1.69
N LEU A 1126 16.87 -5.91 1.33
CA LEU A 1126 16.93 -5.18 0.06
C LEU A 1126 18.10 -5.73 -0.75
N ALA A 1127 18.00 -5.60 -2.07
CA ALA A 1127 19.04 -6.09 -2.97
C ALA A 1127 19.21 -5.09 -4.11
N ILE A 1128 20.17 -4.18 -3.98
CA ILE A 1128 20.45 -3.20 -5.01
C ILE A 1128 21.60 -3.71 -5.88
N GLY A 1129 21.46 -3.54 -7.20
CA GLY A 1129 22.51 -3.93 -8.11
C GLY A 1129 22.04 -3.96 -9.55
N ASP A 1130 22.97 -3.76 -10.49
CA ASP A 1130 22.67 -3.84 -11.92
C ASP A 1130 23.32 -5.09 -12.51
N GLY A 1131 23.15 -5.25 -13.80
CA GLY A 1131 23.79 -6.35 -14.49
C GLY A 1131 22.85 -7.51 -14.71
N SER A 1132 23.02 -8.19 -15.85
CA SER A 1132 22.22 -9.36 -16.16
C SER A 1132 22.58 -10.55 -15.28
N ASN A 1133 23.80 -10.57 -14.74
CA ASN A 1133 24.20 -11.58 -13.77
C ASN A 1133 23.66 -11.30 -12.37
N ASP A 1134 22.93 -10.21 -12.19
CA ASP A 1134 22.34 -9.84 -10.91
C ASP A 1134 20.87 -9.58 -11.16
N VAL A 1135 20.10 -10.66 -11.25
CA VAL A 1135 18.64 -10.60 -11.25
C VAL A 1135 18.03 -11.62 -10.30
N ALA A 1136 18.75 -12.68 -9.94
CA ALA A 1136 18.23 -13.64 -8.97
C ALA A 1136 18.41 -13.14 -7.54
N MET A 1137 19.38 -12.25 -7.32
CA MET A 1137 19.50 -11.60 -6.02
C MET A 1137 18.36 -10.61 -5.80
N ILE A 1138 17.94 -9.94 -6.86
CA ILE A 1138 16.89 -8.94 -6.76
C ILE A 1138 15.53 -9.60 -6.54
N GLN A 1139 15.24 -10.68 -7.27
CA GLN A 1139 13.94 -11.32 -7.17
C GLN A 1139 13.77 -12.09 -5.87
N SER A 1140 14.85 -12.56 -5.27
CA SER A 1140 14.77 -13.36 -4.06
C SER A 1140 14.81 -12.52 -2.79
N ALA A 1141 14.75 -11.19 -2.91
CA ALA A 1141 14.68 -10.31 -1.75
C ALA A 1141 13.26 -9.83 -1.56
N ASP A 1142 13.07 -8.94 -0.58
CA ASP A 1142 11.78 -8.29 -0.39
C ASP A 1142 11.64 -7.08 -1.28
N VAL A 1143 12.57 -6.13 -1.18
CA VAL A 1143 12.66 -5.02 -2.11
C VAL A 1143 13.85 -5.28 -3.01
N GLY A 1144 13.70 -4.98 -4.29
CA GLY A 1144 14.82 -5.10 -5.20
C GLY A 1144 15.02 -3.84 -5.98
N ILE A 1145 16.17 -3.20 -5.80
CA ILE A 1145 16.49 -1.94 -6.45
C ILE A 1145 17.34 -2.24 -7.67
N GLY A 1146 17.06 -1.57 -8.78
CA GLY A 1146 17.84 -1.78 -9.98
C GLY A 1146 18.50 -0.52 -10.48
N ILE A 1147 19.83 -0.53 -10.55
CA ILE A 1147 20.57 0.61 -11.06
C ILE A 1147 20.44 0.65 -12.58
N ALA A 1148 19.94 1.75 -13.11
CA ALA A 1148 19.80 1.90 -14.55
C ALA A 1148 20.98 2.69 -15.10
N GLY A 1149 20.94 2.96 -16.41
CA GLY A 1149 21.94 3.75 -17.08
C GLY A 1149 23.24 3.04 -17.41
N GLU A 1150 23.55 1.93 -16.74
CA GLU A 1150 24.81 1.23 -16.92
C GLU A 1150 24.66 0.15 -17.99
N GLU A 1151 25.59 -0.80 -18.02
CA GLU A 1151 25.59 -1.90 -19.00
C GLU A 1151 24.34 -2.78 -18.89
N GLY A 1152 23.73 -2.86 -17.72
CA GLY A 1152 22.60 -3.75 -17.54
C GLY A 1152 21.31 -3.06 -17.19
N ARG A 1153 20.37 -3.03 -18.13
CA ARG A 1153 18.98 -2.71 -17.83
C ARG A 1153 18.12 -3.96 -17.82
N GLN A 1154 18.74 -5.11 -17.54
CA GLN A 1154 18.05 -6.35 -17.28
C GLN A 1154 17.68 -6.48 -15.81
N ALA A 1155 18.49 -5.89 -14.93
CA ALA A 1155 18.19 -5.81 -13.51
C ALA A 1155 17.23 -4.68 -13.17
N VAL A 1156 16.81 -3.90 -14.16
CA VAL A 1156 15.83 -2.86 -13.95
C VAL A 1156 14.41 -3.42 -14.11
N MET A 1157 14.24 -4.42 -14.98
CA MET A 1157 12.92 -5.01 -15.19
C MET A 1157 12.49 -5.92 -14.05
N CYS A 1158 13.42 -6.69 -13.50
CA CYS A 1158 13.12 -7.58 -12.38
C CYS A 1158 13.11 -6.85 -11.04
N SER A 1159 13.26 -5.53 -11.04
CA SER A 1159 13.37 -4.75 -9.83
C SER A 1159 11.99 -4.28 -9.37
N ASP A 1160 11.98 -3.54 -8.27
CA ASP A 1160 10.80 -2.84 -7.78
C ASP A 1160 10.94 -1.34 -7.88
N TYR A 1161 12.06 -0.79 -7.44
CA TYR A 1161 12.43 0.59 -7.72
C TYR A 1161 13.65 0.58 -8.62
N ALA A 1162 13.83 1.67 -9.36
CA ALA A 1162 14.77 1.71 -10.47
C ALA A 1162 15.58 3.00 -10.45
N ILE A 1163 16.28 3.25 -9.34
CA ILE A 1163 17.04 4.50 -9.19
C ILE A 1163 18.20 4.57 -10.19
N GLY A 1164 18.69 5.78 -10.40
CA GLY A 1164 19.70 6.03 -11.43
C GLY A 1164 21.11 5.69 -11.01
N GLN A 1165 21.61 6.32 -9.96
CA GLN A 1165 22.90 6.02 -9.39
C GLN A 1165 22.71 5.37 -8.02
N PHE A 1166 23.81 5.09 -7.34
CA PHE A 1166 23.71 4.43 -6.05
C PHE A 1166 23.30 5.39 -4.95
N ARG A 1167 23.70 6.65 -5.04
CA ARG A 1167 23.54 7.60 -3.94
C ARG A 1167 22.09 8.00 -3.72
N TYR A 1168 21.18 7.64 -4.61
CA TYR A 1168 19.76 7.89 -4.45
C TYR A 1168 19.10 6.82 -3.60
N LEU A 1169 19.85 5.85 -3.10
CA LEU A 1169 19.27 4.83 -2.23
C LEU A 1169 19.05 5.37 -0.82
N ALA A 1170 19.99 6.19 -0.33
CA ALA A 1170 19.83 6.77 1.00
C ALA A 1170 18.74 7.84 1.03
N ARG A 1171 18.45 8.45 -0.11
CA ARG A 1171 17.29 9.34 -0.18
C ARG A 1171 16.01 8.54 -0.33
N LEU A 1172 16.08 7.38 -0.97
CA LEU A 1172 14.89 6.53 -1.11
C LEU A 1172 14.53 5.86 0.20
N VAL A 1173 15.53 5.31 0.90
CA VAL A 1173 15.25 4.50 2.09
C VAL A 1173 14.98 5.38 3.30
N LEU A 1174 15.82 6.38 3.54
CA LEU A 1174 15.74 7.11 4.80
C LEU A 1174 14.67 8.19 4.78
N VAL A 1175 14.23 8.64 3.61
CA VAL A 1175 13.22 9.68 3.49
C VAL A 1175 11.89 9.10 3.01
N HIS A 1176 11.87 8.51 1.82
CA HIS A 1176 10.63 7.99 1.28
C HIS A 1176 10.27 6.60 1.79
N GLY A 1177 11.10 5.97 2.60
CA GLY A 1177 10.71 4.69 3.17
C GLY A 1177 10.33 4.83 4.62
N ARG A 1178 11.10 5.65 5.34
CA ARG A 1178 10.85 5.89 6.75
C ARG A 1178 9.55 6.67 6.96
N TRP A 1179 9.24 7.59 6.04
CA TRP A 1179 7.93 8.22 6.04
C TRP A 1179 6.83 7.21 5.77
N SER A 1180 6.96 6.47 4.67
CA SER A 1180 5.92 5.58 4.19
C SER A 1180 5.69 4.37 5.09
N TYR A 1181 6.56 4.12 6.06
CA TYR A 1181 6.28 3.11 7.06
C TYR A 1181 5.41 3.67 8.17
N LYS A 1182 5.75 4.85 8.68
CA LYS A 1182 5.02 5.46 9.78
C LYS A 1182 3.69 6.06 9.34
N ARG A 1183 3.47 6.23 8.04
CA ARG A 1183 2.17 6.66 7.54
C ARG A 1183 1.18 5.50 7.54
N LEU A 1184 1.61 4.33 7.05
CA LEU A 1184 0.77 3.15 7.09
C LEU A 1184 0.73 2.48 8.46
N ALA A 1185 1.63 2.82 9.36
CA ALA A 1185 1.54 2.31 10.73
C ALA A 1185 0.73 3.21 11.64
N GLU A 1186 -0.01 4.18 11.09
CA GLU A 1186 -0.87 5.01 11.92
C GLU A 1186 -2.27 5.09 11.34
N MET A 1187 -2.42 4.97 10.02
CA MET A 1187 -3.78 4.98 9.48
C MET A 1187 -4.46 3.64 9.54
N ILE A 1188 -3.72 2.54 9.74
CA ILE A 1188 -4.36 1.24 9.94
C ILE A 1188 -5.01 1.18 11.33
N PRO A 1189 -4.36 1.57 12.45
CA PRO A 1189 -5.12 1.61 13.70
C PRO A 1189 -6.11 2.76 13.80
N GLU A 1190 -6.06 3.73 12.89
CA GLU A 1190 -7.07 4.78 12.85
C GLU A 1190 -8.10 4.56 11.76
N PHE A 1191 -8.19 3.35 11.22
CA PHE A 1191 -9.32 2.96 10.40
C PHE A 1191 -10.26 2.01 11.12
N PHE A 1192 -9.72 1.19 12.02
CA PHE A 1192 -10.53 0.34 12.87
C PHE A 1192 -11.01 1.07 14.11
N TYR A 1193 -10.35 2.18 14.45
CA TYR A 1193 -10.84 3.10 15.47
C TYR A 1193 -12.12 3.78 15.02
N LYS A 1194 -12.10 4.39 13.83
CA LYS A 1194 -13.23 5.18 13.35
C LYS A 1194 -14.44 4.32 12.99
N ASN A 1195 -14.25 3.02 12.75
CA ASN A 1195 -15.39 2.11 12.66
C ASN A 1195 -16.13 2.04 13.98
N MET A 1196 -15.41 1.76 15.06
CA MET A 1196 -16.03 1.44 16.34
C MET A 1196 -16.59 2.66 17.05
N ILE A 1197 -16.17 3.88 16.70
CA ILE A 1197 -16.77 5.04 17.33
C ILE A 1197 -18.18 5.29 16.79
N PHE A 1198 -18.51 4.72 15.64
CA PHE A 1198 -19.82 4.88 15.01
C PHE A 1198 -20.64 3.61 15.03
N ALA A 1199 -20.11 2.51 14.50
CA ALA A 1199 -20.89 1.30 14.28
C ALA A 1199 -21.03 0.43 15.52
N LEU A 1200 -20.49 0.85 16.66
CA LEU A 1200 -20.71 0.15 17.91
C LEU A 1200 -21.87 0.75 18.70
N ALA A 1201 -22.29 1.97 18.37
CA ALA A 1201 -23.49 2.53 18.98
C ALA A 1201 -24.77 1.98 18.39
N LEU A 1202 -24.69 1.13 17.37
CA LEU A 1202 -25.82 0.30 16.98
C LEU A 1202 -26.03 -0.85 17.95
N PHE A 1203 -25.04 -1.17 18.77
CA PHE A 1203 -25.17 -2.13 19.84
C PHE A 1203 -25.62 -1.49 21.13
N TRP A 1204 -25.15 -0.26 21.42
CA TRP A 1204 -25.55 0.40 22.66
C TRP A 1204 -27.00 0.86 22.60
N TYR A 1205 -27.52 1.15 21.42
CA TYR A 1205 -28.96 1.36 21.29
C TYR A 1205 -29.72 0.04 21.34
N GLY A 1206 -29.03 -1.08 21.12
CA GLY A 1206 -29.66 -2.38 21.22
C GLY A 1206 -30.18 -2.72 22.61
N ILE A 1207 -29.54 -2.19 23.65
CA ILE A 1207 -29.98 -2.49 25.01
C ILE A 1207 -31.18 -1.67 25.44
N TYR A 1208 -31.69 -0.77 24.59
CA TYR A 1208 -32.85 0.03 24.91
C TYR A 1208 -34.08 -0.28 24.06
N ASN A 1209 -33.92 -0.80 22.84
CA ASN A 1209 -35.04 -1.38 22.12
C ASN A 1209 -35.09 -2.89 22.24
N ASP A 1210 -34.41 -3.43 23.26
CA ASP A 1210 -34.41 -4.85 23.64
C ASP A 1210 -33.90 -5.74 22.51
N PHE A 1211 -32.86 -5.26 21.83
CA PHE A 1211 -32.11 -5.98 20.80
C PHE A 1211 -32.99 -6.40 19.63
N ASP A 1212 -34.00 -5.59 19.32
CA ASP A 1212 -35.02 -6.03 18.38
C ASP A 1212 -34.67 -5.67 16.95
N GLY A 1213 -33.98 -4.56 16.72
CA GLY A 1213 -33.48 -4.31 15.38
C GLY A 1213 -33.93 -3.03 14.71
N SER A 1214 -34.18 -1.99 15.49
CA SER A 1214 -34.47 -0.68 14.93
C SER A 1214 -33.15 0.08 14.78
N TYR A 1215 -32.89 0.57 13.57
CA TYR A 1215 -31.64 1.26 13.30
C TYR A 1215 -31.62 2.63 13.97
N LEU A 1216 -30.51 2.94 14.64
CA LEU A 1216 -30.37 4.25 15.25
C LEU A 1216 -30.12 5.32 14.19
N TYR A 1217 -29.44 4.99 13.11
CA TYR A 1217 -28.99 5.99 12.15
C TYR A 1217 -29.89 6.00 10.91
N GLU A 1218 -30.04 7.18 10.33
CA GLU A 1218 -30.99 7.38 9.23
C GLU A 1218 -30.33 7.09 7.89
N TYR A 1219 -30.10 5.80 7.62
CA TYR A 1219 -30.14 5.22 6.27
C TYR A 1219 -29.12 5.75 5.25
N THR A 1220 -28.49 6.90 5.54
CA THR A 1220 -27.49 7.56 4.73
C THR A 1220 -26.35 8.09 5.57
N TYR A 1221 -26.53 8.16 6.90
CA TYR A 1221 -25.39 8.28 7.80
C TYR A 1221 -24.65 6.97 7.92
N MET A 1222 -25.26 5.87 7.50
CA MET A 1222 -24.57 4.59 7.41
C MET A 1222 -23.88 4.42 6.06
N MET A 1223 -24.48 4.99 4.99
CA MET A 1223 -23.85 4.94 3.68
C MET A 1223 -22.62 5.83 3.63
N PHE A 1224 -22.70 7.02 4.21
CA PHE A 1224 -21.75 8.09 3.94
C PHE A 1224 -20.77 8.35 5.08
N TYR A 1225 -20.83 7.58 6.17
CA TYR A 1225 -19.87 7.76 7.26
C TYR A 1225 -18.47 7.37 6.80
N ASN A 1226 -18.28 6.09 6.49
CA ASN A 1226 -16.98 5.56 6.08
C ASN A 1226 -16.63 5.90 4.64
N LEU A 1227 -17.51 6.60 3.93
CA LEU A 1227 -17.31 6.94 2.54
C LEU A 1227 -17.05 8.42 2.31
N ALA A 1228 -17.78 9.31 2.96
CA ALA A 1228 -17.66 10.73 2.66
C ALA A 1228 -17.46 11.59 3.90
N PHE A 1229 -17.92 11.13 5.07
CA PHE A 1229 -17.83 11.96 6.27
C PHE A 1229 -16.42 11.96 6.83
N THR A 1230 -15.94 10.79 7.26
CA THR A 1230 -14.66 10.69 7.95
C THR A 1230 -13.61 9.90 7.15
N SER A 1231 -13.82 9.75 5.84
CA SER A 1231 -12.95 8.89 5.04
C SER A 1231 -11.71 9.60 4.53
N LEU A 1232 -11.78 10.90 4.31
CA LEU A 1232 -10.64 11.65 3.79
C LEU A 1232 -9.47 11.93 4.75
N PRO A 1233 -9.66 12.29 6.04
CA PRO A 1233 -8.47 12.57 6.88
C PRO A 1233 -7.60 11.35 7.19
N VAL A 1234 -8.09 10.12 7.02
CA VAL A 1234 -7.17 8.99 7.13
C VAL A 1234 -6.46 8.73 5.80
N ILE A 1235 -6.99 9.26 4.70
CA ILE A 1235 -6.27 9.18 3.42
C ILE A 1235 -5.15 10.21 3.39
N PHE A 1236 -5.37 11.40 3.94
CA PHE A 1236 -4.34 12.43 3.94
C PHE A 1236 -3.39 12.31 5.11
N LEU A 1237 -3.60 11.38 6.03
CA LEU A 1237 -2.56 11.01 6.97
C LEU A 1237 -1.69 9.91 6.39
N GLY A 1238 -2.23 9.07 5.52
CA GLY A 1238 -1.41 8.08 4.86
C GLY A 1238 -0.54 8.63 3.77
N ILE A 1239 -0.86 9.80 3.25
CA ILE A 1239 -0.22 10.36 2.06
C ILE A 1239 0.69 11.53 2.41
N LEU A 1240 0.22 12.47 3.24
CA LEU A 1240 0.92 13.72 3.44
C LEU A 1240 1.35 13.96 4.89
N ASP A 1241 1.52 12.91 5.68
CA ASP A 1241 2.06 13.06 7.02
C ASP A 1241 3.55 12.78 7.00
N GLN A 1242 4.32 13.69 7.58
CA GLN A 1242 5.76 13.52 7.71
C GLN A 1242 6.18 13.97 9.09
N ASP A 1243 6.95 13.13 9.78
CA ASP A 1243 7.28 13.39 11.18
C ASP A 1243 8.31 14.50 11.30
N VAL A 1244 9.39 14.42 10.53
CA VAL A 1244 10.37 15.49 10.41
C VAL A 1244 10.58 15.80 8.94
N ASN A 1245 11.33 16.86 8.68
CA ASN A 1245 11.59 17.37 7.34
C ASN A 1245 12.43 16.36 6.54
N ASP A 1246 12.52 16.58 5.22
CA ASP A 1246 13.37 15.71 4.40
C ASP A 1246 14.84 15.98 4.61
N THR A 1247 15.20 17.15 5.14
CA THR A 1247 16.57 17.41 5.55
C THR A 1247 16.92 16.65 6.82
N ILE A 1248 16.03 16.70 7.81
CA ILE A 1248 16.30 16.13 9.12
C ILE A 1248 16.26 14.61 9.09
N SER A 1249 15.61 14.02 8.07
CA SER A 1249 15.65 12.58 7.91
C SER A 1249 17.03 12.09 7.49
N LEU A 1250 17.83 12.95 6.86
CA LEU A 1250 19.18 12.61 6.43
C LEU A 1250 20.24 13.10 7.38
N VAL A 1251 20.02 14.25 8.03
CA VAL A 1251 20.96 14.73 9.04
C VAL A 1251 20.94 13.83 10.26
N VAL A 1252 19.76 13.35 10.64
CA VAL A 1252 19.63 12.37 11.72
C VAL A 1252 19.13 11.07 11.09
N PRO A 1253 20.02 10.20 10.60
CA PRO A 1253 19.56 8.96 9.98
C PRO A 1253 19.06 7.95 10.96
N GLN A 1254 19.40 8.09 12.24
CA GLN A 1254 19.10 7.08 13.24
C GLN A 1254 17.64 7.07 13.66
N LEU A 1255 16.79 7.91 13.07
CA LEU A 1255 15.34 7.82 13.23
C LEU A 1255 14.75 6.68 12.41
N TYR A 1256 15.54 6.04 11.56
CA TYR A 1256 15.12 4.89 10.80
C TYR A 1256 15.13 3.62 11.63
N ARG A 1257 15.84 3.63 12.76
CA ARG A 1257 15.98 2.44 13.60
C ARG A 1257 14.71 2.06 14.35
N VAL A 1258 13.64 2.85 14.22
CA VAL A 1258 12.37 2.45 14.82
C VAL A 1258 11.69 1.39 13.97
N GLY A 1259 11.75 1.54 12.65
CA GLY A 1259 11.14 0.57 11.76
C GLY A 1259 11.90 -0.74 11.66
N ILE A 1260 13.22 -0.71 11.86
CA ILE A 1260 14.02 -1.92 11.91
C ILE A 1260 13.61 -2.79 13.09
N LEU A 1261 13.31 -2.17 14.23
CA LEU A 1261 12.96 -2.89 15.44
C LEU A 1261 11.49 -3.27 15.51
N ARG A 1262 10.68 -2.85 14.53
CA ARG A 1262 9.23 -3.08 14.46
C ARG A 1262 8.50 -2.56 15.70
N LYS A 1263 8.65 -1.26 15.95
CA LYS A 1263 7.97 -0.63 17.09
C LYS A 1263 6.79 0.24 16.70
N GLU A 1264 6.56 0.49 15.41
CA GLU A 1264 5.40 1.27 15.01
C GLU A 1264 4.22 0.43 14.58
N TRP A 1265 4.45 -0.78 14.07
CA TRP A 1265 3.36 -1.68 13.72
C TRP A 1265 3.56 -3.00 14.45
N ASN A 1266 2.94 -3.12 15.62
CA ASN A 1266 2.74 -4.39 16.29
C ASN A 1266 1.25 -4.58 16.54
N GLN A 1267 0.89 -5.75 17.03
CA GLN A 1267 -0.52 -6.04 17.28
C GLN A 1267 -0.98 -5.57 18.66
N ARG A 1268 -0.09 -5.02 19.47
CA ARG A 1268 -0.53 -4.40 20.73
C ARG A 1268 -1.10 -3.01 20.48
N LYS A 1269 -0.44 -2.21 19.64
CA LYS A 1269 -0.92 -0.88 19.26
C LYS A 1269 -2.29 -0.94 18.62
N PHE A 1270 -2.57 -2.00 17.86
CA PHE A 1270 -3.87 -2.14 17.20
C PHE A 1270 -5.00 -2.34 18.21
N LEU A 1271 -4.75 -3.05 19.31
CA LEU A 1271 -5.81 -3.31 20.27
C LEU A 1271 -6.10 -2.11 21.17
N TRP A 1272 -5.14 -1.19 21.32
CA TRP A 1272 -5.41 -0.01 22.14
C TRP A 1272 -6.28 1.00 21.41
N TYR A 1273 -6.22 1.02 20.07
CA TYR A 1273 -7.12 1.88 19.31
C TYR A 1273 -8.52 1.30 19.23
N MET A 1274 -8.68 -0.01 19.39
CA MET A 1274 -10.02 -0.57 19.49
C MET A 1274 -10.60 -0.37 20.89
N LEU A 1275 -9.73 -0.21 21.89
CA LEU A 1275 -10.25 0.10 23.21
C LEU A 1275 -10.49 1.60 23.35
N ASP A 1276 -9.76 2.41 22.57
CA ASP A 1276 -10.07 3.84 22.52
C ASP A 1276 -11.30 4.10 21.68
N GLY A 1277 -11.59 3.22 20.72
CA GLY A 1277 -12.82 3.36 19.95
C GLY A 1277 -14.03 2.78 20.66
N LEU A 1278 -13.80 1.93 21.67
CA LEU A 1278 -14.89 1.39 22.46
C LEU A 1278 -15.22 2.30 23.64
N TYR A 1279 -14.23 3.06 24.12
CA TYR A 1279 -14.51 4.08 25.11
C TYR A 1279 -15.32 5.22 24.52
N GLN A 1280 -14.91 5.70 23.35
CA GLN A 1280 -15.57 6.85 22.76
C GLN A 1280 -16.85 6.49 22.04
N SER A 1281 -17.24 5.21 22.04
CA SER A 1281 -18.57 4.85 21.57
C SER A 1281 -19.58 4.82 22.70
N ILE A 1282 -19.14 4.78 23.96
CA ILE A 1282 -20.08 5.00 25.04
C ILE A 1282 -20.15 6.48 25.37
N ILE A 1283 -19.19 7.28 24.90
CA ILE A 1283 -19.29 8.72 25.05
C ILE A 1283 -20.21 9.28 23.96
N CYS A 1284 -20.09 8.79 22.74
CA CYS A 1284 -20.91 9.31 21.66
C CYS A 1284 -22.35 8.83 21.71
N PHE A 1285 -22.63 7.75 22.45
CA PHE A 1285 -24.01 7.31 22.61
C PHE A 1285 -24.64 7.83 23.90
N PHE A 1286 -24.01 7.58 25.04
CA PHE A 1286 -24.66 7.84 26.32
C PHE A 1286 -24.58 9.28 26.76
N PHE A 1287 -23.92 10.15 26.03
CA PHE A 1287 -24.04 11.58 26.29
C PHE A 1287 -25.26 12.17 25.57
N PRO A 1288 -25.57 11.81 24.32
CA PRO A 1288 -26.93 12.11 23.83
C PRO A 1288 -28.03 11.34 24.53
N TYR A 1289 -27.74 10.18 25.12
CA TYR A 1289 -28.78 9.47 25.85
C TYR A 1289 -29.16 10.17 27.15
N LEU A 1290 -28.18 10.66 27.90
CA LEU A 1290 -28.49 11.23 29.20
C LEU A 1290 -29.15 12.60 29.10
N VAL A 1291 -29.09 13.26 27.94
CA VAL A 1291 -29.92 14.44 27.71
C VAL A 1291 -31.38 14.00 27.53
N TYR A 1292 -31.61 12.76 27.09
CA TYR A 1292 -32.94 12.18 26.94
C TYR A 1292 -33.24 11.07 27.95
N HIS A 1293 -32.57 11.06 29.11
CA HIS A 1293 -32.79 9.90 29.98
C HIS A 1293 -33.91 10.15 30.98
N LYS A 1294 -34.16 11.42 31.28
CA LYS A 1294 -35.45 11.82 31.81
C LYS A 1294 -36.48 12.01 30.70
N ASN A 1295 -36.01 11.93 29.44
CA ASN A 1295 -36.68 12.05 28.14
C ASN A 1295 -37.75 13.14 28.12
N MET A 1296 -37.42 14.30 28.63
CA MET A 1296 -38.25 15.47 28.40
C MET A 1296 -38.04 16.01 26.99
N ILE A 1297 -38.63 17.18 26.76
CA ILE A 1297 -38.20 18.02 25.66
C ILE A 1297 -36.72 18.37 25.84
N VAL A 1298 -35.99 18.40 24.73
CA VAL A 1298 -34.62 18.90 24.69
C VAL A 1298 -34.54 20.16 23.85
N THR A 1299 -35.68 20.70 23.45
CA THR A 1299 -35.77 21.88 22.60
C THR A 1299 -36.05 23.12 23.42
N SER A 1300 -35.73 24.27 22.82
CA SER A 1300 -36.05 25.54 23.47
C SER A 1300 -37.54 25.83 23.44
N ASN A 1301 -38.26 25.31 22.45
CA ASN A 1301 -39.65 25.64 22.23
C ASN A 1301 -40.63 24.53 22.57
N GLY A 1302 -40.15 23.40 23.08
CA GLY A 1302 -41.04 22.40 23.65
C GLY A 1302 -41.65 21.42 22.67
N LEU A 1303 -41.36 21.55 21.37
CA LEU A 1303 -42.05 20.75 20.38
C LEU A 1303 -41.56 19.31 20.31
N GLY A 1304 -40.36 19.04 20.82
CA GLY A 1304 -39.90 17.67 20.96
C GLY A 1304 -39.33 17.05 19.70
N LEU A 1305 -38.14 16.47 19.81
CA LEU A 1305 -37.51 15.71 18.72
C LEU A 1305 -36.87 14.47 19.35
N ASP A 1306 -37.63 13.38 19.37
CA ASP A 1306 -37.22 12.18 20.08
C ASP A 1306 -37.33 10.92 19.23
N HIS A 1307 -37.37 11.08 17.91
CA HIS A 1307 -37.34 9.94 17.01
C HIS A 1307 -35.94 9.31 17.02
N ARG A 1308 -35.85 8.07 16.53
CA ARG A 1308 -34.56 7.38 16.43
C ARG A 1308 -33.60 8.14 15.54
N TYR A 1309 -34.11 8.68 14.44
CA TYR A 1309 -33.30 9.34 13.45
C TYR A 1309 -32.82 10.71 13.89
N PHE A 1310 -33.33 11.22 15.02
CA PHE A 1310 -32.88 12.51 15.53
C PHE A 1310 -31.91 12.36 16.69
N VAL A 1311 -31.91 11.21 17.37
CA VAL A 1311 -30.85 10.92 18.32
C VAL A 1311 -29.59 10.54 17.58
N GLY A 1312 -29.72 9.88 16.43
CA GLY A 1312 -28.63 9.57 15.54
C GLY A 1312 -28.09 10.72 14.73
N VAL A 1313 -28.45 11.97 15.06
CA VAL A 1313 -27.76 13.15 14.60
C VAL A 1313 -26.93 13.77 15.72
N TYR A 1314 -27.42 13.68 16.95
CA TYR A 1314 -26.59 13.90 18.13
C TYR A 1314 -25.42 12.93 18.14
N VAL A 1315 -25.69 11.65 17.93
CA VAL A 1315 -24.65 10.61 18.03
C VAL A 1315 -23.67 10.68 16.87
N THR A 1316 -24.17 10.93 15.65
CA THR A 1316 -23.31 10.87 14.47
C THR A 1316 -22.39 12.07 14.40
N THR A 1317 -22.89 13.25 14.76
CA THR A 1317 -22.10 14.47 14.63
C THR A 1317 -20.93 14.50 15.60
N ILE A 1318 -21.17 14.16 16.88
CA ILE A 1318 -20.09 14.13 17.86
C ILE A 1318 -19.21 12.90 17.72
N ALA A 1319 -19.52 11.99 16.80
CA ALA A 1319 -18.62 10.92 16.40
C ALA A 1319 -17.81 11.30 15.17
N VAL A 1320 -18.39 12.09 14.27
CA VAL A 1320 -17.65 12.57 13.10
C VAL A 1320 -16.57 13.56 13.51
N ILE A 1321 -16.90 14.48 14.42
CA ILE A 1321 -15.94 15.50 14.82
C ILE A 1321 -14.85 14.89 15.70
N SER A 1322 -15.21 13.90 16.52
CA SER A 1322 -14.24 13.34 17.46
C SER A 1322 -13.38 12.23 16.88
N CYS A 1323 -13.59 11.84 15.62
CA CYS A 1323 -12.62 11.00 14.93
C CYS A 1323 -12.08 11.66 13.67
N ASN A 1324 -12.35 12.95 13.48
CA ASN A 1324 -11.63 13.77 12.52
C ASN A 1324 -10.65 14.70 13.21
N THR A 1325 -10.99 15.18 14.40
CA THR A 1325 -10.03 15.93 15.20
C THR A 1325 -9.16 15.02 16.04
N TYR A 1326 -9.46 13.72 16.08
CA TYR A 1326 -8.52 12.75 16.62
C TYR A 1326 -7.40 12.48 15.63
N VAL A 1327 -7.72 12.58 14.34
CA VAL A 1327 -6.70 12.46 13.30
C VAL A 1327 -5.76 13.65 13.32
N LEU A 1328 -6.30 14.86 13.50
CA LEU A 1328 -5.50 16.08 13.48
C LEU A 1328 -4.53 16.16 14.65
N LEU A 1329 -4.90 15.57 15.79
CA LEU A 1329 -4.02 15.59 16.95
C LEU A 1329 -2.98 14.47 16.93
N HIS A 1330 -3.15 13.46 16.08
CA HIS A 1330 -2.23 12.35 16.00
C HIS A 1330 -1.39 12.34 14.74
N GLN A 1331 -1.49 13.38 13.92
CA GLN A 1331 -0.54 13.57 12.85
C GLN A 1331 0.47 14.65 13.25
N TYR A 1332 1.67 14.54 12.72
CA TYR A 1332 2.58 15.66 12.66
C TYR A 1332 2.22 16.44 11.41
N ARG A 1333 2.94 17.55 11.16
CA ARG A 1333 2.87 18.33 9.92
C ARG A 1333 1.45 18.85 9.67
N TRP A 1334 1.02 19.76 10.56
CA TRP A 1334 -0.26 20.45 10.36
C TRP A 1334 -0.04 21.46 9.24
N ASP A 1335 -0.20 21.00 8.01
CA ASP A 1335 -0.08 21.89 6.87
C ASP A 1335 -1.43 22.52 6.57
N TRP A 1336 -1.54 23.23 5.46
CA TRP A 1336 -2.81 23.83 5.11
C TRP A 1336 -3.69 22.88 4.33
N PHE A 1337 -3.11 21.89 3.66
CA PHE A 1337 -3.88 21.05 2.76
C PHE A 1337 -4.62 19.94 3.51
N SER A 1338 -4.04 19.43 4.59
CA SER A 1338 -4.72 18.41 5.38
C SER A 1338 -5.67 19.05 6.38
N GLY A 1339 -5.28 20.19 6.98
CA GLY A 1339 -6.15 20.87 7.91
C GLY A 1339 -7.38 21.48 7.27
N LEU A 1340 -7.31 21.76 5.97
CA LEU A 1340 -8.50 22.24 5.27
C LEU A 1340 -9.44 21.09 4.94
N PHE A 1341 -8.90 19.91 4.62
CA PHE A 1341 -9.73 18.75 4.34
C PHE A 1341 -10.09 17.95 5.59
N ILE A 1342 -9.63 18.38 6.76
CA ILE A 1342 -10.26 17.94 8.00
C ILE A 1342 -11.42 18.87 8.35
N ALA A 1343 -11.25 20.17 8.06
CA ALA A 1343 -12.33 21.12 8.27
C ALA A 1343 -13.50 20.86 7.34
N LEU A 1344 -13.23 20.57 6.06
CA LEU A 1344 -14.30 20.27 5.13
C LEU A 1344 -14.89 18.88 5.31
N SER A 1345 -14.26 18.02 6.11
CA SER A 1345 -14.90 16.78 6.52
C SER A 1345 -15.65 16.94 7.83
N CYS A 1346 -15.28 17.93 8.64
CA CYS A 1346 -16.03 18.25 9.85
C CYS A 1346 -17.30 19.04 9.55
N LEU A 1347 -17.35 19.76 8.45
CA LEU A 1347 -18.55 20.53 8.11
C LEU A 1347 -19.36 19.88 6.99
N VAL A 1348 -18.99 18.69 6.53
CA VAL A 1348 -19.82 18.00 5.56
C VAL A 1348 -20.91 17.20 6.27
N VAL A 1349 -20.75 16.92 7.57
CA VAL A 1349 -21.83 16.29 8.31
C VAL A 1349 -22.92 17.31 8.61
N PHE A 1350 -22.54 18.58 8.77
CA PHE A 1350 -23.53 19.63 8.94
C PHE A 1350 -24.16 20.03 7.61
N ALA A 1351 -23.48 19.74 6.49
CA ALA A 1351 -23.97 20.18 5.19
C ALA A 1351 -24.85 19.13 4.53
N TRP A 1352 -24.53 17.85 4.70
CA TRP A 1352 -25.43 16.82 4.17
C TRP A 1352 -26.71 16.71 4.98
N THR A 1353 -26.65 17.05 6.27
CA THR A 1353 -27.87 17.13 7.06
C THR A 1353 -28.72 18.31 6.62
N GLY A 1354 -28.07 19.42 6.25
CA GLY A 1354 -28.83 20.59 5.83
C GLY A 1354 -29.43 20.45 4.45
N ILE A 1355 -28.93 19.52 3.64
CA ILE A 1355 -29.44 19.33 2.29
C ILE A 1355 -30.42 18.17 2.22
N TRP A 1356 -30.05 17.02 2.78
CA TRP A 1356 -30.93 15.86 2.70
C TRP A 1356 -32.14 15.99 3.63
N SER A 1357 -31.97 16.59 4.80
CA SER A 1357 -33.07 16.81 5.73
C SER A 1357 -33.62 18.21 5.60
N SER A 1358 -33.66 18.70 4.36
CA SER A 1358 -34.57 19.73 3.93
C SER A 1358 -35.25 19.34 2.63
N ALA A 1359 -34.76 18.29 1.98
CA ALA A 1359 -35.40 17.73 0.79
C ALA A 1359 -36.69 17.02 1.17
N ILE A 1360 -37.68 17.13 0.30
CA ILE A 1360 -39.01 16.60 0.56
C ILE A 1360 -39.03 15.07 0.54
N ALA A 1361 -38.06 14.43 -0.12
CA ALA A 1361 -38.08 12.99 -0.29
C ALA A 1361 -37.57 12.24 0.94
N SER A 1362 -36.93 12.92 1.88
CA SER A 1362 -36.43 12.28 3.08
C SER A 1362 -37.60 12.11 4.05
N ARG A 1363 -38.14 10.89 4.10
CA ARG A 1363 -39.33 10.62 4.90
C ARG A 1363 -38.97 10.53 6.39
N GLU A 1364 -39.79 11.21 7.21
CA GLU A 1364 -39.74 11.38 8.67
C GLU A 1364 -38.41 11.92 9.22
N PHE A 1365 -37.52 12.34 8.34
CA PHE A 1365 -36.26 13.00 8.69
C PHE A 1365 -36.26 14.22 7.77
N PHE A 1366 -36.99 15.25 8.17
CA PHE A 1366 -37.46 16.21 7.18
C PHE A 1366 -36.98 17.63 7.40
N LYS A 1367 -36.97 18.12 8.63
CA LYS A 1367 -36.32 19.40 8.91
C LYS A 1367 -35.32 19.23 10.03
N ALA A 1368 -34.62 18.09 10.04
CA ALA A 1368 -33.68 17.78 11.11
C ALA A 1368 -32.45 18.69 11.12
N ALA A 1369 -32.22 19.44 10.04
CA ALA A 1369 -31.28 20.55 10.12
C ALA A 1369 -31.78 21.62 11.08
N ALA A 1370 -32.92 22.23 10.77
CA ALA A 1370 -33.35 23.40 11.51
C ALA A 1370 -33.98 23.08 12.85
N ARG A 1371 -34.24 21.80 13.14
CA ARG A 1371 -34.79 21.41 14.43
C ARG A 1371 -33.70 21.05 15.43
N ILE A 1372 -32.68 20.32 14.98
CA ILE A 1372 -31.63 19.82 15.86
C ILE A 1372 -30.50 20.82 16.00
N TYR A 1373 -30.04 21.38 14.88
CA TYR A 1373 -28.91 22.29 14.92
C TYR A 1373 -29.29 23.62 15.55
N GLY A 1374 -30.54 24.04 15.39
CA GLY A 1374 -31.05 25.19 16.09
C GLY A 1374 -31.40 24.97 17.54
N ALA A 1375 -31.24 23.76 18.07
CA ALA A 1375 -31.53 23.46 19.46
C ALA A 1375 -30.29 23.72 20.31
N PRO A 1376 -30.42 24.48 21.41
CA PRO A 1376 -29.23 24.78 22.23
C PRO A 1376 -28.70 23.59 23.00
N SER A 1377 -29.44 22.49 23.08
CA SER A 1377 -28.92 21.30 23.76
C SER A 1377 -28.08 20.44 22.84
N PHE A 1378 -28.17 20.66 21.53
CA PHE A 1378 -27.21 20.02 20.62
C PHE A 1378 -25.84 20.62 20.79
N TRP A 1379 -25.77 21.96 20.86
CA TRP A 1379 -24.51 22.69 20.96
C TRP A 1379 -24.00 22.79 22.39
N ALA A 1380 -24.55 22.01 23.32
CA ALA A 1380 -24.00 21.89 24.65
C ALA A 1380 -23.57 20.47 24.98
N VAL A 1381 -24.15 19.49 24.30
CA VAL A 1381 -23.63 18.12 24.36
C VAL A 1381 -22.62 17.92 23.24
N PHE A 1382 -22.44 18.91 22.37
CA PHE A 1382 -21.41 18.81 21.34
C PHE A 1382 -20.03 19.09 21.93
N PHE A 1383 -19.90 20.19 22.68
CA PHE A 1383 -18.59 20.62 23.15
C PHE A 1383 -18.09 19.85 24.35
N VAL A 1384 -18.92 19.05 25.01
CA VAL A 1384 -18.47 18.27 26.15
C VAL A 1384 -18.30 16.80 25.80
N ALA A 1385 -18.91 16.32 24.72
CA ALA A 1385 -18.62 14.97 24.26
C ALA A 1385 -17.42 14.95 23.32
N VAL A 1386 -17.16 16.03 22.58
CA VAL A 1386 -15.93 16.12 21.81
C VAL A 1386 -14.73 16.25 22.75
N LEU A 1387 -14.93 16.85 23.93
CA LEU A 1387 -13.87 16.87 24.94
C LEU A 1387 -13.59 15.47 25.47
N PHE A 1388 -14.61 14.79 26.00
CA PHE A 1388 -14.42 13.51 26.67
C PHE A 1388 -13.99 12.38 25.75
N CYS A 1389 -14.24 12.50 24.45
CA CYS A 1389 -13.60 11.59 23.51
C CYS A 1389 -12.11 11.83 23.45
N LEU A 1390 -11.70 13.09 23.32
CA LEU A 1390 -10.30 13.45 23.13
C LEU A 1390 -9.54 13.59 24.44
N LEU A 1391 -10.19 13.49 25.58
CA LEU A 1391 -9.55 13.77 26.85
C LEU A 1391 -8.66 12.64 27.41
N PRO A 1392 -9.03 11.34 27.37
CA PRO A 1392 -8.07 10.34 27.87
C PRO A 1392 -6.84 10.18 26.99
N ARG A 1393 -6.92 10.50 25.71
CA ARG A 1393 -5.79 10.24 24.83
C ARG A 1393 -4.85 11.43 24.71
N PHE A 1394 -5.39 12.66 24.68
CA PHE A 1394 -4.52 13.82 24.66
C PHE A 1394 -3.83 14.02 26.00
N THR A 1395 -4.41 13.54 27.08
CA THR A 1395 -3.71 13.53 28.37
C THR A 1395 -2.62 12.46 28.38
N TYR A 1396 -2.91 11.30 27.80
CA TYR A 1396 -1.92 10.23 27.74
C TYR A 1396 -0.75 10.60 26.84
N ASP A 1397 -1.01 11.25 25.71
CA ASP A 1397 0.07 11.77 24.87
C ASP A 1397 0.86 12.83 25.60
N SER A 1398 0.19 13.64 26.43
CA SER A 1398 0.90 14.61 27.24
C SER A 1398 1.77 13.92 28.28
N PHE A 1399 1.29 12.82 28.86
CA PHE A 1399 2.14 12.06 29.77
C PHE A 1399 3.21 11.29 29.02
N GLN A 1400 2.97 10.96 27.75
CA GLN A 1400 3.91 10.12 27.02
C GLN A 1400 5.08 10.94 26.48
N LYS A 1401 4.83 12.11 25.91
CA LYS A 1401 5.94 12.85 25.31
C LYS A 1401 6.52 13.91 26.24
N PHE A 1402 6.15 13.91 27.52
CA PHE A 1402 6.92 14.67 28.50
C PHE A 1402 7.99 13.79 29.14
N PHE A 1403 7.57 12.63 29.66
CA PHE A 1403 8.38 11.85 30.58
C PHE A 1403 9.02 10.62 29.96
N TYR A 1404 8.42 10.06 28.90
CA TYR A 1404 8.99 8.91 28.19
C TYR A 1404 8.97 9.17 26.68
N PRO A 1405 9.69 10.20 26.20
CA PRO A 1405 9.51 10.60 24.81
C PRO A 1405 10.21 9.65 23.86
N THR A 1406 9.79 9.73 22.60
CA THR A 1406 10.40 8.94 21.55
C THR A 1406 11.67 9.65 21.09
N ASP A 1407 12.38 9.06 20.12
CA ASP A 1407 13.51 9.77 19.55
C ASP A 1407 13.03 10.79 18.52
N VAL A 1408 11.81 10.64 18.03
CA VAL A 1408 11.29 11.55 17.02
C VAL A 1408 10.53 12.72 17.65
N GLU A 1409 10.14 12.62 18.95
CA GLU A 1409 9.80 13.83 19.75
C GLU A 1409 11.02 14.68 20.08
N ILE A 1410 12.13 14.05 20.48
CA ILE A 1410 13.29 14.82 20.94
C ILE A 1410 13.98 15.52 19.77
N VAL A 1411 13.96 14.91 18.59
CA VAL A 1411 14.40 15.60 17.38
C VAL A 1411 13.45 16.77 17.06
N ARG A 1412 12.15 16.58 17.25
CA ARG A 1412 11.22 17.68 17.05
C ARG A 1412 11.28 18.71 18.17
N GLU A 1413 11.85 18.37 19.32
CA GLU A 1413 12.14 19.41 20.33
C GLU A 1413 13.29 20.29 19.87
N MET A 1414 14.38 19.67 19.42
CA MET A 1414 15.58 20.39 19.01
C MET A 1414 15.36 21.22 17.74
N TRP A 1415 14.38 20.86 16.93
CA TRP A 1415 14.17 21.55 15.66
C TRP A 1415 13.46 22.88 15.86
N GLN A 1416 12.65 23.02 16.92
CA GLN A 1416 12.12 24.34 17.25
C GLN A 1416 13.16 25.25 17.89
N HIS A 1417 14.16 24.69 18.57
CA HIS A 1417 15.21 25.48 19.19
C HIS A 1417 16.38 25.75 18.26
N GLY A 1418 16.18 25.62 16.95
CA GLY A 1418 17.15 26.04 15.96
C GLY A 1418 18.43 25.24 15.88
N HIS A 1419 18.35 23.93 16.10
CA HIS A 1419 19.52 23.08 15.86
C HIS A 1419 19.66 22.66 14.42
N PHE A 1420 18.58 22.74 13.64
CA PHE A 1420 18.59 22.33 12.24
C PHE A 1420 18.23 23.50 11.32
N ASP A 1421 18.50 24.72 11.76
CA ASP A 1421 18.12 25.91 11.00
C ASP A 1421 19.19 26.34 9.99
N HIS A 1422 20.42 25.90 10.16
CA HIS A 1422 21.49 26.25 9.23
C HIS A 1422 21.63 25.24 8.10
N TYR A 1423 20.91 24.13 8.15
CA TYR A 1423 20.84 23.23 7.01
C TYR A 1423 19.84 23.78 5.99
N PRO A 1424 20.21 23.87 4.72
CA PRO A 1424 19.30 24.45 3.72
C PRO A 1424 18.18 23.49 3.38
N PRO A 1425 17.05 24.00 2.87
CA PRO A 1425 16.01 23.11 2.37
C PRO A 1425 16.39 22.54 1.02
N GLY A 1426 15.96 21.30 0.77
CA GLY A 1426 16.43 20.59 -0.41
C GLY A 1426 17.85 20.13 -0.20
N TYR A 1427 18.06 19.25 0.78
CA TYR A 1427 19.37 18.90 1.27
C TYR A 1427 19.63 17.42 1.10
N ASP A 1428 20.87 17.09 0.75
CA ASP A 1428 21.36 15.71 0.73
C ASP A 1428 22.88 15.67 0.93
N PRO A 1429 23.37 14.93 1.94
CA PRO A 1429 24.82 14.77 2.07
C PRO A 1429 25.44 13.92 0.99
N THR A 1430 24.66 13.05 0.36
CA THR A 1430 25.16 12.20 -0.73
C THR A 1430 25.10 12.98 -2.05
N ASP A 1431 26.01 13.94 -2.16
CA ASP A 1431 26.15 14.75 -3.36
C ASP A 1431 27.55 15.34 -3.40
N PRO A 1432 28.25 15.25 -4.54
CA PRO A 1432 29.64 15.73 -4.59
C PRO A 1432 29.78 17.22 -4.84
N ASN A 1433 28.70 17.92 -5.18
CA ASN A 1433 28.78 19.32 -5.59
C ASN A 1433 28.20 20.28 -4.58
N ARG A 1434 27.16 19.88 -3.86
CA ARG A 1434 26.58 20.73 -2.83
C ARG A 1434 27.51 20.79 -1.62
N PRO A 1435 27.67 21.97 -0.98
CA PRO A 1435 28.61 22.08 0.15
C PRO A 1435 28.22 21.30 1.40
N LYS A 1436 29.08 21.38 2.42
CA LYS A 1436 29.04 20.45 3.54
C LYS A 1436 27.92 20.78 4.53
N VAL A 1437 28.00 21.98 5.13
CA VAL A 1437 27.22 22.48 6.29
C VAL A 1437 26.80 21.42 7.32
N ASN B 50 11.97 17.33 -21.99
CA ASN B 50 12.71 16.88 -20.82
C ASN B 50 11.78 16.06 -19.94
N ARG B 51 12.33 15.03 -19.29
CA ARG B 51 11.56 14.11 -18.46
C ARG B 51 11.75 14.42 -16.98
N ARG B 52 12.23 15.63 -16.68
CA ARG B 52 12.42 16.03 -15.29
C ARG B 52 11.07 16.30 -14.64
N PRO B 53 10.82 15.77 -13.45
CA PRO B 53 9.50 15.94 -12.82
C PRO B 53 9.26 17.37 -12.36
N LYS B 54 7.99 17.67 -12.12
CA LYS B 54 7.56 19.03 -11.84
C LYS B 54 7.83 19.40 -10.39
N GLU B 55 8.69 20.40 -10.18
CA GLU B 55 9.02 20.90 -8.85
C GLU B 55 8.09 22.07 -8.54
N ASP B 56 7.00 21.78 -7.82
CA ASP B 56 5.98 22.80 -7.57
C ASP B 56 5.59 22.89 -6.09
N ALA B 57 6.45 22.44 -5.19
CA ALA B 57 6.28 22.46 -3.73
C ALA B 57 5.05 21.70 -3.24
N PHE B 58 4.47 20.84 -4.07
CA PHE B 58 3.47 19.87 -3.66
C PHE B 58 3.91 18.45 -3.93
N THR B 59 4.43 18.20 -5.14
CA THR B 59 5.08 16.93 -5.42
C THR B 59 6.42 16.81 -4.70
N GLN B 60 7.03 17.92 -4.30
CA GLN B 60 8.18 17.92 -3.42
C GLN B 60 7.80 17.86 -1.94
N GLN B 61 6.49 17.84 -1.65
CA GLN B 61 5.93 17.77 -0.30
C GLN B 61 6.43 18.92 0.58
N ARG B 62 6.35 20.13 0.06
CA ARG B 62 6.83 21.29 0.81
C ARG B 62 5.69 22.28 1.04
N LEU B 63 4.54 21.76 1.46
CA LEU B 63 3.42 22.60 1.81
C LEU B 63 3.72 23.35 3.10
N ALA B 64 3.12 24.53 3.25
CA ALA B 64 3.37 25.36 4.42
C ALA B 64 2.69 24.76 5.63
N ALA B 65 3.44 24.60 6.73
CA ALA B 65 2.98 23.87 7.90
C ALA B 65 3.46 24.56 9.16
N ILE B 66 2.90 24.14 10.29
CA ILE B 66 3.25 24.75 11.57
C ILE B 66 3.96 23.80 12.52
N ASN B 67 3.82 22.47 12.35
CA ASN B 67 4.55 21.42 13.07
C ASN B 67 4.46 21.53 14.59
N PRO B 68 3.33 21.18 15.21
CA PRO B 68 3.15 21.45 16.64
C PRO B 68 3.99 20.50 17.50
N VAL B 69 4.66 21.07 18.49
CA VAL B 69 5.42 20.32 19.47
C VAL B 69 4.76 20.56 20.83
N LEU B 70 4.35 19.49 21.50
CA LEU B 70 3.59 19.60 22.73
C LEU B 70 4.55 19.57 23.92
N THR B 71 5.21 20.70 24.12
CA THR B 71 6.06 20.99 25.27
C THR B 71 5.20 21.55 26.41
N PRO B 72 5.58 21.34 27.69
CA PRO B 72 4.74 21.85 28.78
C PRO B 72 4.87 23.34 29.08
N ARG B 73 4.92 24.14 28.03
CA ARG B 73 4.60 25.55 28.07
C ARG B 73 3.44 25.85 27.14
N THR B 74 3.02 24.88 26.34
CA THR B 74 1.91 24.95 25.40
C THR B 74 0.63 24.33 25.96
N VAL B 75 0.70 23.06 26.40
CA VAL B 75 -0.51 22.35 26.78
C VAL B 75 -0.89 22.52 28.23
N LEU B 76 -0.02 23.07 29.06
CA LEU B 76 -0.41 23.42 30.41
C LEU B 76 -1.25 24.71 30.47
N PRO B 77 -1.00 25.75 29.64
CA PRO B 77 -2.06 26.75 29.47
C PRO B 77 -3.28 26.24 28.73
N LEU B 78 -3.15 25.18 27.93
CA LEU B 78 -4.31 24.64 27.24
C LEU B 78 -5.24 23.90 28.21
N TYR B 79 -4.71 23.43 29.33
CA TYR B 79 -5.55 22.68 30.27
C TYR B 79 -6.25 23.61 31.26
N LEU B 80 -5.55 24.66 31.69
CA LEU B 80 -6.22 25.63 32.58
C LEU B 80 -7.11 26.59 31.81
N LEU B 81 -7.12 26.53 30.47
CA LEU B 81 -8.08 27.32 29.71
C LEU B 81 -9.38 26.57 29.52
N ILE B 82 -9.31 25.26 29.23
CA ILE B 82 -10.50 24.43 29.13
C ILE B 82 -11.14 24.25 30.49
N ALA B 83 -10.34 24.31 31.56
CA ALA B 83 -10.88 24.20 32.91
C ALA B 83 -11.67 25.45 33.29
N VAL B 84 -11.16 26.64 32.98
CA VAL B 84 -11.88 27.85 33.35
C VAL B 84 -12.96 28.22 32.35
N VAL B 85 -13.16 27.42 31.31
CA VAL B 85 -14.36 27.55 30.49
C VAL B 85 -15.46 26.62 30.99
N PHE B 86 -15.15 25.34 31.16
CA PHE B 86 -16.19 24.36 31.45
C PHE B 86 -16.67 24.40 32.89
N VAL B 87 -15.88 24.96 33.82
CA VAL B 87 -16.40 25.18 35.16
C VAL B 87 -17.34 26.39 35.18
N ILE B 88 -17.02 27.42 34.39
CA ILE B 88 -17.84 28.64 34.38
C ILE B 88 -19.11 28.43 33.56
N VAL B 89 -19.02 27.70 32.45
CA VAL B 89 -20.21 27.34 31.70
C VAL B 89 -21.07 26.35 32.50
N GLY B 90 -20.43 25.45 33.25
CA GLY B 90 -21.18 24.53 34.08
C GLY B 90 -21.83 25.18 35.27
N GLY B 91 -21.32 26.32 35.71
CA GLY B 91 -22.03 27.11 36.70
C GLY B 91 -23.17 27.90 36.11
N CYS B 92 -23.05 28.28 34.83
CA CYS B 92 -24.10 29.05 34.18
C CYS B 92 -25.19 28.17 33.58
N ILE B 93 -24.97 26.84 33.55
CA ILE B 93 -26.05 25.95 33.16
C ILE B 93 -26.85 25.53 34.38
N LEU B 94 -26.17 25.13 35.47
CA LEU B 94 -26.88 24.70 36.67
C LEU B 94 -27.55 25.85 37.40
N ALA B 95 -27.14 27.09 37.17
CA ALA B 95 -27.93 28.21 37.68
C ALA B 95 -29.21 28.37 36.88
N GLN B 96 -29.16 28.08 35.58
CA GLN B 96 -30.36 28.09 34.75
C GLN B 96 -31.22 26.86 34.98
N ASN B 97 -30.59 25.69 35.10
CA ASN B 97 -31.31 24.42 35.16
C ASN B 97 -31.72 24.05 36.57
N SER B 98 -31.58 24.98 37.52
CA SER B 98 -32.17 24.81 38.84
C SER B 98 -33.39 25.68 39.03
N LYS B 99 -33.63 26.64 38.15
CA LYS B 99 -34.78 27.52 38.18
C LYS B 99 -35.97 26.96 37.41
N VAL B 100 -35.83 25.78 36.80
CA VAL B 100 -36.89 25.20 35.99
C VAL B 100 -37.81 24.40 36.90
N ASP B 101 -39.10 24.73 36.87
CA ASP B 101 -40.11 24.02 37.63
C ASP B 101 -40.95 23.15 36.70
N GLU B 102 -41.56 22.12 37.30
CA GLU B 102 -42.27 21.11 36.54
C GLU B 102 -43.29 20.44 37.45
N VAL B 103 -44.26 19.76 36.84
CA VAL B 103 -45.27 18.98 37.55
C VAL B 103 -45.42 17.65 36.83
N THR B 104 -45.21 16.54 37.54
CA THR B 104 -45.44 15.22 36.99
C THR B 104 -46.44 14.48 37.86
N ILE B 105 -47.53 14.03 37.27
CA ILE B 105 -48.55 13.26 37.97
C ILE B 105 -48.89 12.04 37.11
N TYR B 106 -48.63 10.86 37.65
CA TYR B 106 -49.02 9.62 36.99
C TYR B 106 -50.43 9.24 37.43
N TYR B 107 -51.23 8.73 36.49
CA TYR B 107 -52.63 8.46 36.77
C TYR B 107 -53.10 7.15 36.16
N GLN B 108 -52.19 6.20 35.94
CA GLN B 108 -52.59 4.92 35.37
C GLN B 108 -53.42 4.10 36.35
N ASP B 109 -53.20 4.28 37.64
CA ASP B 109 -53.99 3.63 38.68
C ASP B 109 -55.06 4.58 39.20
N CYS B 110 -55.92 5.04 38.29
CA CYS B 110 -57.02 5.92 38.64
C CYS B 110 -58.37 5.23 38.56
N MET B 111 -58.53 4.26 37.67
CA MET B 111 -59.79 3.52 37.62
C MET B 111 -59.94 2.62 38.84
N THR B 112 -58.84 2.00 39.27
CA THR B 112 -58.90 0.99 40.32
C THR B 112 -58.67 1.58 41.71
N ASN B 113 -57.55 2.27 41.91
CA ASN B 113 -57.12 2.70 43.24
C ASN B 113 -57.57 4.11 43.58
N ALA B 114 -58.72 4.55 43.07
CA ALA B 114 -59.30 5.83 43.43
C ALA B 114 -60.75 5.66 43.85
N THR B 115 -61.22 6.58 44.68
CA THR B 115 -62.60 6.59 45.15
C THR B 115 -63.40 7.62 44.34
N SER B 116 -64.66 7.82 44.71
CA SER B 116 -65.50 8.82 44.09
C SER B 116 -65.51 10.14 44.86
N SER B 117 -64.66 10.27 45.86
CA SER B 117 -64.46 11.51 46.60
C SER B 117 -63.00 11.92 46.48
N TRP B 118 -62.71 13.17 46.81
CA TRP B 118 -61.38 13.73 46.66
C TRP B 118 -60.43 13.12 47.67
N SER B 119 -59.58 12.20 47.21
CA SER B 119 -58.58 11.55 48.04
C SER B 119 -57.19 11.86 47.50
N ASP B 120 -56.21 11.96 48.39
CA ASP B 120 -54.85 12.33 48.00
C ASP B 120 -54.19 11.21 47.22
N ILE B 121 -53.40 11.61 46.22
CA ILE B 121 -52.61 10.65 45.45
C ILE B 121 -51.49 10.13 46.33
N PRO B 122 -51.21 8.83 46.33
CA PRO B 122 -50.02 8.33 47.04
C PRO B 122 -48.74 8.82 46.36
N SER B 123 -47.66 8.86 47.15
CA SER B 123 -46.45 9.54 46.73
C SER B 123 -45.66 8.78 45.68
N GLU B 124 -46.05 7.56 45.33
CA GLU B 124 -45.35 6.82 44.29
C GLU B 124 -45.71 7.31 42.89
N HIS B 125 -46.76 8.11 42.74
CA HIS B 125 -47.19 8.60 41.44
C HIS B 125 -46.72 10.03 41.17
N TRP B 126 -47.10 10.98 42.01
CA TRP B 126 -46.80 12.37 41.74
C TRP B 126 -45.39 12.73 42.19
N GLN B 127 -44.73 13.59 41.41
CA GLN B 127 -43.55 14.31 41.87
C GLN B 127 -43.50 15.65 41.14
N PHE B 128 -43.29 16.73 41.88
CA PHE B 128 -43.11 18.02 41.26
C PHE B 128 -42.09 18.85 42.03
N VAL B 129 -41.37 19.69 41.27
CA VAL B 129 -40.21 20.42 41.76
C VAL B 129 -40.46 21.90 41.55
N PHE B 130 -40.40 22.68 42.64
CA PHE B 130 -40.48 24.12 42.59
C PHE B 130 -39.26 24.71 43.29
N HIS B 131 -38.56 25.62 42.61
CA HIS B 131 -37.28 26.09 43.14
C HIS B 131 -37.45 27.13 44.24
N LYS B 132 -38.51 27.94 44.18
CA LYS B 132 -38.76 28.91 45.24
C LYS B 132 -39.24 28.26 46.52
N TYR B 133 -39.80 27.05 46.43
CA TYR B 133 -40.34 26.33 47.59
C TYR B 133 -39.77 24.92 47.54
N LYS B 134 -38.61 24.73 48.15
CA LYS B 134 -37.93 23.43 48.08
C LYS B 134 -38.60 22.40 49.00
N THR B 135 -39.13 22.85 50.13
CA THR B 135 -39.89 21.98 51.03
C THR B 135 -41.37 22.28 50.80
N TYR B 136 -42.02 21.43 49.99
CA TYR B 136 -43.42 21.64 49.62
C TYR B 136 -44.06 20.28 49.48
N ASN B 137 -45.06 19.98 50.32
CA ASN B 137 -45.58 18.63 50.40
C ASN B 137 -47.11 18.61 50.50
N THR B 138 -47.78 19.56 49.86
CA THR B 138 -49.24 19.48 49.75
C THR B 138 -49.57 18.62 48.55
N ALA B 139 -49.97 17.38 48.80
CA ALA B 139 -50.11 16.40 47.74
C ALA B 139 -51.35 16.69 46.89
N PRO B 140 -51.30 16.47 45.59
CA PRO B 140 -52.50 16.59 44.77
C PRO B 140 -53.49 15.47 45.05
N GLN B 141 -54.74 15.73 44.73
CA GLN B 141 -55.82 14.81 45.03
C GLN B 141 -56.61 14.50 43.76
N TRP B 142 -56.92 13.22 43.54
CA TRP B 142 -57.76 12.85 42.42
C TRP B 142 -59.21 12.66 42.82
N ARG B 143 -60.03 12.38 41.81
CA ARG B 143 -61.42 11.99 41.99
C ARG B 143 -61.82 11.24 40.72
N PHE B 144 -62.02 9.94 40.82
CA PHE B 144 -62.55 9.17 39.71
C PHE B 144 -64.06 9.40 39.66
N VAL B 145 -64.58 9.82 38.50
CA VAL B 145 -65.95 10.29 38.40
C VAL B 145 -66.91 9.12 38.51
N ASP B 146 -66.86 8.21 37.52
CA ASP B 146 -67.71 7.02 37.52
C ASP B 146 -67.21 6.07 36.44
N ASP B 147 -67.51 4.79 36.65
CA ASP B 147 -67.71 3.90 35.52
C ASP B 147 -69.03 4.28 34.88
N GLU B 148 -68.99 4.95 33.72
CA GLU B 148 -70.19 5.55 33.17
C GLU B 148 -71.14 4.55 32.49
N SER B 149 -70.92 3.24 32.70
CA SER B 149 -71.87 2.13 32.60
C SER B 149 -72.18 1.70 31.17
N ASP B 150 -71.72 2.41 30.14
CA ASP B 150 -71.82 1.92 28.77
C ASP B 150 -70.51 2.22 28.03
N ASP B 151 -69.55 1.30 28.17
CA ASP B 151 -68.24 1.45 27.57
C ASP B 151 -67.56 0.08 27.41
N PHE B 152 -66.34 0.13 26.92
CA PHE B 152 -65.36 -0.95 26.98
C PHE B 152 -64.75 -0.97 28.38
N THR B 153 -65.06 -2.02 29.15
CA THR B 153 -64.77 -2.03 30.58
C THR B 153 -63.33 -2.40 30.93
N LYS B 154 -62.36 -1.70 30.35
CA LYS B 154 -61.00 -1.90 30.85
C LYS B 154 -60.35 -0.59 31.28
N GLN B 155 -60.54 0.49 30.52
CA GLN B 155 -60.41 1.85 31.07
C GLN B 155 -61.57 2.69 30.58
N ARG B 156 -62.24 3.36 31.51
CA ARG B 156 -63.41 4.17 31.20
C ARG B 156 -63.53 5.25 32.27
N GLY B 157 -64.32 6.27 31.96
CA GLY B 157 -64.64 7.30 32.94
C GLY B 157 -63.57 8.35 33.15
N THR B 158 -64.00 9.56 33.48
CA THR B 158 -63.09 10.69 33.62
C THR B 158 -62.31 10.60 34.92
N CYS B 159 -61.00 10.79 34.84
CA CYS B 159 -60.12 10.86 36.02
C CYS B 159 -59.83 12.33 36.29
N GLN B 160 -60.52 12.90 37.28
CA GLN B 160 -60.33 14.29 37.64
C GLN B 160 -59.17 14.41 38.60
N ILE B 161 -58.22 15.29 38.28
CA ILE B 161 -56.99 15.47 39.04
C ILE B 161 -56.88 16.94 39.44
N ARG B 162 -56.69 17.20 40.73
CA ARG B 162 -56.62 18.55 41.26
C ARG B 162 -55.30 18.72 41.99
N PHE B 163 -54.49 19.68 41.53
CA PHE B 163 -53.17 19.93 42.10
C PHE B 163 -53.05 21.41 42.47
N THR B 164 -51.89 21.78 42.99
CA THR B 164 -51.65 23.14 43.48
C THR B 164 -50.26 23.58 43.02
N THR B 165 -50.16 24.81 42.54
CA THR B 165 -48.92 25.35 42.00
C THR B 165 -48.55 26.63 42.75
N PRO B 166 -47.56 26.61 43.64
CA PRO B 166 -47.15 27.82 44.35
C PRO B 166 -46.08 28.63 43.62
N SER B 167 -46.29 28.89 42.33
CA SER B 167 -45.32 29.62 41.54
C SER B 167 -46.03 30.22 40.33
N ASP B 168 -45.26 30.71 39.37
CA ASP B 168 -45.78 31.28 38.14
C ASP B 168 -45.10 30.59 36.97
N MET B 169 -45.83 29.71 36.29
CA MET B 169 -45.33 29.06 35.09
C MET B 169 -45.39 30.10 33.97
N LYS B 170 -44.22 30.58 33.53
CA LYS B 170 -44.10 31.96 33.05
C LYS B 170 -44.88 32.35 31.80
N ASN B 171 -44.47 31.90 30.61
CA ASN B 171 -45.20 32.29 29.40
C ASN B 171 -45.67 31.08 28.60
N ASN B 172 -44.76 30.21 28.18
CA ASN B 172 -45.12 29.02 27.43
C ASN B 172 -45.29 27.90 28.45
N VAL B 173 -46.54 27.51 28.68
CA VAL B 173 -46.87 26.51 29.67
C VAL B 173 -47.23 25.25 28.90
N TYR B 174 -46.28 24.32 28.81
CA TYR B 174 -46.45 23.12 28.02
C TYR B 174 -47.11 22.06 28.87
N LEU B 175 -48.00 21.30 28.27
CA LEU B 175 -48.63 20.15 28.93
C LEU B 175 -48.34 18.93 28.07
N ASN B 176 -47.41 18.11 28.51
CA ASN B 176 -47.07 16.89 27.80
C ASN B 176 -47.96 15.76 28.28
N TYR B 177 -47.66 14.54 27.86
CA TYR B 177 -48.09 13.35 28.57
C TYR B 177 -46.94 12.36 28.55
N VAL B 178 -46.69 11.71 29.67
CA VAL B 178 -45.56 10.79 29.77
C VAL B 178 -46.10 9.37 29.73
N LEU B 179 -45.32 8.45 29.15
CA LEU B 179 -45.73 7.07 28.96
C LEU B 179 -44.53 6.19 29.22
N GLU B 180 -44.53 5.43 30.32
CA GLU B 180 -43.42 4.56 30.63
C GLU B 180 -43.78 3.11 30.34
N LYS B 181 -42.74 2.33 30.02
CA LYS B 181 -42.81 0.89 29.72
C LYS B 181 -43.72 0.58 28.53
N PHE B 182 -43.92 1.55 27.65
CA PHE B 182 -44.55 1.33 26.35
C PHE B 182 -43.44 1.31 25.30
N ALA B 183 -43.34 0.20 24.56
CA ALA B 183 -42.24 -0.01 23.62
C ALA B 183 -42.68 0.47 22.24
N ALA B 184 -42.26 1.67 21.87
CA ALA B 184 -42.52 2.22 20.55
C ALA B 184 -41.23 2.33 19.73
N ASN B 185 -40.27 1.45 20.01
CA ASN B 185 -39.01 1.42 19.27
C ASN B 185 -38.64 0.01 18.83
N HIS B 186 -39.61 -0.90 18.76
CA HIS B 186 -39.34 -2.25 18.28
C HIS B 186 -39.14 -2.24 16.76
N ARG B 187 -38.84 -3.41 16.20
CA ARG B 187 -38.43 -3.47 14.80
C ARG B 187 -39.61 -3.34 13.85
N ARG B 188 -40.64 -4.15 14.06
CA ARG B 188 -41.79 -4.15 13.17
C ARG B 188 -42.71 -2.97 13.41
N TYR B 189 -42.68 -2.39 14.62
CA TYR B 189 -43.55 -1.28 14.97
C TYR B 189 -43.18 -0.02 14.18
N VAL B 190 -41.92 0.42 14.27
CA VAL B 190 -41.53 1.70 13.70
C VAL B 190 -41.41 1.67 12.18
N LEU B 191 -41.58 0.52 11.55
CA LEU B 191 -41.53 0.40 10.10
C LEU B 191 -42.91 0.16 9.50
N SER B 192 -43.98 0.34 10.26
CA SER B 192 -45.33 0.07 9.76
C SER B 192 -46.10 1.39 9.69
N PHE B 193 -45.94 2.09 8.57
CA PHE B 193 -46.88 3.11 8.12
C PHE B 193 -46.70 3.24 6.62
N SER B 194 -47.46 4.17 6.02
CA SER B 194 -47.41 4.41 4.59
C SER B 194 -47.10 5.88 4.36
N GLU B 195 -45.94 6.15 3.78
CA GLU B 195 -45.52 7.53 3.58
C GLU B 195 -46.35 8.23 2.52
N ASP B 196 -46.85 7.47 1.53
CA ASP B 196 -47.74 8.04 0.54
C ASP B 196 -49.12 8.33 1.10
N GLN B 197 -49.51 7.72 2.21
CA GLN B 197 -50.74 8.07 2.89
C GLN B 197 -50.54 9.16 3.95
N ILE B 198 -49.35 9.26 4.52
CA ILE B 198 -48.98 10.42 5.31
C ILE B 198 -49.01 11.68 4.45
N ARG B 199 -48.43 11.59 3.25
CA ARG B 199 -48.47 12.66 2.27
C ARG B 199 -49.82 12.80 1.58
N GLY B 200 -50.77 11.92 1.86
CA GLY B 200 -52.12 12.05 1.35
C GLY B 200 -52.29 11.74 -0.12
N GLU B 201 -52.07 10.48 -0.49
CA GLU B 201 -52.33 10.01 -1.84
C GLU B 201 -53.33 8.86 -1.80
N ASP B 202 -53.90 8.55 -2.96
CA ASP B 202 -54.81 7.41 -3.11
C ASP B 202 -53.99 6.17 -3.49
N ALA B 203 -53.22 5.70 -2.52
CA ALA B 203 -52.42 4.51 -2.73
C ALA B 203 -53.31 3.28 -2.81
N SER B 204 -52.94 2.35 -3.69
CA SER B 204 -53.70 1.13 -3.88
C SER B 204 -53.39 0.14 -2.76
N TYR B 205 -53.93 -1.07 -2.86
CA TYR B 205 -53.53 -2.10 -1.92
C TYR B 205 -52.09 -2.52 -2.13
N GLU B 206 -51.66 -2.62 -3.39
CA GLU B 206 -50.31 -3.03 -3.74
C GLU B 206 -49.32 -1.87 -3.74
N THR B 207 -49.62 -0.81 -3.01
CA THR B 207 -48.71 0.30 -2.81
C THR B 207 -48.44 0.56 -1.34
N VAL B 208 -49.37 0.20 -0.46
CA VAL B 208 -49.14 0.29 0.99
C VAL B 208 -48.68 -1.03 1.59
N HIS B 209 -48.90 -2.16 0.91
CA HIS B 209 -48.64 -3.47 1.47
C HIS B 209 -47.21 -3.95 1.21
N ASP B 210 -46.76 -3.90 -0.05
CA ASP B 210 -45.48 -4.46 -0.44
C ASP B 210 -44.50 -3.39 -0.92
N ALA B 211 -44.58 -2.19 -0.35
CA ALA B 211 -43.52 -1.22 -0.57
C ALA B 211 -42.27 -1.65 0.20
N THR B 212 -41.12 -1.23 -0.31
CA THR B 212 -39.86 -1.64 0.31
C THR B 212 -39.54 -0.73 1.49
N GLY B 213 -39.01 -1.33 2.55
CA GLY B 213 -38.70 -0.54 3.73
C GLY B 213 -39.89 -0.41 4.66
N ILE B 214 -40.60 0.70 4.55
CA ILE B 214 -41.67 1.06 5.46
C ILE B 214 -42.99 0.78 4.77
N ASN B 215 -43.60 -0.36 5.10
CA ASN B 215 -44.93 -0.70 4.65
C ASN B 215 -45.78 -1.14 5.84
N CYS B 216 -47.09 -0.96 5.72
CA CYS B 216 -48.02 -1.39 6.75
C CYS B 216 -48.45 -2.83 6.46
N LYS B 217 -47.62 -3.77 6.92
CA LYS B 217 -47.75 -5.19 6.57
C LYS B 217 -48.85 -5.92 7.34
N PRO B 218 -48.99 -5.83 8.70
CA PRO B 218 -50.10 -6.56 9.33
C PRO B 218 -51.44 -5.88 9.13
N LEU B 219 -51.43 -4.57 8.92
CA LEU B 219 -52.63 -3.74 8.94
C LEU B 219 -52.74 -3.01 7.61
N SER B 220 -53.37 -3.64 6.63
CA SER B 220 -53.60 -3.00 5.35
C SER B 220 -55.00 -3.17 4.78
N LYS B 221 -55.76 -4.17 5.20
CA LYS B 221 -57.16 -4.31 4.81
C LYS B 221 -57.87 -5.14 5.88
N ASN B 222 -59.20 -4.97 5.98
CA ASN B 222 -59.89 -5.66 7.05
C ASN B 222 -60.53 -7.00 6.65
N ALA B 223 -61.59 -6.97 5.86
CA ALA B 223 -62.15 -8.20 5.29
C ALA B 223 -62.72 -7.93 3.90
N ASP B 224 -62.92 -6.65 3.58
CA ASP B 224 -63.85 -6.24 2.54
C ASP B 224 -63.17 -5.41 1.45
N GLY B 225 -61.84 -5.49 1.35
CA GLY B 225 -61.11 -4.70 0.39
C GLY B 225 -60.84 -3.28 0.80
N LYS B 226 -61.42 -2.81 1.91
CA LYS B 226 -61.20 -1.45 2.37
C LYS B 226 -59.81 -1.33 2.98
N ILE B 227 -58.99 -0.46 2.40
CA ILE B 227 -57.69 -0.16 2.97
C ILE B 227 -57.88 0.67 4.22
N TYR B 228 -57.20 0.29 5.30
CA TYR B 228 -57.16 1.14 6.48
C TYR B 228 -56.45 2.43 6.11
N TYR B 229 -57.11 3.59 6.29
CA TYR B 229 -56.51 4.83 5.81
C TYR B 229 -55.31 5.26 6.65
N PRO B 230 -55.37 5.35 8.00
CA PRO B 230 -54.09 5.36 8.70
C PRO B 230 -53.65 3.93 8.95
N CYS B 231 -52.70 3.42 8.17
CA CYS B 231 -52.36 2.02 8.26
C CYS B 231 -51.04 1.85 9.01
N GLY B 232 -50.91 0.70 9.65
CA GLY B 232 -49.71 0.37 10.40
C GLY B 232 -49.97 0.36 11.89
N LEU B 233 -49.00 -0.20 12.60
CA LEU B 233 -49.11 -0.36 14.04
C LEU B 233 -48.96 0.95 14.79
N ILE B 234 -48.41 1.98 14.15
CA ILE B 234 -48.19 3.24 14.85
C ILE B 234 -49.48 4.02 14.95
N ALA B 235 -50.19 4.17 13.83
CA ALA B 235 -51.44 4.91 13.81
C ALA B 235 -52.58 4.14 14.44
N ASN B 236 -52.50 2.81 14.44
CA ASN B 236 -53.53 1.98 15.07
C ASN B 236 -53.50 2.10 16.59
N SER B 237 -52.34 2.41 17.16
CA SER B 237 -52.12 2.26 18.59
C SER B 237 -51.80 3.60 19.26
N MET B 238 -52.56 4.63 18.91
CA MET B 238 -52.34 5.98 19.42
C MET B 238 -52.63 6.11 20.91
N PHE B 239 -52.49 7.35 21.38
CA PHE B 239 -52.94 7.74 22.72
C PHE B 239 -54.24 8.51 22.56
N ASN B 240 -55.32 8.03 23.16
CA ASN B 240 -56.61 8.70 22.95
C ASN B 240 -57.32 8.99 24.26
N ASP B 241 -56.59 9.42 25.29
CA ASP B 241 -57.25 10.08 26.39
C ASP B 241 -57.68 11.48 25.94
N THR B 242 -58.73 11.99 26.55
CA THR B 242 -59.28 13.29 26.18
C THR B 242 -58.76 14.31 27.19
N PHE B 243 -57.75 15.08 26.79
CA PHE B 243 -57.36 16.07 27.78
C PHE B 243 -58.22 17.31 27.64
N PRO B 244 -58.44 18.08 28.72
CA PRO B 244 -59.27 19.29 28.59
C PRO B 244 -58.53 20.39 27.86
N LEU B 245 -59.30 21.39 27.46
CA LEU B 245 -58.76 22.60 26.83
C LEU B 245 -58.74 23.78 27.79
N GLN B 246 -58.97 23.54 29.08
CA GLN B 246 -58.85 24.58 30.09
C GLN B 246 -58.59 23.93 31.43
N LEU B 247 -57.53 24.37 32.10
CA LEU B 247 -57.32 24.00 33.50
C LEU B 247 -58.37 24.68 34.34
N THR B 248 -59.25 23.90 34.95
CA THR B 248 -60.37 24.44 35.71
C THR B 248 -59.84 25.09 36.99
N ASN B 249 -59.93 26.42 37.05
CA ASN B 249 -59.42 27.19 38.18
C ASN B 249 -60.42 27.09 39.32
N VAL B 250 -60.33 25.98 40.05
CA VAL B 250 -61.19 25.79 41.21
C VAL B 250 -60.67 26.61 42.38
N GLY B 251 -61.56 26.87 43.32
CA GLY B 251 -61.17 27.58 44.54
C GLY B 251 -60.97 29.08 44.49
N ASP B 252 -60.20 29.57 43.52
CA ASP B 252 -59.76 30.96 43.58
C ASP B 252 -60.83 31.93 43.08
N THR B 253 -61.10 31.91 41.77
CA THR B 253 -61.92 32.94 41.16
C THR B 253 -62.87 32.46 40.06
N SER B 254 -62.73 31.22 39.58
CA SER B 254 -63.37 30.71 38.35
C SER B 254 -63.06 31.60 37.15
N ASN B 255 -61.78 31.99 37.04
CA ASN B 255 -61.21 32.53 35.81
C ASN B 255 -60.22 31.47 35.31
N ASN B 256 -60.62 30.75 34.28
CA ASN B 256 -59.98 29.53 33.84
C ASN B 256 -58.61 29.84 33.24
N TYR B 257 -57.80 28.80 33.05
CA TYR B 257 -56.55 28.92 32.31
C TYR B 257 -56.71 28.10 31.03
N SER B 258 -56.84 28.78 29.90
CA SER B 258 -57.19 28.13 28.64
C SER B 258 -55.96 27.50 28.01
N LEU B 259 -56.07 26.21 27.65
CA LEU B 259 -55.01 25.49 26.97
C LEU B 259 -55.45 25.15 25.55
N THR B 260 -54.64 25.52 24.57
CA THR B 260 -54.97 25.21 23.18
C THR B 260 -54.10 24.08 22.67
N ASN B 261 -54.63 23.37 21.66
CA ASN B 261 -53.91 22.28 21.02
C ASN B 261 -53.45 22.64 19.61
N LYS B 262 -53.20 23.92 19.37
CA LYS B 262 -52.69 24.39 18.09
C LYS B 262 -51.29 24.94 18.28
N GLY B 263 -50.46 24.75 17.25
CA GLY B 263 -49.05 24.98 17.43
C GLY B 263 -48.37 23.92 18.26
N ILE B 264 -49.00 22.76 18.40
CA ILE B 264 -48.52 21.72 19.31
C ILE B 264 -47.34 20.98 18.70
N ASN B 265 -47.13 21.12 17.39
CA ASN B 265 -46.05 20.48 16.67
C ASN B 265 -45.37 21.58 15.84
N TRP B 266 -44.34 21.19 15.08
CA TRP B 266 -43.63 22.14 14.24
C TRP B 266 -44.53 22.60 13.11
N GLU B 267 -44.47 23.90 12.79
CA GLU B 267 -45.30 24.41 11.70
C GLU B 267 -44.70 24.13 10.32
N SER B 268 -43.53 23.49 10.28
CA SER B 268 -42.97 22.97 9.04
C SER B 268 -43.34 21.52 8.79
N ASP B 269 -44.17 20.93 9.64
CA ASP B 269 -44.68 19.59 9.40
C ASP B 269 -45.85 19.56 8.43
N LYS B 270 -46.37 20.72 8.02
CA LYS B 270 -47.50 20.78 7.11
C LYS B 270 -47.06 20.78 5.65
N LYS B 271 -45.88 20.22 5.35
CA LYS B 271 -45.43 20.00 3.99
C LYS B 271 -45.32 18.52 3.64
N ARG B 272 -45.02 17.66 4.61
CA ARG B 272 -45.09 16.22 4.38
C ARG B 272 -46.39 15.61 4.89
N TYR B 273 -47.12 16.31 5.76
CA TYR B 273 -48.46 15.90 6.17
C TYR B 273 -49.47 16.69 5.35
N LYS B 274 -50.32 15.99 4.61
CA LYS B 274 -51.33 16.60 3.76
C LYS B 274 -52.66 15.90 3.98
N LYS B 275 -53.74 16.61 3.70
CA LYS B 275 -55.05 15.98 3.77
C LYS B 275 -55.25 15.05 2.59
N THR B 276 -56.05 14.02 2.79
CA THR B 276 -56.13 12.96 1.81
C THR B 276 -57.20 13.24 0.76
N LYS B 277 -57.26 12.36 -0.23
CA LYS B 277 -58.22 12.46 -1.32
C LYS B 277 -58.94 11.13 -1.57
N TYR B 278 -59.11 10.33 -0.52
CA TYR B 278 -59.86 9.09 -0.66
C TYR B 278 -61.36 9.38 -0.81
N ASN B 279 -62.11 8.31 -1.13
CA ASN B 279 -63.45 8.41 -1.68
C ASN B 279 -64.51 7.99 -0.67
N TYR B 280 -64.15 7.88 0.61
CA TYR B 280 -64.97 7.55 1.78
C TYR B 280 -65.76 6.25 1.68
N THR B 281 -65.49 5.43 0.66
CA THR B 281 -66.07 4.11 0.50
C THR B 281 -65.02 3.04 0.29
N GLN B 282 -63.76 3.43 0.07
CA GLN B 282 -62.65 2.51 -0.05
C GLN B 282 -61.74 2.53 1.16
N ILE B 283 -62.12 3.24 2.22
CA ILE B 283 -61.34 3.26 3.45
C ILE B 283 -62.22 2.90 4.63
N ALA B 284 -61.58 2.39 5.68
CA ALA B 284 -62.19 1.96 6.92
C ALA B 284 -61.20 2.29 8.03
N PRO B 285 -61.69 2.60 9.24
CA PRO B 285 -60.78 2.96 10.32
C PRO B 285 -59.98 1.76 10.77
N PRO B 286 -58.76 1.97 11.31
CA PRO B 286 -57.98 0.85 11.80
C PRO B 286 -58.63 0.22 13.02
N PRO B 287 -58.41 -1.08 13.26
CA PRO B 287 -59.28 -1.84 14.17
C PRO B 287 -59.29 -1.40 15.63
N TYR B 288 -58.37 -0.54 16.06
CA TYR B 288 -58.50 0.06 17.38
C TYR B 288 -59.13 1.44 17.34
N TRP B 289 -59.45 1.95 16.15
CA TRP B 289 -60.26 3.16 16.05
C TRP B 289 -61.74 2.82 15.98
N GLU B 290 -62.12 1.56 16.20
CA GLU B 290 -63.51 1.15 16.09
C GLU B 290 -64.28 1.37 17.40
N LYS B 291 -64.08 2.54 18.02
CA LYS B 291 -65.02 3.09 18.99
C LYS B 291 -65.12 4.60 18.77
N MET B 292 -64.37 5.12 17.80
CA MET B 292 -64.41 6.51 17.41
C MET B 292 -65.16 6.71 16.10
N TYR B 293 -65.21 5.70 15.25
CA TYR B 293 -66.02 5.68 14.04
C TYR B 293 -66.79 4.37 14.05
N PRO B 294 -67.89 4.29 14.81
CA PRO B 294 -68.55 3.00 14.99
C PRO B 294 -69.29 2.51 13.77
N ASP B 295 -69.63 3.38 12.83
CA ASP B 295 -70.25 2.96 11.58
C ASP B 295 -69.29 2.89 10.41
N GLY B 296 -68.15 3.58 10.49
CA GLY B 296 -67.23 3.66 9.38
C GLY B 296 -66.91 5.10 9.08
N TYR B 297 -66.40 5.39 7.89
CA TYR B 297 -66.17 6.76 7.46
C TYR B 297 -67.33 7.26 6.64
N ASN B 298 -67.88 8.41 7.04
CA ASN B 298 -68.96 9.06 6.30
C ASN B 298 -68.34 10.05 5.31
N GLU B 299 -69.16 10.92 4.73
CA GLU B 299 -68.65 11.94 3.81
C GLU B 299 -67.81 13.00 4.52
N THR B 300 -67.99 13.17 5.83
CA THR B 300 -67.44 14.32 6.54
C THR B 300 -66.34 13.97 7.54
N ASN B 301 -66.36 12.77 8.14
CA ASN B 301 -65.49 12.47 9.27
C ASN B 301 -64.13 11.92 8.87
N ILE B 302 -63.69 12.16 7.64
CA ILE B 302 -62.34 11.81 7.21
C ILE B 302 -61.36 12.69 7.98
N PRO B 303 -60.41 12.12 8.73
CA PRO B 303 -59.56 12.94 9.60
C PRO B 303 -58.56 13.75 8.79
N ASP B 304 -58.62 15.07 8.95
CA ASP B 304 -57.67 15.98 8.34
C ASP B 304 -56.37 15.88 9.13
N ILE B 305 -55.49 14.97 8.70
CA ILE B 305 -54.22 14.78 9.41
C ILE B 305 -53.19 15.83 9.04
N GLN B 306 -53.51 16.73 8.11
CA GLN B 306 -52.70 17.92 7.88
C GLN B 306 -52.88 18.93 9.01
N ASP B 307 -54.02 18.89 9.70
CA ASP B 307 -54.37 19.83 10.76
C ASP B 307 -54.46 19.19 12.12
N TRP B 308 -54.81 17.90 12.19
CA TRP B 308 -54.95 17.17 13.45
C TRP B 308 -53.55 16.80 13.95
N GLU B 309 -53.00 17.66 14.80
CA GLU B 309 -51.60 17.64 15.19
C GLU B 309 -51.29 16.78 16.40
N GLU B 310 -52.29 16.21 17.08
CA GLU B 310 -52.00 15.15 18.04
C GLU B 310 -51.58 13.88 17.32
N PHE B 311 -52.09 13.67 16.11
CA PHE B 311 -51.69 12.53 15.31
C PHE B 311 -50.28 12.71 14.76
N GLN B 312 -49.90 13.96 14.46
CA GLN B 312 -48.57 14.22 13.92
C GLN B 312 -47.49 14.03 14.97
N ASN B 313 -47.82 14.22 16.24
CA ASN B 313 -46.87 13.91 17.30
C ASN B 313 -46.71 12.41 17.47
N TRP B 314 -47.79 11.65 17.27
CA TRP B 314 -47.73 10.22 17.51
C TRP B 314 -47.01 9.48 16.40
N MET B 315 -47.02 10.01 15.19
CA MET B 315 -46.42 9.29 14.07
C MET B 315 -44.92 9.48 13.98
N ARG B 316 -44.29 10.19 14.91
CA ARG B 316 -42.87 9.99 15.11
C ARG B 316 -42.70 9.08 16.32
N PRO B 317 -42.34 7.81 16.12
CA PRO B 317 -42.15 6.91 17.26
C PRO B 317 -40.93 7.31 18.07
N GLY B 318 -41.13 7.51 19.37
CA GLY B 318 -40.04 7.88 20.24
C GLY B 318 -38.97 6.81 20.32
N ALA B 319 -37.74 7.24 20.60
CA ALA B 319 -36.60 6.35 20.41
C ALA B 319 -36.39 5.41 21.58
N PHE B 320 -36.75 5.82 22.78
CA PHE B 320 -36.50 5.02 23.97
C PHE B 320 -37.83 4.62 24.61
N ASP B 321 -37.75 3.96 25.77
CA ASP B 321 -38.92 3.39 26.43
C ASP B 321 -39.61 4.38 27.36
N LYS B 322 -39.42 5.67 27.14
CA LYS B 322 -40.19 6.72 27.80
C LYS B 322 -40.59 7.72 26.74
N ILE B 323 -41.85 8.11 26.74
CA ILE B 323 -42.44 8.89 25.65
C ILE B 323 -43.10 10.12 26.24
N THR B 324 -42.63 11.31 25.83
CA THR B 324 -43.26 12.56 26.22
C THR B 324 -43.59 13.35 24.96
N LYS B 325 -44.88 13.49 24.67
CA LYS B 325 -45.32 14.18 23.48
C LYS B 325 -46.18 15.37 23.88
N LEU B 326 -46.02 16.48 23.17
CA LEU B 326 -46.74 17.70 23.51
C LEU B 326 -48.19 17.57 23.07
N ILE B 327 -49.13 17.89 23.96
CA ILE B 327 -50.55 17.77 23.63
C ILE B 327 -51.37 19.01 24.02
N ARG B 328 -50.93 19.87 24.95
CA ARG B 328 -51.62 21.13 25.23
C ARG B 328 -50.58 22.23 25.40
N ILE B 329 -50.97 23.47 25.08
CA ILE B 329 -50.05 24.61 25.12
C ILE B 329 -50.86 25.88 25.37
N ASN B 330 -50.20 26.92 25.88
CA ASN B 330 -50.77 28.26 25.94
C ASN B 330 -49.61 29.26 25.82
N LYS B 331 -49.43 29.80 24.62
CA LYS B 331 -48.37 30.75 24.36
C LYS B 331 -48.73 32.17 24.74
N ASN B 332 -49.95 32.42 25.23
CA ASN B 332 -50.45 33.77 25.42
C ASN B 332 -50.23 34.27 26.85
N ASP B 333 -50.74 33.54 27.83
CA ASP B 333 -50.88 34.06 29.18
C ASP B 333 -49.81 33.50 30.11
N THR B 334 -49.94 33.87 31.38
CA THR B 334 -49.13 33.37 32.48
C THR B 334 -50.01 32.46 33.32
N LEU B 335 -49.46 31.37 33.83
CA LEU B 335 -50.15 30.49 34.77
C LEU B 335 -49.83 30.93 36.19
N PRO B 336 -50.73 31.64 36.86
CA PRO B 336 -50.41 32.18 38.19
C PRO B 336 -50.52 31.10 39.26
N ALA B 337 -50.26 31.50 40.49
CA ALA B 337 -50.33 30.58 41.62
C ALA B 337 -51.79 30.28 41.96
N GLY B 338 -52.09 29.01 42.17
CA GLY B 338 -53.44 28.62 42.53
C GLY B 338 -53.65 27.13 42.39
N GLU B 339 -54.83 26.71 42.83
CA GLU B 339 -55.23 25.30 42.83
C GLU B 339 -56.03 25.02 41.57
N TYR B 340 -55.46 24.23 40.67
CA TYR B 340 -56.07 23.94 39.38
C TYR B 340 -56.61 22.52 39.33
N GLN B 341 -57.34 22.23 38.26
CA GLN B 341 -57.93 20.91 38.06
C GLN B 341 -58.03 20.63 36.58
N LEU B 342 -57.37 19.58 36.12
CA LEU B 342 -57.60 19.04 34.79
C LEU B 342 -58.28 17.69 34.93
N ASP B 343 -59.14 17.37 33.96
CA ASP B 343 -59.99 16.18 34.04
C ASP B 343 -59.78 15.32 32.79
N ILE B 344 -59.04 14.22 32.96
CA ILE B 344 -58.67 13.35 31.86
C ILE B 344 -59.75 12.28 31.71
N GLY B 345 -60.33 12.18 30.52
CA GLY B 345 -61.23 11.10 30.21
C GLY B 345 -60.45 9.86 29.80
N LEU B 346 -60.46 8.84 30.64
CA LEU B 346 -59.62 7.66 30.43
C LEU B 346 -60.14 6.84 29.25
N HIS B 347 -59.28 6.58 28.27
CA HIS B 347 -59.61 5.67 27.18
C HIS B 347 -58.52 4.70 26.81
N TRP B 348 -57.28 4.89 27.24
CA TRP B 348 -56.15 4.15 26.67
C TRP B 348 -55.55 3.24 27.72
N PRO B 349 -55.64 1.91 27.58
CA PRO B 349 -55.27 1.03 28.69
C PRO B 349 -53.79 0.66 28.71
N VAL B 350 -53.21 0.67 29.90
CA VAL B 350 -51.81 0.33 30.09
C VAL B 350 -51.58 -0.77 31.12
N LEU B 351 -52.53 -1.10 31.98
CA LEU B 351 -52.25 -2.00 33.09
C LEU B 351 -52.18 -3.47 32.70
N GLU B 352 -52.48 -3.81 31.46
CA GLU B 352 -52.27 -5.18 31.01
C GLU B 352 -50.83 -5.47 30.62
N PHE B 353 -49.96 -4.45 30.61
CA PHE B 353 -48.51 -4.67 30.49
C PHE B 353 -47.74 -3.90 31.56
N ASN B 354 -48.42 -3.40 32.59
CA ASN B 354 -47.84 -2.63 33.70
C ASN B 354 -47.08 -1.41 33.19
N GLY B 355 -47.72 -0.63 32.33
CA GLY B 355 -47.18 0.62 31.85
C GLY B 355 -47.63 1.77 32.73
N LYS B 356 -47.31 2.98 32.28
CA LYS B 356 -47.68 4.18 33.02
C LYS B 356 -48.23 5.23 32.05
N LYS B 357 -49.13 6.05 32.56
CA LYS B 357 -49.63 7.22 31.86
C LYS B 357 -49.42 8.41 32.78
N GLY B 358 -49.25 9.59 32.19
CA GLY B 358 -48.96 10.71 33.06
C GLY B 358 -49.28 12.06 32.48
N ILE B 359 -48.99 13.07 33.28
CA ILE B 359 -49.20 14.48 33.01
C ILE B 359 -47.87 15.16 33.23
N TYR B 360 -47.48 16.07 32.35
CA TYR B 360 -46.22 16.77 32.53
C TYR B 360 -46.40 18.25 32.19
N LEU B 361 -46.59 19.07 33.23
CA LEU B 361 -46.90 20.48 33.10
C LEU B 361 -45.66 21.28 33.45
N THR B 362 -45.08 21.95 32.46
CA THR B 362 -43.86 22.70 32.72
C THR B 362 -43.78 23.91 31.81
N HIS B 363 -43.06 24.92 32.28
CA HIS B 363 -42.39 25.87 31.41
C HIS B 363 -41.00 25.32 31.17
N GLY B 364 -40.52 25.43 29.94
CA GLY B 364 -39.29 24.73 29.64
C GLY B 364 -38.04 25.47 30.01
N SER B 365 -37.08 25.50 29.09
CA SER B 365 -35.80 26.18 29.26
C SER B 365 -35.26 26.42 27.86
N HIS B 366 -33.97 26.75 27.79
CA HIS B 366 -33.31 26.76 26.49
C HIS B 366 -32.66 25.43 26.18
N LEU B 367 -32.29 24.67 27.21
CA LEU B 367 -31.71 23.35 27.04
C LEU B 367 -32.75 22.24 27.14
N GLY B 368 -34.03 22.59 27.21
CA GLY B 368 -35.08 21.60 27.31
C GLY B 368 -35.89 21.71 28.58
N GLY B 369 -35.85 20.68 29.41
CA GLY B 369 -36.53 20.69 30.70
C GLY B 369 -35.54 20.53 31.84
N ARG B 370 -36.02 20.19 33.03
CA ARG B 370 -35.16 20.09 34.20
C ARG B 370 -34.42 18.75 34.15
N ASN B 371 -33.34 18.72 33.38
CA ASN B 371 -32.44 17.58 33.34
C ASN B 371 -31.11 18.03 33.90
N PRO B 372 -30.76 17.67 35.14
CA PRO B 372 -29.54 18.21 35.76
C PRO B 372 -28.25 17.57 35.29
N PHE B 373 -28.28 16.70 34.27
CA PHE B 373 -27.06 16.07 33.77
C PHE B 373 -26.13 17.07 33.09
N LEU B 374 -26.68 17.88 32.19
CA LEU B 374 -25.89 18.66 31.24
C LEU B 374 -25.09 19.77 31.92
N GLY B 375 -25.39 20.10 33.18
CA GLY B 375 -24.61 21.07 33.90
C GLY B 375 -23.64 20.45 34.89
N ILE B 376 -23.87 19.19 35.25
CA ILE B 376 -22.91 18.47 36.09
C ILE B 376 -21.70 18.08 35.27
N VAL B 377 -21.92 17.71 34.01
CA VAL B 377 -20.86 17.11 33.22
C VAL B 377 -19.90 18.17 32.67
N TYR B 378 -20.31 19.44 32.64
CA TYR B 378 -19.34 20.50 32.42
C TYR B 378 -18.47 20.72 33.65
N LEU B 379 -19.02 20.51 34.84
CA LEU B 379 -18.20 20.61 36.04
C LEU B 379 -17.22 19.45 36.13
N ILE B 380 -17.63 18.28 35.67
CA ILE B 380 -16.74 17.12 35.67
C ILE B 380 -15.66 17.28 34.60
N GLY B 381 -16.05 17.77 33.42
CA GLY B 381 -15.08 18.05 32.37
C GLY B 381 -14.18 19.26 32.64
N GLY B 382 -14.46 20.03 33.68
CA GLY B 382 -13.58 21.11 34.06
C GLY B 382 -12.74 20.76 35.28
N CYS B 383 -13.22 19.80 36.07
CA CYS B 383 -12.41 19.32 37.19
C CYS B 383 -11.42 18.24 36.77
N ILE B 384 -11.75 17.46 35.74
CA ILE B 384 -10.78 16.50 35.22
C ILE B 384 -9.68 17.23 34.46
N CYS B 385 -10.03 18.25 33.68
CA CYS B 385 -9.03 19.06 33.00
C CYS B 385 -8.25 19.97 33.94
N ALA B 386 -8.64 20.05 35.22
CA ALA B 386 -7.82 20.67 36.24
C ALA B 386 -7.15 19.65 37.15
N ALA B 387 -7.64 18.42 37.18
CA ALA B 387 -6.91 17.35 37.83
C ALA B 387 -5.73 16.90 36.98
N MET B 388 -5.98 16.60 35.71
CA MET B 388 -4.96 16.18 34.75
C MET B 388 -4.05 17.31 34.30
N ALA B 389 -4.20 18.51 34.85
CA ALA B 389 -3.20 19.56 34.74
C ALA B 389 -2.36 19.71 35.99
N LEU B 390 -2.83 19.18 37.12
CA LEU B 390 -2.03 19.12 38.34
C LEU B 390 -1.27 17.82 38.48
N ILE B 391 -1.78 16.74 37.88
CA ILE B 391 -1.01 15.50 37.79
C ILE B 391 0.20 15.70 36.90
N LEU B 392 0.05 16.46 35.82
CA LEU B 392 1.14 16.71 34.88
C LEU B 392 1.91 17.98 35.20
N LEU B 393 1.85 18.47 36.44
CA LEU B 393 2.68 19.59 36.85
C LEU B 393 3.33 19.26 38.18
N THR B 394 2.74 18.34 38.93
CA THR B 394 3.41 17.78 40.09
C THR B 394 4.45 16.75 39.65
N PHE B 395 4.13 15.97 38.61
CA PHE B 395 5.10 15.05 38.04
C PHE B 395 6.21 15.79 37.29
N TRP B 396 5.91 16.96 36.74
CA TRP B 396 6.90 17.65 35.91
C TRP B 396 7.94 18.38 36.75
N LEU B 397 7.56 18.93 37.90
CA LEU B 397 8.54 19.56 38.76
C LEU B 397 9.34 18.52 39.53
N PHE B 398 8.69 17.46 39.98
CA PHE B 398 9.35 16.39 40.73
C PHE B 398 9.68 15.23 39.79
N GLY B 399 10.61 15.53 38.85
CA GLY B 399 10.65 14.95 37.50
C GLY B 399 11.10 15.98 36.50
N GLY B 400 10.83 15.72 35.24
CA GLY B 400 11.11 16.69 34.20
C GLY B 400 12.33 16.32 33.37
N ARG B 401 12.49 17.05 32.26
CA ARG B 401 13.60 16.83 31.34
C ARG B 401 14.20 18.16 30.94
N LYS B 402 15.44 18.11 30.48
CA LYS B 402 15.93 19.12 29.56
C LYS B 402 15.52 18.72 28.16
N ILE B 403 15.59 19.68 27.23
CA ILE B 403 14.70 19.60 26.07
C ILE B 403 15.53 19.39 24.80
N ALA B 404 16.69 18.76 24.96
CA ALA B 404 17.55 18.43 23.82
C ALA B 404 18.50 17.29 24.19
N ASP B 405 18.74 16.39 23.21
CA ASP B 405 19.85 15.43 23.21
C ASP B 405 19.77 14.41 24.35
N ALA B 406 18.59 13.83 24.55
CA ALA B 406 18.41 12.70 25.45
C ALA B 406 18.08 11.43 24.66
N SER B 407 18.54 11.36 23.43
CA SER B 407 18.16 10.29 22.51
C SER B 407 18.79 8.96 22.92
N SER B 408 18.11 7.87 22.52
CA SER B 408 18.71 6.54 22.55
C SER B 408 19.71 6.33 21.42
N LEU B 409 19.77 7.27 20.48
CA LEU B 409 20.69 7.19 19.35
C LEU B 409 22.13 7.35 19.84
N SER B 410 22.34 8.32 20.73
CA SER B 410 23.61 8.52 21.44
C SER B 410 23.78 7.57 22.62
N TRP B 411 22.76 6.79 22.96
CA TRP B 411 22.85 5.88 24.09
C TRP B 411 22.83 4.43 23.63
#